data_7SUL
#
_entry.id   7SUL
#
_cell.length_a   51.180
_cell.length_b   156.750
_cell.length_c   85.190
_cell.angle_alpha   90.000
_cell.angle_beta   99.480
_cell.angle_gamma   90.000
#
_symmetry.space_group_name_H-M   'P 1 21 1'
#
loop_
_entity.id
_entity.type
_entity.pdbx_description
1 polymer 'Protein transport protein Sec31A'
2 water water
#
_entity_poly.entity_id   1
_entity_poly.type   'polypeptide(L)'
_entity_poly.pdbx_seq_one_letter_code
;MHHHHHHSSGRENLYFQGMKLKEVDRTAMQAWSPAQNHPIYLATGTSAQQLDATFSTNASLEIFELDLSDPSLDMKSCAT
FSSSHRYHKLIWGPYKMDSKGDVSGVLIAGGENGNIILYDPSKIIAGDKEVVIAQNDKHTGPVRALDVNIFQTNLVASGA
NESEIYIWDLNNFATPMTPGAKTQPPEDISCIAWNRQVQHILASASPSGRATVWDLRKNEPIIKVSDHSNRMHCSGLAWH
PDVATQMVLASEDDRLPVIQMWDLRFASSPLRVLENHARGILAIAWSMADPELLLSCGKDAKILCSNPNTGEVLYELPTN
TQWCFDIQWCPRNPAVLSAASFDGRISVYSIMGGST
;
_entity_poly.pdbx_strand_id   A,B,C,D
#
# COMPACT_ATOMS: atom_id res chain seq x y z
N PHE A 16 3.29 -29.99 -17.97
CA PHE A 16 3.60 -31.25 -18.62
C PHE A 16 3.33 -32.47 -17.77
N GLN A 17 4.40 -33.11 -17.25
CA GLN A 17 4.35 -34.34 -16.45
C GLN A 17 4.06 -34.16 -14.95
N GLY A 18 3.31 -35.13 -14.40
CA GLY A 18 2.94 -35.20 -12.99
C GLY A 18 2.03 -34.09 -12.50
N MET A 19 1.94 -33.91 -11.16
CA MET A 19 1.06 -32.89 -10.59
C MET A 19 1.41 -32.46 -9.14
N LYS A 20 0.91 -31.28 -8.73
CA LYS A 20 1.03 -30.74 -7.39
C LYS A 20 0.07 -31.46 -6.47
N LEU A 21 0.60 -31.95 -5.32
CA LEU A 21 -0.18 -32.69 -4.31
C LEU A 21 -0.46 -31.82 -3.08
N LYS A 22 0.58 -31.13 -2.61
CA LYS A 22 0.55 -30.29 -1.42
C LYS A 22 1.24 -28.93 -1.63
N GLU A 23 0.84 -27.92 -0.84
CA GLU A 23 1.43 -26.57 -0.85
C GLU A 23 1.51 -26.08 0.63
N VAL A 24 2.68 -25.54 1.03
CA VAL A 24 2.94 -25.07 2.39
C VAL A 24 3.42 -23.64 2.24
N ASP A 25 2.69 -22.68 2.82
CA ASP A 25 3.06 -21.27 2.64
C ASP A 25 3.97 -20.81 3.77
N ARG A 26 5.27 -21.12 3.58
CA ARG A 26 6.39 -20.80 4.46
C ARG A 26 7.58 -20.48 3.59
N THR A 27 8.35 -19.45 3.97
CA THR A 27 9.60 -19.10 3.32
C THR A 27 10.61 -19.79 4.21
N ALA A 28 10.93 -21.05 3.86
CA ALA A 28 11.76 -21.88 4.73
C ALA A 28 12.65 -22.85 4.01
N MET A 29 13.71 -23.28 4.73
CA MET A 29 14.62 -24.36 4.37
C MET A 29 13.83 -25.67 4.71
N GLN A 30 13.96 -26.69 3.87
CA GLN A 30 13.23 -27.94 4.00
C GLN A 30 14.14 -29.14 4.12
N ALA A 31 13.60 -30.23 4.70
CA ALA A 31 14.27 -31.50 4.85
C ALA A 31 13.21 -32.58 4.97
N TRP A 32 13.30 -33.63 4.14
CA TRP A 32 12.37 -34.74 4.24
C TRP A 32 12.89 -35.69 5.37
N SER A 33 11.97 -36.45 6.01
CA SER A 33 12.40 -37.39 7.03
C SER A 33 13.18 -38.50 6.33
N PRO A 34 14.10 -39.22 7.02
CA PRO A 34 14.84 -40.30 6.33
C PRO A 34 13.93 -41.39 5.74
N ALA A 35 14.42 -42.13 4.72
CA ALA A 35 13.74 -43.19 3.96
C ALA A 35 12.97 -44.18 4.82
N GLN A 36 13.55 -44.70 5.92
CA GLN A 36 12.90 -45.69 6.79
C GLN A 36 11.81 -45.13 7.76
N ASN A 37 11.68 -43.82 7.89
CA ASN A 37 10.73 -43.27 8.85
C ASN A 37 9.26 -43.26 8.37
N HIS A 38 8.38 -43.66 9.28
CA HIS A 38 6.95 -43.61 9.04
C HIS A 38 6.26 -42.92 10.23
N PRO A 39 5.42 -41.88 9.99
CA PRO A 39 5.01 -41.31 8.69
C PRO A 39 6.11 -40.51 8.02
N ILE A 40 5.85 -40.09 6.76
CA ILE A 40 6.73 -39.21 6.00
C ILE A 40 6.54 -37.81 6.58
N TYR A 41 7.66 -37.16 6.95
CA TYR A 41 7.67 -35.81 7.52
C TYR A 41 8.49 -34.85 6.68
N LEU A 42 8.02 -33.60 6.65
CA LEU A 42 8.70 -32.52 5.99
C LEU A 42 8.97 -31.47 7.06
N ALA A 43 10.25 -31.29 7.41
CA ALA A 43 10.66 -30.27 8.38
C ALA A 43 10.98 -28.99 7.63
N THR A 44 10.50 -27.86 8.14
CA THR A 44 10.78 -26.57 7.53
C THR A 44 11.35 -25.64 8.59
N GLY A 45 12.41 -24.91 8.26
CA GLY A 45 13.07 -23.95 9.14
C GLY A 45 13.18 -22.61 8.43
N THR A 46 12.53 -21.57 8.97
CA THR A 46 12.49 -20.21 8.41
C THR A 46 13.85 -19.80 7.85
N SER A 47 13.87 -19.49 6.54
CA SER A 47 15.05 -19.11 5.76
C SER A 47 15.69 -17.80 6.21
N ALA A 48 17.03 -17.75 6.27
CA ALA A 48 17.77 -16.52 6.58
C ALA A 48 17.99 -15.68 5.27
N GLN A 49 18.57 -14.49 5.41
CA GLN A 49 18.89 -13.54 4.33
C GLN A 49 17.72 -13.40 3.29
N GLN A 50 16.56 -13.00 3.80
CA GLN A 50 15.33 -12.73 3.05
C GLN A 50 14.41 -11.99 3.99
N LEU A 51 13.59 -11.10 3.47
CA LEU A 51 12.59 -10.37 4.22
C LEU A 51 11.46 -10.11 3.25
N ASP A 52 10.22 -10.17 3.74
CA ASP A 52 9.01 -9.89 2.96
C ASP A 52 8.58 -8.50 3.38
N ALA A 53 7.47 -7.96 2.82
CA ALA A 53 7.00 -6.60 3.14
C ALA A 53 6.61 -6.42 4.65
N THR A 54 6.48 -7.53 5.44
CA THR A 54 6.20 -7.45 6.89
C THR A 54 7.49 -7.11 7.66
N PHE A 55 8.67 -7.41 7.03
CA PHE A 55 10.03 -7.17 7.54
C PHE A 55 10.27 -7.92 8.86
N SER A 56 9.57 -9.05 9.04
CA SER A 56 9.63 -9.92 10.20
C SER A 56 10.81 -10.88 10.09
N THR A 57 11.49 -11.11 11.22
CA THR A 57 12.65 -12.02 11.32
C THR A 57 12.26 -13.22 12.18
N ASN A 58 10.94 -13.34 12.48
CA ASN A 58 10.33 -14.42 13.23
C ASN A 58 10.65 -15.76 12.58
N ALA A 59 11.32 -16.60 13.36
CA ALA A 59 11.83 -17.90 13.00
C ALA A 59 11.12 -19.02 13.73
N SER A 60 10.79 -20.06 13.00
CA SER A 60 10.14 -21.24 13.54
C SER A 60 10.57 -22.44 12.78
N LEU A 61 10.62 -23.58 13.47
CA LEU A 61 10.94 -24.86 12.88
C LEU A 61 9.65 -25.66 12.98
N GLU A 62 9.03 -25.97 11.85
CA GLU A 62 7.78 -26.71 11.83
C GLU A 62 7.93 -28.03 11.16
N ILE A 63 7.11 -29.00 11.58
CA ILE A 63 7.14 -30.34 11.00
C ILE A 63 5.74 -30.68 10.51
N PHE A 64 5.65 -31.04 9.22
CA PHE A 64 4.39 -31.41 8.57
C PHE A 64 4.38 -32.89 8.19
N GLU A 65 3.21 -33.52 8.22
CA GLU A 65 3.12 -34.92 7.82
C GLU A 65 2.67 -35.00 6.36
N LEU A 66 3.24 -35.92 5.56
CA LEU A 66 2.80 -36.11 4.18
C LEU A 66 1.76 -37.22 4.14
N ASP A 67 0.47 -36.85 3.86
CA ASP A 67 -0.66 -37.77 3.72
C ASP A 67 -1.18 -37.69 2.30
N LEU A 68 -0.89 -38.73 1.51
CA LEU A 68 -1.29 -38.79 0.11
C LEU A 68 -2.72 -39.34 -0.07
N SER A 69 -3.31 -39.95 1.00
CA SER A 69 -4.68 -40.45 1.03
C SER A 69 -5.68 -39.26 1.03
N ASP A 70 -5.22 -38.08 1.48
CA ASP A 70 -5.98 -36.83 1.55
C ASP A 70 -5.73 -36.01 0.26
N PRO A 71 -6.79 -35.63 -0.52
CA PRO A 71 -6.53 -34.88 -1.76
C PRO A 71 -6.40 -33.36 -1.55
N SER A 72 -6.48 -32.87 -0.29
CA SER A 72 -6.33 -31.45 0.05
C SER A 72 -4.86 -31.05 -0.17
N LEU A 73 -4.63 -29.76 -0.53
CA LEU A 73 -3.29 -29.20 -0.76
C LEU A 73 -2.58 -28.94 0.56
N ASP A 74 -3.31 -28.99 1.67
CA ASP A 74 -2.78 -28.76 3.00
C ASP A 74 -2.16 -30.01 3.57
N MET A 75 -1.04 -29.86 4.26
CA MET A 75 -0.38 -30.94 4.97
C MET A 75 -0.72 -30.79 6.44
N LYS A 76 -0.81 -31.90 7.16
CA LYS A 76 -1.14 -31.83 8.57
C LYS A 76 0.07 -31.35 9.35
N SER A 77 -0.05 -30.18 10.02
CA SER A 77 1.02 -29.65 10.87
C SER A 77 1.01 -30.51 12.15
N CYS A 78 2.20 -30.95 12.58
CA CYS A 78 2.33 -31.87 13.71
C CYS A 78 2.95 -31.18 14.92
N ALA A 79 3.90 -30.27 14.67
CA ALA A 79 4.65 -29.58 15.70
C ALA A 79 5.25 -28.25 15.20
N THR A 80 5.48 -27.32 16.12
CA THR A 80 6.01 -25.98 15.88
C THR A 80 6.96 -25.64 17.01
N PHE A 81 8.16 -25.23 16.65
CA PHE A 81 9.15 -24.81 17.63
C PHE A 81 9.60 -23.36 17.28
N SER A 82 9.42 -22.44 18.22
CA SER A 82 9.75 -21.03 18.14
C SER A 82 11.25 -20.86 18.33
N SER A 83 11.93 -20.74 17.21
CA SER A 83 13.38 -20.65 17.10
C SER A 83 13.91 -19.22 17.31
N SER A 84 15.18 -19.14 17.76
CA SER A 84 15.89 -17.87 17.90
C SER A 84 16.83 -17.71 16.67
N HIS A 85 16.83 -18.72 15.75
CA HIS A 85 17.65 -18.71 14.53
C HIS A 85 16.85 -18.85 13.27
N ARG A 86 17.33 -18.19 12.21
CA ARG A 86 16.85 -18.31 10.84
C ARG A 86 17.91 -19.17 10.15
N TYR A 87 17.54 -19.95 9.12
CA TYR A 87 18.47 -20.94 8.61
C TYR A 87 18.92 -20.78 7.16
N HIS A 88 20.18 -21.24 6.90
CA HIS A 88 20.82 -21.24 5.60
C HIS A 88 20.85 -22.62 4.98
N LYS A 89 20.65 -23.64 5.83
CA LYS A 89 20.61 -25.04 5.44
C LYS A 89 19.82 -25.87 6.51
N LEU A 90 19.10 -26.90 6.06
CA LEU A 90 18.35 -27.79 6.95
C LEU A 90 18.37 -29.16 6.35
N ILE A 91 19.01 -30.10 7.05
CA ILE A 91 19.09 -31.48 6.61
C ILE A 91 18.62 -32.36 7.78
N TRP A 92 18.13 -33.56 7.44
CA TRP A 92 17.64 -34.59 8.33
C TRP A 92 18.44 -35.88 8.09
N GLY A 93 19.36 -36.17 9.01
CA GLY A 93 20.22 -37.33 8.97
C GLY A 93 19.55 -38.53 9.62
N PRO A 94 19.79 -39.77 9.12
CA PRO A 94 19.15 -40.96 9.71
C PRO A 94 19.69 -41.37 11.08
N TYR A 95 20.76 -40.74 11.63
CA TYR A 95 21.31 -41.18 12.92
C TYR A 95 21.28 -40.10 14.02
N LYS A 96 20.75 -40.48 15.19
CA LYS A 96 20.72 -39.69 16.44
C LYS A 96 21.39 -40.57 17.54
N MET A 97 22.29 -39.96 18.36
CA MET A 97 23.11 -40.57 19.44
C MET A 97 22.36 -41.56 20.36
N ASP A 98 21.07 -41.31 20.68
CA ASP A 98 20.31 -42.23 21.55
C ASP A 98 19.49 -43.24 20.74
N ASP A 102 10.83 -42.86 18.79
CA ASP A 102 9.58 -42.64 18.04
C ASP A 102 9.82 -42.21 16.58
N VAL A 103 10.65 -41.16 16.39
CA VAL A 103 11.01 -40.57 15.10
C VAL A 103 12.52 -40.73 14.93
N SER A 104 12.91 -41.28 13.79
CA SER A 104 14.29 -41.52 13.45
C SER A 104 15.04 -40.24 13.06
N GLY A 105 16.32 -40.25 13.37
CA GLY A 105 17.28 -39.23 12.96
C GLY A 105 17.40 -37.93 13.70
N VAL A 106 18.19 -37.05 13.09
CA VAL A 106 18.49 -35.76 13.68
C VAL A 106 18.36 -34.69 12.62
N LEU A 107 17.73 -33.57 13.02
CA LEU A 107 17.59 -32.40 12.19
C LEU A 107 18.82 -31.55 12.44
N ILE A 108 19.63 -31.32 11.41
CA ILE A 108 20.85 -30.51 11.52
C ILE A 108 20.60 -29.25 10.75
N ALA A 109 20.72 -28.12 11.43
CA ALA A 109 20.43 -26.81 10.85
C ALA A 109 21.63 -25.91 10.81
N GLY A 110 21.86 -25.32 9.63
CA GLY A 110 22.93 -24.36 9.38
C GLY A 110 22.36 -23.00 9.65
N GLY A 111 22.93 -22.30 10.62
CA GLY A 111 22.45 -20.98 11.00
C GLY A 111 23.28 -19.83 10.50
N GLU A 112 23.11 -18.68 11.14
CA GLU A 112 23.85 -17.46 10.85
C GLU A 112 24.93 -17.33 11.92
N ASN A 113 26.04 -16.60 11.62
CA ASN A 113 27.17 -16.34 12.53
C ASN A 113 27.85 -17.66 12.97
N GLY A 114 27.95 -18.59 12.03
CA GLY A 114 28.56 -19.89 12.20
C GLY A 114 27.82 -20.89 13.07
N ASN A 115 26.54 -20.62 13.36
CA ASN A 115 25.73 -21.49 14.20
C ASN A 115 25.37 -22.84 13.54
N ILE A 116 25.59 -23.94 14.28
CA ILE A 116 25.18 -25.31 13.93
C ILE A 116 24.35 -25.82 15.09
N ILE A 117 23.10 -26.17 14.82
CA ILE A 117 22.16 -26.62 15.83
C ILE A 117 21.70 -28.01 15.48
N LEU A 118 21.69 -28.90 16.46
CA LEU A 118 21.14 -30.23 16.30
C LEU A 118 19.80 -30.24 17.01
N TYR A 119 18.73 -30.66 16.32
CA TYR A 119 17.38 -30.76 16.88
C TYR A 119 16.92 -32.21 16.94
N ASP A 120 16.19 -32.54 18.00
CA ASP A 120 15.65 -33.88 18.18
C ASP A 120 14.23 -33.83 17.59
N PRO A 121 13.99 -34.36 16.36
CA PRO A 121 12.66 -34.23 15.75
C PRO A 121 11.56 -34.98 16.53
N SER A 122 11.88 -36.10 17.22
CA SER A 122 10.87 -36.83 18.02
C SER A 122 10.46 -36.03 19.25
N LYS A 123 11.36 -35.18 19.78
CA LYS A 123 11.07 -34.31 20.93
C LYS A 123 10.30 -33.09 20.43
N ILE A 124 10.48 -32.71 19.14
CA ILE A 124 9.71 -31.64 18.51
C ILE A 124 8.27 -32.17 18.29
N ILE A 125 8.11 -33.34 17.59
CA ILE A 125 6.83 -34.01 17.31
C ILE A 125 5.99 -34.15 18.61
N ALA A 126 6.60 -34.74 19.67
CA ALA A 126 6.02 -34.99 21.00
C ALA A 126 5.56 -33.70 21.70
N GLY A 127 6.24 -32.59 21.40
CA GLY A 127 5.94 -31.28 21.95
C GLY A 127 6.72 -30.90 23.20
N ASP A 128 7.92 -31.50 23.40
CA ASP A 128 8.81 -31.26 24.54
C ASP A 128 9.36 -29.81 24.56
N LYS A 129 9.89 -29.36 25.72
CA LYS A 129 10.43 -28.00 25.89
C LYS A 129 11.88 -27.93 25.38
N GLU A 130 12.71 -28.93 25.77
CA GLU A 130 14.10 -29.06 25.37
C GLU A 130 14.18 -29.92 24.10
N VAL A 131 14.34 -29.27 22.91
CA VAL A 131 14.40 -29.97 21.61
C VAL A 131 15.84 -29.91 21.02
N VAL A 132 16.68 -28.97 21.50
CA VAL A 132 18.05 -28.82 21.01
C VAL A 132 18.94 -29.87 21.67
N ILE A 133 19.56 -30.72 20.84
CA ILE A 133 20.47 -31.76 21.32
C ILE A 133 21.79 -31.08 21.71
N ALA A 134 22.38 -30.34 20.76
CA ALA A 134 23.64 -29.62 20.92
C ALA A 134 23.66 -28.41 19.98
N GLN A 135 24.58 -27.48 20.21
CA GLN A 135 24.74 -26.24 19.45
C GLN A 135 26.23 -25.88 19.40
N ASN A 136 26.64 -25.20 18.33
CA ASN A 136 28.02 -24.77 18.13
C ASN A 136 28.00 -23.47 17.29
N ASP A 137 29.06 -22.65 17.41
CA ASP A 137 29.21 -21.40 16.68
C ASP A 137 30.69 -21.18 16.25
N LYS A 138 31.46 -22.29 16.12
CA LYS A 138 32.88 -22.32 15.70
C LYS A 138 33.06 -21.78 14.28
N HIS A 139 32.06 -21.98 13.40
CA HIS A 139 32.14 -21.45 12.04
C HIS A 139 32.11 -19.90 12.00
N THR A 140 32.47 -19.34 10.86
CA THR A 140 32.43 -17.92 10.61
C THR A 140 31.44 -17.71 9.43
N GLY A 141 30.48 -16.83 9.63
CA GLY A 141 29.50 -16.49 8.63
C GLY A 141 28.43 -17.53 8.46
N PRO A 142 27.64 -17.47 7.36
CA PRO A 142 26.55 -18.43 7.18
C PRO A 142 27.03 -19.85 6.88
N VAL A 143 26.45 -20.85 7.60
CA VAL A 143 26.72 -22.29 7.43
C VAL A 143 25.75 -22.71 6.31
N ARG A 144 26.19 -22.55 5.05
CA ARG A 144 25.41 -22.76 3.83
C ARG A 144 25.43 -24.22 3.33
N ALA A 145 26.47 -25.00 3.68
CA ALA A 145 26.67 -26.36 3.23
C ALA A 145 26.69 -27.33 4.41
N LEU A 146 25.93 -28.40 4.30
CA LEU A 146 25.79 -29.47 5.28
C LEU A 146 25.53 -30.75 4.52
N ASP A 147 26.18 -31.87 4.91
CA ASP A 147 25.95 -33.19 4.31
C ASP A 147 26.29 -34.31 5.29
N VAL A 148 25.48 -35.38 5.27
CA VAL A 148 25.66 -36.58 6.10
C VAL A 148 26.21 -37.70 5.25
N ASN A 149 27.25 -38.37 5.74
CA ASN A 149 27.87 -39.50 5.05
C ASN A 149 26.89 -40.70 5.14
N ILE A 150 26.61 -41.41 4.01
CA ILE A 150 25.65 -42.55 3.98
C ILE A 150 26.26 -43.87 4.48
N PHE A 151 27.59 -43.96 4.59
CA PHE A 151 28.25 -45.16 5.10
C PHE A 151 28.54 -45.02 6.60
N GLN A 152 28.92 -43.81 7.03
CA GLN A 152 29.21 -43.44 8.41
C GLN A 152 28.26 -42.31 8.77
N THR A 153 26.97 -42.66 8.96
CA THR A 153 25.82 -41.77 9.23
C THR A 153 26.01 -40.87 10.45
N ASN A 154 27.08 -41.07 11.23
CA ASN A 154 27.44 -40.20 12.35
C ASN A 154 28.27 -38.98 11.87
N LEU A 155 28.90 -39.04 10.67
CA LEU A 155 29.72 -37.93 10.15
C LEU A 155 28.93 -36.90 9.36
N VAL A 156 29.12 -35.64 9.76
CA VAL A 156 28.50 -34.51 9.09
C VAL A 156 29.61 -33.58 8.61
N ALA A 157 29.55 -33.16 7.33
CA ALA A 157 30.50 -32.18 6.84
C ALA A 157 29.76 -30.84 6.71
N SER A 158 30.37 -29.79 7.24
CA SER A 158 29.79 -28.47 7.24
C SER A 158 30.72 -27.51 6.55
N GLY A 159 30.14 -26.46 5.97
CA GLY A 159 30.89 -25.43 5.25
C GLY A 159 30.35 -24.05 5.47
N ALA A 160 31.25 -23.07 5.58
CA ALA A 160 30.90 -21.66 5.78
C ALA A 160 31.92 -20.73 5.09
N ASN A 161 32.21 -19.56 5.66
CA ASN A 161 33.15 -18.60 5.05
C ASN A 161 34.60 -19.02 5.26
N GLU A 162 35.53 -18.37 4.56
CA GLU A 162 37.00 -18.51 4.63
C GLU A 162 37.51 -19.96 4.49
N SER A 163 36.89 -20.76 3.58
CA SER A 163 37.26 -22.16 3.25
C SER A 163 37.14 -23.11 4.46
N GLU A 164 36.25 -22.78 5.41
CA GLU A 164 36.04 -23.59 6.61
C GLU A 164 35.22 -24.80 6.26
N ILE A 165 35.83 -25.99 6.43
CA ILE A 165 35.19 -27.30 6.23
C ILE A 165 35.36 -28.09 7.52
N TYR A 166 34.26 -28.34 8.24
CA TYR A 166 34.35 -29.13 9.46
C TYR A 166 33.68 -30.46 9.28
N ILE A 167 34.18 -31.48 10.01
CA ILE A 167 33.62 -32.82 10.00
C ILE A 167 33.28 -33.14 11.45
N TRP A 168 31.99 -33.17 11.73
CA TRP A 168 31.48 -33.44 13.07
C TRP A 168 31.15 -34.92 13.23
N ASP A 169 31.48 -35.49 14.37
CA ASP A 169 31.12 -36.85 14.70
C ASP A 169 29.95 -36.69 15.67
N LEU A 170 28.78 -37.26 15.36
CA LEU A 170 27.61 -37.08 16.22
C LEU A 170 27.73 -37.87 17.56
N ASN A 171 28.77 -38.72 17.70
CA ASN A 171 29.09 -39.46 18.93
C ASN A 171 29.99 -38.61 19.85
N ASN A 172 30.57 -37.52 19.28
CA ASN A 172 31.42 -36.59 20.02
C ASN A 172 31.41 -35.25 19.29
N PHE A 173 30.23 -34.61 19.28
CA PHE A 173 29.91 -33.38 18.56
C PHE A 173 30.67 -32.11 19.05
N ALA A 174 31.27 -32.13 20.26
CA ALA A 174 31.95 -30.94 20.78
C ALA A 174 33.22 -30.59 19.99
N THR A 175 33.99 -31.59 19.54
CA THR A 175 35.24 -31.33 18.83
C THR A 175 35.15 -31.78 17.36
N PRO A 176 35.23 -30.84 16.38
CA PRO A 176 35.16 -31.25 14.96
C PRO A 176 36.54 -31.60 14.36
N MET A 177 36.56 -32.14 13.15
CA MET A 177 37.82 -32.38 12.46
C MET A 177 37.78 -31.62 11.11
N THR A 178 38.85 -31.71 10.31
CA THR A 178 38.97 -31.02 9.03
C THR A 178 39.36 -32.03 7.95
N PRO A 179 38.97 -31.84 6.67
CA PRO A 179 39.36 -32.85 5.65
C PRO A 179 40.79 -32.65 5.17
N GLY A 180 41.44 -31.59 5.68
CA GLY A 180 42.80 -31.16 5.37
C GLY A 180 43.01 -29.67 5.60
N ALA A 181 44.18 -29.13 5.16
CA ALA A 181 44.44 -27.70 5.32
C ALA A 181 43.63 -26.92 4.30
N LYS A 182 43.05 -25.78 4.76
CA LYS A 182 42.18 -24.86 4.02
C LYS A 182 42.77 -24.45 2.69
N THR A 183 41.96 -24.53 1.63
CA THR A 183 42.34 -24.13 0.27
C THR A 183 42.68 -22.63 0.25
N GLN A 184 43.79 -22.28 -0.43
CA GLN A 184 44.23 -20.88 -0.52
C GLN A 184 44.11 -20.37 -1.96
N PRO A 185 43.58 -19.15 -2.21
CA PRO A 185 43.03 -18.15 -1.28
C PRO A 185 41.69 -18.55 -0.63
N PRO A 186 41.33 -18.01 0.56
CA PRO A 186 40.07 -18.41 1.21
C PRO A 186 38.79 -17.86 0.57
N GLU A 187 37.95 -18.77 0.07
CA GLU A 187 36.64 -18.55 -0.56
C GLU A 187 35.58 -19.20 0.32
N ASP A 188 34.33 -18.72 0.22
CA ASP A 188 33.19 -19.30 0.93
C ASP A 188 32.88 -20.69 0.36
N ILE A 189 32.44 -21.61 1.24
CA ILE A 189 32.03 -22.94 0.83
C ILE A 189 30.53 -22.85 0.59
N SER A 190 30.10 -22.99 -0.68
CA SER A 190 28.69 -22.87 -1.00
C SER A 190 27.98 -24.23 -0.97
N CYS A 191 28.65 -25.32 -1.39
CA CYS A 191 28.08 -26.67 -1.36
C CYS A 191 29.10 -27.68 -0.85
N ILE A 192 28.60 -28.75 -0.21
CA ILE A 192 29.41 -29.86 0.28
C ILE A 192 28.64 -31.18 0.02
N ALA A 193 29.35 -32.24 -0.41
CA ALA A 193 28.73 -33.55 -0.68
C ALA A 193 29.72 -34.69 -0.51
N TRP A 194 29.36 -35.64 0.33
CA TRP A 194 30.07 -36.88 0.57
C TRP A 194 29.88 -37.78 -0.65
N ASN A 195 30.96 -38.46 -1.09
CA ASN A 195 30.88 -39.37 -2.23
C ASN A 195 29.88 -40.51 -1.93
N ARG A 196 29.05 -40.86 -2.91
CA ARG A 196 28.00 -41.86 -2.75
C ARG A 196 28.51 -43.30 -2.81
N GLN A 197 29.80 -43.52 -3.15
CA GLN A 197 30.35 -44.86 -3.29
C GLN A 197 31.59 -45.17 -2.44
N VAL A 198 32.45 -44.16 -2.15
CA VAL A 198 33.69 -44.32 -1.37
C VAL A 198 33.57 -43.38 -0.17
N GLN A 199 33.41 -43.94 1.03
CA GLN A 199 33.09 -43.25 2.30
C GLN A 199 34.08 -42.15 2.76
N HIS A 200 35.34 -42.16 2.34
CA HIS A 200 36.30 -41.16 2.83
C HIS A 200 36.55 -40.07 1.79
N ILE A 201 35.73 -40.02 0.74
CA ILE A 201 35.81 -39.01 -0.33
C ILE A 201 34.70 -37.98 -0.12
N LEU A 202 35.06 -36.70 -0.12
CA LEU A 202 34.16 -35.56 0.11
C LEU A 202 34.46 -34.50 -0.96
N ALA A 203 33.44 -33.78 -1.41
CA ALA A 203 33.67 -32.68 -2.38
C ALA A 203 33.13 -31.39 -1.84
N SER A 204 33.85 -30.32 -2.10
CA SER A 204 33.42 -28.98 -1.71
C SER A 204 33.45 -28.08 -2.93
N ALA A 205 32.51 -27.15 -3.01
CA ALA A 205 32.48 -26.20 -4.11
C ALA A 205 32.48 -24.78 -3.58
N SER A 206 33.05 -23.88 -4.35
CA SER A 206 33.11 -22.47 -3.98
C SER A 206 32.12 -21.69 -4.89
N PRO A 207 31.75 -20.41 -4.61
CA PRO A 207 30.81 -19.71 -5.51
C PRO A 207 31.32 -19.52 -6.94
N SER A 208 32.66 -19.61 -7.18
CA SER A 208 33.26 -19.45 -8.51
C SER A 208 33.22 -20.76 -9.36
N GLY A 209 32.67 -21.83 -8.79
CA GLY A 209 32.56 -23.13 -9.47
C GLY A 209 33.79 -24.02 -9.39
N ARG A 210 34.79 -23.66 -8.53
CA ARG A 210 35.98 -24.51 -8.36
C ARG A 210 35.62 -25.58 -7.34
N ALA A 211 35.58 -26.84 -7.80
CA ALA A 211 35.26 -27.97 -6.93
C ALA A 211 36.56 -28.63 -6.46
N THR A 212 36.64 -28.93 -5.15
CA THR A 212 37.77 -29.60 -4.48
C THR A 212 37.29 -30.97 -4.00
N VAL A 213 38.10 -32.00 -4.23
CA VAL A 213 37.80 -33.37 -3.81
C VAL A 213 38.82 -33.73 -2.76
N TRP A 214 38.36 -34.03 -1.55
CA TRP A 214 39.19 -34.34 -0.39
C TRP A 214 39.24 -35.84 -0.15
N ASP A 215 40.40 -36.37 0.23
CA ASP A 215 40.52 -37.78 0.60
C ASP A 215 40.84 -37.76 2.09
N LEU A 216 39.89 -38.19 2.90
CA LEU A 216 40.01 -38.17 4.36
C LEU A 216 41.05 -39.19 4.86
N ARG A 217 41.42 -40.19 4.03
CA ARG A 217 42.46 -41.18 4.36
C ARG A 217 43.83 -40.47 4.31
N LYS A 218 44.01 -39.56 3.33
CA LYS A 218 45.22 -38.79 3.09
C LYS A 218 45.20 -37.43 3.83
N ASN A 219 44.00 -36.98 4.28
CA ASN A 219 43.73 -35.71 4.98
C ASN A 219 44.18 -34.53 4.13
N GLU A 220 44.00 -34.62 2.79
CA GLU A 220 44.39 -33.55 1.88
C GLU A 220 43.63 -33.63 0.53
N PRO A 221 43.43 -32.47 -0.16
CA PRO A 221 42.78 -32.51 -1.48
C PRO A 221 43.52 -33.43 -2.46
N ILE A 222 42.76 -34.22 -3.23
CA ILE A 222 43.35 -35.16 -4.19
C ILE A 222 43.11 -34.67 -5.63
N ILE A 223 42.11 -33.80 -5.87
CA ILE A 223 41.81 -33.28 -7.20
C ILE A 223 40.96 -31.99 -7.09
N LYS A 224 41.23 -31.04 -8.01
CA LYS A 224 40.61 -29.73 -8.18
C LYS A 224 40.15 -29.60 -9.65
N VAL A 225 38.87 -29.33 -9.89
CA VAL A 225 38.34 -29.23 -11.24
C VAL A 225 37.40 -28.04 -11.36
N SER A 226 37.57 -27.28 -12.45
CA SER A 226 36.85 -26.07 -12.84
C SER A 226 37.01 -25.89 -14.36
N ASP A 227 35.91 -25.54 -15.07
CA ASP A 227 35.95 -25.33 -16.53
C ASP A 227 35.89 -23.85 -16.91
N HIS A 228 34.82 -23.10 -16.54
CA HIS A 228 34.70 -21.70 -16.91
C HIS A 228 35.39 -20.78 -15.89
N SER A 229 34.91 -20.82 -14.62
CA SER A 229 35.33 -20.01 -13.44
C SER A 229 34.98 -18.51 -13.65
N ASN A 230 35.44 -17.92 -14.77
CA ASN A 230 35.21 -16.53 -15.20
C ASN A 230 33.72 -16.16 -15.40
N ARG A 231 32.84 -17.19 -15.55
CA ARG A 231 31.41 -16.96 -15.81
C ARG A 231 30.51 -17.88 -14.98
N MET A 232 31.10 -18.71 -14.10
CA MET A 232 30.36 -19.67 -13.28
C MET A 232 29.97 -19.12 -11.92
N HIS A 233 28.73 -19.43 -11.51
CA HIS A 233 28.24 -19.08 -10.17
C HIS A 233 27.58 -20.34 -9.66
N CYS A 234 28.29 -21.08 -8.80
CA CYS A 234 27.85 -22.38 -8.31
C CYS A 234 26.59 -22.28 -7.43
N SER A 235 25.60 -23.09 -7.82
CA SER A 235 24.30 -23.23 -7.16
C SER A 235 23.96 -24.70 -6.81
N GLY A 236 24.92 -25.61 -7.00
CA GLY A 236 24.64 -27.02 -6.73
C GLY A 236 25.78 -27.96 -7.03
N LEU A 237 25.93 -28.97 -6.18
CA LEU A 237 26.92 -30.03 -6.27
C LEU A 237 26.27 -31.33 -5.84
N ALA A 238 26.39 -32.36 -6.69
CA ALA A 238 25.89 -33.68 -6.40
C ALA A 238 26.80 -34.73 -7.02
N TRP A 239 26.97 -35.86 -6.31
CA TRP A 239 27.69 -37.03 -6.76
C TRP A 239 26.70 -37.95 -7.42
N HIS A 240 27.18 -38.78 -8.35
CA HIS A 240 26.38 -39.78 -9.04
C HIS A 240 26.08 -40.87 -8.03
N PRO A 241 24.80 -41.24 -7.84
CA PRO A 241 24.49 -42.30 -6.86
C PRO A 241 25.20 -43.64 -7.10
N ASP A 242 25.57 -43.96 -8.37
CA ASP A 242 26.18 -45.26 -8.65
C ASP A 242 27.56 -45.23 -9.33
N VAL A 243 28.03 -44.07 -9.83
CA VAL A 243 29.37 -43.98 -10.45
C VAL A 243 30.21 -43.12 -9.51
N ALA A 244 31.23 -43.73 -8.87
CA ALA A 244 32.09 -43.11 -7.85
C ALA A 244 32.78 -41.82 -8.29
N THR A 245 33.30 -41.77 -9.54
CA THR A 245 34.06 -40.64 -10.07
C THR A 245 33.18 -39.63 -10.86
N GLN A 246 31.86 -39.78 -10.83
CA GLN A 246 31.03 -38.84 -11.56
C GLN A 246 30.25 -37.92 -10.62
N MET A 247 30.28 -36.63 -10.93
CA MET A 247 29.59 -35.59 -10.15
C MET A 247 29.15 -34.43 -11.06
N VAL A 248 28.10 -33.71 -10.63
CA VAL A 248 27.59 -32.56 -11.36
C VAL A 248 27.80 -31.26 -10.54
N LEU A 249 27.92 -30.15 -11.28
CA LEU A 249 28.08 -28.79 -10.76
C LEU A 249 27.08 -27.93 -11.51
N ALA A 250 26.15 -27.28 -10.79
CA ALA A 250 25.20 -26.35 -11.42
C ALA A 250 25.67 -24.89 -11.30
N SER A 251 25.30 -24.07 -12.29
CA SER A 251 25.59 -22.64 -12.36
C SER A 251 24.29 -21.81 -12.38
N GLU A 252 24.28 -20.73 -11.61
CA GLU A 252 23.18 -19.78 -11.41
C GLU A 252 23.37 -18.55 -12.34
N ASP A 253 24.61 -18.30 -12.74
CA ASP A 253 25.01 -17.19 -13.61
C ASP A 253 24.34 -17.32 -14.98
N ASP A 254 23.73 -16.22 -15.49
CA ASP A 254 23.07 -16.19 -16.79
C ASP A 254 24.08 -16.13 -17.95
N ARG A 255 25.36 -15.88 -17.64
CA ARG A 255 26.42 -15.86 -18.65
C ARG A 255 26.86 -17.28 -18.97
N LEU A 256 26.59 -18.21 -18.04
CA LEU A 256 26.90 -19.64 -18.18
C LEU A 256 25.80 -20.44 -17.44
N PRO A 257 24.57 -20.54 -18.03
CA PRO A 257 23.46 -21.23 -17.33
C PRO A 257 23.49 -22.73 -17.60
N VAL A 258 24.43 -23.44 -16.97
CA VAL A 258 24.62 -24.87 -17.23
C VAL A 258 24.79 -25.74 -16.00
N ILE A 259 24.67 -27.07 -16.24
CA ILE A 259 24.96 -28.16 -15.32
C ILE A 259 26.14 -28.89 -15.99
N GLN A 260 27.34 -28.82 -15.38
CA GLN A 260 28.57 -29.51 -15.87
C GLN A 260 28.58 -30.86 -15.22
N MET A 261 28.68 -31.89 -16.06
CA MET A 261 28.73 -33.31 -15.70
C MET A 261 30.20 -33.75 -15.76
N TRP A 262 30.85 -33.84 -14.61
CA TRP A 262 32.27 -34.24 -14.54
C TRP A 262 32.52 -35.72 -14.30
N ASP A 263 33.61 -36.25 -14.88
CA ASP A 263 34.12 -37.57 -14.60
C ASP A 263 35.53 -37.32 -14.13
N LEU A 264 35.79 -37.64 -12.87
CA LEU A 264 37.07 -37.37 -12.19
C LEU A 264 38.21 -38.17 -12.79
N ARG A 265 37.93 -39.19 -13.62
CA ARG A 265 38.97 -39.90 -14.38
C ARG A 265 39.58 -38.95 -15.45
N PHE A 266 38.77 -38.01 -16.00
CA PHE A 266 39.10 -36.98 -17.00
C PHE A 266 38.95 -35.54 -16.42
N ALA A 267 39.96 -35.05 -15.71
CA ALA A 267 39.96 -33.79 -14.95
C ALA A 267 40.01 -32.47 -15.77
N SER A 268 40.48 -32.51 -17.03
CA SER A 268 40.66 -31.28 -17.83
C SER A 268 39.35 -30.57 -18.16
N SER A 269 38.28 -31.32 -18.52
CA SER A 269 37.03 -30.69 -18.92
C SER A 269 35.82 -31.57 -18.56
N PRO A 270 34.58 -31.01 -18.39
CA PRO A 270 33.43 -31.86 -18.07
C PRO A 270 33.13 -32.82 -19.20
N LEU A 271 32.58 -34.00 -18.88
CA LEU A 271 32.19 -35.01 -19.85
C LEU A 271 31.11 -34.43 -20.79
N ARG A 272 30.11 -33.75 -20.22
CA ARG A 272 29.06 -33.08 -20.98
C ARG A 272 28.51 -31.90 -20.18
N VAL A 273 27.81 -31.02 -20.88
CA VAL A 273 27.23 -29.80 -20.32
C VAL A 273 25.73 -29.75 -20.69
N LEU A 274 24.87 -29.49 -19.68
CA LEU A 274 23.43 -29.40 -19.85
C LEU A 274 23.02 -27.95 -19.71
N GLU A 275 22.53 -27.37 -20.80
CA GLU A 275 21.99 -26.03 -20.89
C GLU A 275 20.55 -26.27 -21.39
N ASN A 276 19.66 -26.66 -20.48
CA ASN A 276 18.28 -26.99 -20.82
C ASN A 276 17.32 -25.87 -20.37
N HIS A 277 17.84 -24.91 -19.62
CA HIS A 277 17.12 -23.74 -19.14
C HIS A 277 17.52 -22.53 -19.98
N ALA A 278 16.67 -21.50 -20.01
CA ALA A 278 16.92 -20.27 -20.76
C ALA A 278 17.80 -19.30 -19.94
N ARG A 279 17.81 -19.48 -18.63
CA ARG A 279 18.56 -18.65 -17.70
C ARG A 279 19.19 -19.58 -16.65
N GLY A 280 19.99 -19.03 -15.74
CA GLY A 280 20.68 -19.78 -14.70
C GLY A 280 19.86 -20.77 -13.90
N ILE A 281 20.51 -21.85 -13.44
CA ILE A 281 19.92 -22.93 -12.62
C ILE A 281 20.10 -22.58 -11.14
N LEU A 282 18.99 -22.46 -10.38
CA LEU A 282 19.01 -22.10 -8.96
C LEU A 282 19.16 -23.28 -8.01
N ALA A 283 18.73 -24.48 -8.41
CA ALA A 283 18.78 -25.68 -7.57
C ALA A 283 18.74 -26.96 -8.39
N ILE A 284 19.31 -28.04 -7.86
CA ILE A 284 19.34 -29.38 -8.45
C ILE A 284 19.05 -30.45 -7.40
N ALA A 285 18.62 -31.63 -7.85
CA ALA A 285 18.36 -32.80 -7.00
C ALA A 285 18.50 -33.97 -7.92
N TRP A 286 19.46 -34.85 -7.62
CA TRP A 286 19.74 -36.06 -8.38
C TRP A 286 19.17 -37.21 -7.56
N SER A 287 18.21 -37.97 -8.15
CA SER A 287 17.58 -39.15 -7.53
C SER A 287 18.57 -40.29 -7.24
N MET A 288 18.55 -40.78 -6.00
CA MET A 288 19.36 -41.91 -5.53
C MET A 288 18.62 -43.18 -5.92
N ALA A 289 17.27 -43.10 -5.90
CA ALA A 289 16.37 -44.17 -6.30
C ALA A 289 16.55 -44.41 -7.80
N ASP A 290 16.41 -43.35 -8.64
CA ASP A 290 16.63 -43.45 -10.08
C ASP A 290 17.66 -42.40 -10.60
N PRO A 291 18.97 -42.78 -10.67
CA PRO A 291 20.02 -41.84 -11.15
C PRO A 291 19.89 -41.34 -12.60
N GLU A 292 18.90 -41.82 -13.36
CA GLU A 292 18.63 -41.29 -14.71
C GLU A 292 17.76 -40.03 -14.58
N LEU A 293 17.30 -39.71 -13.34
CA LEU A 293 16.44 -38.54 -13.09
C LEU A 293 17.20 -37.45 -12.30
N LEU A 294 17.31 -36.28 -12.93
CA LEU A 294 17.99 -35.12 -12.36
C LEU A 294 17.09 -33.85 -12.49
N LEU A 295 16.60 -33.36 -11.34
CA LEU A 295 15.78 -32.17 -11.24
C LEU A 295 16.62 -30.93 -11.29
N SER A 296 16.08 -29.88 -11.88
CA SER A 296 16.74 -28.60 -11.96
C SER A 296 15.72 -27.47 -12.04
N CYS A 297 15.90 -26.41 -11.23
CA CYS A 297 15.05 -25.20 -11.24
C CYS A 297 15.83 -24.11 -11.92
N GLY A 298 15.18 -23.31 -12.75
CA GLY A 298 15.79 -22.19 -13.45
C GLY A 298 15.19 -20.81 -13.16
N LYS A 299 15.92 -19.77 -13.60
CA LYS A 299 15.50 -18.37 -13.48
C LYS A 299 14.53 -18.09 -14.63
N ASP A 300 14.25 -19.15 -15.44
CA ASP A 300 13.25 -19.17 -16.52
C ASP A 300 11.93 -19.72 -15.92
N ALA A 301 11.91 -19.95 -14.56
CA ALA A 301 10.79 -20.44 -13.74
C ALA A 301 10.32 -21.83 -14.18
N LYS A 302 11.23 -22.63 -14.68
CA LYS A 302 10.91 -24.00 -15.10
C LYS A 302 11.52 -24.97 -14.11
N ILE A 303 10.80 -26.05 -13.83
CA ILE A 303 11.29 -27.19 -13.03
C ILE A 303 11.40 -28.34 -14.04
N LEU A 304 12.63 -28.71 -14.42
CA LEU A 304 12.87 -29.77 -15.39
C LEU A 304 13.43 -31.02 -14.81
N CYS A 305 13.15 -32.12 -15.48
CA CYS A 305 13.77 -33.38 -15.16
C CYS A 305 14.54 -33.79 -16.39
N SER A 306 15.88 -33.90 -16.24
CA SER A 306 16.77 -34.27 -17.35
C SER A 306 17.52 -35.52 -17.05
N ASN A 307 17.85 -36.25 -18.11
CA ASN A 307 18.68 -37.45 -17.98
C ASN A 307 20.15 -36.98 -18.01
N PRO A 308 20.93 -37.16 -16.92
CA PRO A 308 22.33 -36.68 -16.92
C PRO A 308 23.27 -37.47 -17.84
N ASN A 309 22.86 -38.69 -18.28
CA ASN A 309 23.67 -39.56 -19.15
C ASN A 309 23.47 -39.25 -20.65
N THR A 310 22.31 -38.68 -21.04
CA THR A 310 22.06 -38.34 -22.45
C THR A 310 22.15 -36.82 -22.64
N GLY A 311 21.62 -36.09 -21.66
CA GLY A 311 21.52 -34.63 -21.64
C GLY A 311 20.11 -34.18 -21.98
N GLU A 312 19.23 -35.15 -22.33
CA GLU A 312 17.85 -34.89 -22.75
C GLU A 312 16.90 -34.45 -21.63
N VAL A 313 15.96 -33.54 -21.97
CA VAL A 313 14.89 -33.13 -21.05
C VAL A 313 13.87 -34.28 -21.15
N LEU A 314 13.57 -34.92 -20.01
CA LEU A 314 12.59 -36.01 -19.96
C LEU A 314 11.19 -35.40 -19.87
N TYR A 315 11.05 -34.31 -19.09
CA TYR A 315 9.80 -33.61 -18.86
C TYR A 315 9.95 -32.41 -17.97
N GLU A 316 8.90 -31.61 -17.95
CA GLU A 316 8.75 -30.42 -17.12
C GLU A 316 7.63 -30.66 -16.12
N LEU A 317 7.81 -30.12 -14.91
CA LEU A 317 6.78 -30.18 -13.89
C LEU A 317 5.88 -28.96 -14.02
N PRO A 318 4.58 -29.06 -13.68
CA PRO A 318 3.71 -27.87 -13.82
C PRO A 318 3.97 -26.84 -12.71
N THR A 319 4.41 -25.64 -13.09
CA THR A 319 4.73 -24.59 -12.11
C THR A 319 4.16 -23.23 -12.49
N ASN A 320 4.25 -22.28 -11.53
CA ASN A 320 3.83 -20.89 -11.70
C ASN A 320 5.05 -20.07 -12.20
N THR A 321 4.91 -18.74 -12.29
CA THR A 321 5.93 -17.79 -12.76
C THR A 321 7.11 -17.63 -11.73
N GLN A 322 6.95 -18.15 -10.50
CA GLN A 322 7.98 -18.01 -9.46
C GLN A 322 9.17 -18.99 -9.59
N TRP A 323 10.33 -18.54 -9.08
CA TRP A 323 11.60 -19.27 -9.05
C TRP A 323 11.72 -20.12 -7.78
N CYS A 324 12.43 -21.26 -7.86
CA CYS A 324 12.65 -22.15 -6.73
C CYS A 324 14.13 -22.20 -6.40
N PHE A 325 14.48 -21.89 -5.14
CA PHE A 325 15.85 -21.88 -4.64
C PHE A 325 16.31 -23.28 -4.14
N ASP A 326 15.34 -24.16 -3.79
CA ASP A 326 15.64 -25.51 -3.29
C ASP A 326 14.68 -26.55 -3.82
N ILE A 327 15.20 -27.75 -4.15
CA ILE A 327 14.44 -28.88 -4.66
C ILE A 327 15.01 -30.20 -4.09
N GLN A 328 14.12 -31.08 -3.59
CA GLN A 328 14.54 -32.36 -3.01
C GLN A 328 13.56 -33.47 -3.30
N TRP A 329 14.12 -34.64 -3.64
CA TRP A 329 13.41 -35.89 -3.88
C TRP A 329 12.99 -36.41 -2.51
N CYS A 330 11.81 -36.94 -2.40
CA CYS A 330 11.41 -37.50 -1.11
C CYS A 330 12.09 -38.91 -0.92
N PRO A 331 12.87 -39.16 0.16
CA PRO A 331 13.57 -40.45 0.29
C PRO A 331 12.67 -41.69 0.37
N ARG A 332 11.59 -41.69 1.19
CA ARG A 332 10.70 -42.86 1.29
C ARG A 332 9.86 -43.08 0.02
N ASN A 333 9.44 -42.01 -0.68
CA ASN A 333 8.61 -42.12 -1.86
C ASN A 333 9.33 -41.51 -3.08
N PRO A 334 10.03 -42.32 -3.90
CA PRO A 334 10.77 -41.79 -5.07
C PRO A 334 9.95 -41.02 -6.13
N ALA A 335 8.62 -41.16 -6.12
CA ALA A 335 7.80 -40.42 -7.07
C ALA A 335 7.58 -38.97 -6.61
N VAL A 336 7.81 -38.70 -5.31
CA VAL A 336 7.56 -37.40 -4.67
C VAL A 336 8.83 -36.54 -4.56
N LEU A 337 8.61 -35.23 -4.62
CA LEU A 337 9.61 -34.19 -4.52
C LEU A 337 8.96 -32.90 -3.99
N SER A 338 9.75 -32.04 -3.33
CA SER A 338 9.29 -30.74 -2.85
C SER A 338 10.24 -29.71 -3.39
N ALA A 339 9.71 -28.54 -3.65
CA ALA A 339 10.48 -27.43 -4.14
C ALA A 339 10.01 -26.17 -3.44
N ALA A 340 10.98 -25.45 -2.86
CA ALA A 340 10.71 -24.21 -2.14
C ALA A 340 10.93 -23.02 -3.06
N SER A 341 9.90 -22.17 -3.22
CA SER A 341 9.99 -20.98 -4.08
C SER A 341 10.20 -19.68 -3.27
N PHE A 342 10.66 -18.64 -3.97
CA PHE A 342 10.91 -17.31 -3.44
C PHE A 342 9.62 -16.54 -3.05
N ASP A 343 8.44 -16.88 -3.63
CA ASP A 343 7.14 -16.28 -3.32
C ASP A 343 6.54 -16.81 -1.99
N GLY A 344 7.38 -17.41 -1.15
CA GLY A 344 7.01 -17.97 0.14
C GLY A 344 6.20 -19.25 0.09
N ARG A 345 6.48 -20.15 -0.87
CA ARG A 345 5.73 -21.40 -0.95
C ARG A 345 6.63 -22.63 -1.13
N ILE A 346 6.26 -23.74 -0.48
CA ILE A 346 6.90 -25.04 -0.64
C ILE A 346 5.84 -25.88 -1.32
N SER A 347 6.13 -26.38 -2.51
CA SER A 347 5.19 -27.21 -3.26
C SER A 347 5.69 -28.64 -3.34
N VAL A 348 4.78 -29.61 -3.14
CA VAL A 348 5.06 -31.05 -3.18
C VAL A 348 4.41 -31.62 -4.44
N TYR A 349 5.22 -32.20 -5.29
CA TYR A 349 4.81 -32.78 -6.56
C TYR A 349 5.05 -34.28 -6.59
N SER A 350 4.38 -34.94 -7.52
CA SER A 350 4.55 -36.34 -7.88
C SER A 350 4.80 -36.38 -9.39
N ILE A 351 5.81 -37.14 -9.84
CA ILE A 351 6.13 -37.35 -11.26
C ILE A 351 5.12 -38.37 -11.90
N MET A 352 4.21 -38.97 -11.08
CA MET A 352 3.19 -39.93 -11.55
C MET A 352 1.89 -39.19 -11.82
N GLN B 17 14.33 12.17 -25.61
CA GLN B 17 13.54 13.39 -25.50
C GLN B 17 13.75 14.07 -24.15
N GLY B 18 13.55 15.39 -24.15
CA GLY B 18 13.67 16.28 -23.00
C GLY B 18 13.37 17.73 -23.39
N MET B 19 13.21 18.60 -22.39
CA MET B 19 12.91 20.03 -22.59
C MET B 19 13.38 20.87 -21.37
N LYS B 20 14.46 21.69 -21.56
CA LYS B 20 14.98 22.58 -20.53
C LYS B 20 14.01 23.76 -20.35
N LEU B 21 13.47 23.91 -19.13
CA LEU B 21 12.49 24.94 -18.79
C LEU B 21 13.15 26.17 -18.19
N LYS B 22 14.11 25.97 -17.26
CA LYS B 22 14.79 27.01 -16.51
C LYS B 22 16.27 26.71 -16.32
N GLU B 23 17.07 27.74 -15.96
CA GLU B 23 18.50 27.64 -15.71
C GLU B 23 18.96 28.82 -14.83
N VAL B 24 19.92 28.56 -13.92
CA VAL B 24 20.50 29.58 -13.04
C VAL B 24 21.97 29.20 -12.69
N ASP B 25 22.87 30.22 -12.67
CA ASP B 25 24.29 30.10 -12.37
C ASP B 25 24.57 30.05 -10.84
N ARG B 26 24.29 28.87 -10.23
CA ARG B 26 24.50 28.56 -8.82
C ARG B 26 25.28 27.26 -8.71
N THR B 27 26.34 27.30 -7.91
CA THR B 27 27.20 26.16 -7.60
C THR B 27 26.68 25.75 -6.23
N ALA B 28 25.67 24.86 -6.20
CA ALA B 28 24.98 24.58 -4.95
C ALA B 28 24.32 23.24 -4.86
N MET B 29 24.02 22.83 -3.61
CA MET B 29 23.17 21.72 -3.17
C MET B 29 21.72 22.27 -3.36
N GLN B 30 20.76 21.42 -3.73
CA GLN B 30 19.40 21.89 -3.93
C GLN B 30 18.35 21.04 -3.26
N ALA B 31 17.18 21.62 -3.04
CA ALA B 31 16.02 20.95 -2.50
C ALA B 31 14.73 21.68 -2.97
N TRP B 32 13.83 20.92 -3.60
CA TRP B 32 12.53 21.39 -4.03
C TRP B 32 11.64 21.54 -2.80
N SER B 33 10.63 22.42 -2.90
CA SER B 33 9.68 22.65 -1.83
C SER B 33 8.79 21.38 -1.66
N PRO B 34 8.17 21.13 -0.47
CA PRO B 34 7.33 19.92 -0.37
C PRO B 34 6.14 19.96 -1.34
N ALA B 35 5.66 18.79 -1.79
CA ALA B 35 4.57 18.61 -2.75
C ALA B 35 3.31 19.42 -2.45
N GLN B 36 2.92 19.55 -1.16
CA GLN B 36 1.70 20.28 -0.74
C GLN B 36 1.87 21.82 -0.84
N ASN B 37 3.12 22.31 -0.85
CA ASN B 37 3.38 23.73 -0.90
C ASN B 37 3.17 24.32 -2.30
N HIS B 38 2.55 25.51 -2.32
CA HIS B 38 2.33 26.32 -3.51
C HIS B 38 2.68 27.79 -3.18
N PRO B 39 3.48 28.49 -4.02
CA PRO B 39 4.12 28.03 -5.27
C PRO B 39 5.31 27.08 -5.05
N ILE B 40 5.85 26.51 -6.15
CA ILE B 40 7.04 25.65 -6.13
C ILE B 40 8.27 26.52 -5.87
N TYR B 41 9.11 26.08 -4.96
CA TYR B 41 10.35 26.77 -4.67
C TYR B 41 11.51 25.77 -4.80
N LEU B 42 12.64 26.28 -5.31
CA LEU B 42 13.88 25.53 -5.40
C LEU B 42 14.90 26.23 -4.49
N ALA B 43 15.23 25.59 -3.34
CA ALA B 43 16.20 26.06 -2.36
C ALA B 43 17.58 25.54 -2.76
N THR B 44 18.58 26.40 -2.70
CA THR B 44 19.97 26.08 -3.07
C THR B 44 20.89 26.62 -1.98
N GLY B 45 21.97 25.90 -1.71
CA GLY B 45 22.98 26.26 -0.73
C GLY B 45 24.36 25.85 -1.18
N THR B 46 25.35 26.70 -0.95
CA THR B 46 26.73 26.49 -1.35
C THR B 46 27.26 25.15 -0.88
N SER B 47 27.63 24.32 -1.86
CA SER B 47 28.20 22.98 -1.71
C SER B 47 29.55 23.05 -1.00
N ALA B 48 29.83 22.10 -0.10
CA ALA B 48 31.10 22.02 0.61
C ALA B 48 32.09 21.16 -0.20
N GLN B 49 31.60 20.56 -1.28
CA GLN B 49 32.29 19.60 -2.16
C GLN B 49 32.72 20.21 -3.50
N GLN B 50 32.69 21.54 -3.64
CA GLN B 50 33.15 22.20 -4.86
C GLN B 50 33.61 23.62 -4.61
N LEU B 51 34.78 23.93 -5.15
CA LEU B 51 35.39 25.25 -5.10
C LEU B 51 35.48 25.81 -6.52
N ASP B 52 35.57 27.14 -6.66
CA ASP B 52 35.82 27.75 -7.97
C ASP B 52 37.26 28.27 -7.96
N ALA B 53 37.75 28.79 -9.11
CA ALA B 53 39.11 29.31 -9.25
C ALA B 53 39.39 30.50 -8.32
N THR B 54 38.33 31.11 -7.75
CA THR B 54 38.47 32.27 -6.84
C THR B 54 38.90 31.77 -5.45
N PHE B 55 38.48 30.51 -5.12
CA PHE B 55 38.68 29.72 -3.90
C PHE B 55 37.84 30.27 -2.71
N SER B 56 36.77 31.03 -3.05
CA SER B 56 35.80 31.61 -2.11
C SER B 56 35.10 30.49 -1.29
N THR B 57 35.05 30.66 0.06
CA THR B 57 34.42 29.75 1.05
C THR B 57 33.11 30.36 1.57
N ASN B 58 32.76 31.57 1.04
CA ASN B 58 31.52 32.33 1.32
C ASN B 58 30.34 31.43 0.96
N ALA B 59 29.32 31.41 1.83
CA ALA B 59 28.18 30.53 1.67
C ALA B 59 26.86 31.25 1.83
N SER B 60 25.89 30.88 1.00
CA SER B 60 24.57 31.45 1.05
C SER B 60 23.50 30.39 0.83
N LEU B 61 22.24 30.76 1.07
CA LEU B 61 21.08 29.92 0.89
C LEU B 61 20.13 30.76 0.08
N GLU B 62 19.98 30.42 -1.19
CA GLU B 62 19.12 31.14 -2.10
C GLU B 62 17.93 30.30 -2.45
N ILE B 63 16.73 30.90 -2.42
CA ILE B 63 15.48 30.21 -2.71
C ILE B 63 14.88 30.84 -3.95
N PHE B 64 14.54 30.02 -4.93
CA PHE B 64 13.98 30.48 -6.20
C PHE B 64 12.57 30.03 -6.39
N GLU B 65 11.76 30.87 -6.98
CA GLU B 65 10.40 30.46 -7.28
C GLU B 65 10.41 29.93 -8.71
N LEU B 66 9.84 28.73 -8.89
CA LEU B 66 9.66 28.12 -10.21
C LEU B 66 8.30 28.65 -10.69
N ASP B 67 8.33 29.41 -11.79
CA ASP B 67 7.13 29.94 -12.40
C ASP B 67 7.05 29.27 -13.77
N LEU B 68 6.26 28.21 -13.87
CA LEU B 68 6.11 27.50 -15.13
C LEU B 68 5.20 28.24 -16.11
N SER B 69 4.60 29.37 -15.66
CA SER B 69 3.74 30.27 -16.46
C SER B 69 4.58 31.29 -17.25
N ASP B 70 5.82 31.61 -16.78
CA ASP B 70 6.79 32.52 -17.41
C ASP B 70 7.62 31.69 -18.42
N PRO B 71 7.62 32.03 -19.73
CA PRO B 71 8.30 31.17 -20.73
C PRO B 71 9.82 31.32 -20.80
N SER B 72 10.39 32.31 -20.08
CA SER B 72 11.84 32.53 -20.11
C SER B 72 12.59 31.41 -19.41
N LEU B 73 13.90 31.35 -19.63
CA LEU B 73 14.78 30.39 -18.96
C LEU B 73 15.12 30.89 -17.53
N ASP B 74 14.78 32.15 -17.22
CA ASP B 74 15.07 32.77 -15.94
C ASP B 74 14.08 32.33 -14.86
N MET B 75 14.60 32.22 -13.64
CA MET B 75 13.89 31.82 -12.42
C MET B 75 14.00 32.98 -11.43
N LYS B 76 12.86 33.36 -10.83
CA LYS B 76 12.80 34.48 -9.87
C LYS B 76 13.48 34.14 -8.52
N SER B 77 14.52 34.93 -8.14
CA SER B 77 15.21 34.79 -6.85
C SER B 77 14.35 35.50 -5.82
N CYS B 78 13.89 34.77 -4.79
CA CYS B 78 13.01 35.36 -3.78
C CYS B 78 13.79 35.90 -2.59
N ALA B 79 14.77 35.12 -2.10
CA ALA B 79 15.54 35.52 -0.93
C ALA B 79 16.88 34.84 -0.91
N THR B 80 17.85 35.55 -0.30
CA THR B 80 19.20 35.06 -0.05
C THR B 80 19.48 35.27 1.44
N PHE B 81 20.29 34.38 2.01
CA PHE B 81 20.66 34.43 3.40
C PHE B 81 22.15 34.06 3.49
N SER B 82 22.94 34.84 4.25
CA SER B 82 24.37 34.59 4.43
C SER B 82 24.59 33.57 5.51
N SER B 83 25.11 32.43 5.11
CA SER B 83 25.39 31.28 5.94
C SER B 83 26.88 31.22 6.31
N SER B 84 27.18 30.73 7.52
CA SER B 84 28.54 30.51 8.00
C SER B 84 29.00 29.12 7.52
N HIS B 85 28.02 28.23 7.30
CA HIS B 85 28.27 26.86 6.87
C HIS B 85 28.10 26.66 5.37
N ARG B 86 28.96 25.79 4.83
CA ARG B 86 28.87 25.24 3.49
C ARG B 86 28.26 23.85 3.76
N TYR B 87 27.54 23.28 2.78
CA TYR B 87 26.79 22.03 3.00
C TYR B 87 27.20 20.86 2.15
N HIS B 88 27.08 19.62 2.72
CA HIS B 88 27.30 18.34 2.06
C HIS B 88 25.96 17.76 1.65
N LYS B 89 24.88 18.27 2.27
CA LYS B 89 23.52 17.79 2.04
C LYS B 89 22.52 18.89 2.36
N LEU B 90 21.44 18.93 1.57
CA LEU B 90 20.36 19.88 1.77
C LEU B 90 19.06 19.22 1.35
N ILE B 91 18.12 19.10 2.30
CA ILE B 91 16.79 18.55 2.02
C ILE B 91 15.75 19.51 2.58
N TRP B 92 14.49 19.34 2.19
CA TRP B 92 13.38 20.16 2.60
C TRP B 92 12.20 19.28 3.05
N GLY B 93 12.06 19.13 4.36
CA GLY B 93 11.03 18.32 4.97
C GLY B 93 9.67 19.00 4.92
N PRO B 94 8.59 18.21 4.80
CA PRO B 94 7.24 18.80 4.72
C PRO B 94 6.70 19.31 6.05
N TYR B 95 7.27 18.83 7.17
CA TYR B 95 6.80 19.23 8.50
C TYR B 95 7.75 20.18 9.23
N LYS B 96 7.14 21.22 9.82
CA LYS B 96 7.77 22.22 10.66
C LYS B 96 6.95 22.36 11.95
N MET B 97 7.61 22.34 13.10
CA MET B 97 6.98 22.55 14.40
C MET B 97 6.44 23.99 14.46
N ASP B 98 5.13 24.14 14.77
CA ASP B 98 4.36 25.40 14.89
C ASP B 98 4.28 26.17 13.53
N SER B 99 3.21 25.86 12.74
CA SER B 99 2.87 26.43 11.43
C SER B 99 3.96 26.24 10.40
N GLY B 101 3.32 30.74 9.02
CA GLY B 101 3.98 30.83 7.73
C GLY B 101 3.14 30.38 6.55
N ASP B 102 3.37 31.04 5.38
CA ASP B 102 2.68 30.76 4.12
C ASP B 102 3.43 29.67 3.31
N VAL B 103 4.68 29.35 3.71
CA VAL B 103 5.57 28.36 3.11
C VAL B 103 5.70 27.20 4.10
N SER B 104 5.57 25.94 3.61
CA SER B 104 5.57 24.73 4.41
C SER B 104 6.97 24.08 4.56
N GLY B 105 7.17 23.41 5.69
CA GLY B 105 8.36 22.62 6.01
C GLY B 105 9.56 23.31 6.63
N VAL B 106 10.64 22.54 6.72
CA VAL B 106 11.93 22.93 7.27
C VAL B 106 12.96 22.64 6.23
N LEU B 107 13.98 23.48 6.17
CA LEU B 107 15.15 23.20 5.36
C LEU B 107 16.18 22.54 6.27
N ILE B 108 16.49 21.29 6.00
CA ILE B 108 17.45 20.57 6.85
C ILE B 108 18.79 20.53 6.10
N ALA B 109 19.83 21.09 6.70
CA ALA B 109 21.14 21.13 6.07
C ALA B 109 22.14 20.36 6.86
N GLY B 110 23.00 19.66 6.13
CA GLY B 110 24.10 18.88 6.68
C GLY B 110 25.40 19.53 6.29
N GLY B 111 26.14 19.99 7.29
CA GLY B 111 27.40 20.66 7.06
C GLY B 111 28.62 19.85 7.42
N GLU B 112 29.76 20.53 7.39
CA GLU B 112 31.06 19.96 7.76
C GLU B 112 31.09 19.94 9.28
N ASN B 113 32.01 19.14 9.85
CA ASN B 113 32.30 19.03 11.28
C ASN B 113 31.05 18.82 12.14
N GLY B 114 30.28 17.81 11.80
CA GLY B 114 29.07 17.38 12.50
C GLY B 114 27.81 18.22 12.51
N ASN B 115 27.85 19.39 11.86
CA ASN B 115 26.73 20.32 11.89
C ASN B 115 25.51 19.89 11.14
N ILE B 116 24.35 19.97 11.83
CA ILE B 116 23.01 19.84 11.24
C ILE B 116 22.29 21.16 11.54
N ILE B 117 21.77 21.83 10.51
CA ILE B 117 21.08 23.12 10.71
C ILE B 117 19.69 23.02 10.18
N LEU B 118 18.74 23.51 10.97
CA LEU B 118 17.33 23.60 10.57
C LEU B 118 17.04 25.06 10.24
N TYR B 119 16.61 25.33 9.00
CA TYR B 119 16.23 26.66 8.50
C TYR B 119 14.73 26.74 8.25
N ASP B 120 14.13 27.88 8.58
CA ASP B 120 12.71 28.12 8.35
C ASP B 120 12.57 28.78 6.95
N PRO B 121 12.06 28.01 5.94
CA PRO B 121 11.94 28.57 4.58
C PRO B 121 11.01 29.79 4.51
N SER B 122 9.84 29.78 5.22
CA SER B 122 8.92 30.93 5.19
C SER B 122 9.57 32.18 5.78
N LYS B 123 10.54 32.03 6.72
CA LYS B 123 11.21 33.19 7.30
C LYS B 123 12.28 33.70 6.33
N ILE B 124 12.93 32.78 5.55
CA ILE B 124 13.90 33.16 4.50
C ILE B 124 13.18 34.01 3.45
N ILE B 125 12.12 33.46 2.82
CA ILE B 125 11.26 34.10 1.80
C ILE B 125 10.71 35.46 2.30
N ALA B 126 10.26 35.53 3.58
CA ALA B 126 9.75 36.75 4.24
C ALA B 126 10.79 37.85 4.28
N GLY B 127 12.06 37.46 4.27
CA GLY B 127 13.18 38.39 4.29
C GLY B 127 13.54 38.92 5.65
N ASP B 128 13.43 38.08 6.70
CA ASP B 128 13.85 38.55 8.01
C ASP B 128 15.18 37.92 8.40
N LYS B 129 15.75 38.35 9.55
CA LYS B 129 17.09 37.99 10.01
C LYS B 129 17.16 36.68 10.81
N GLU B 130 16.11 36.35 11.60
CA GLU B 130 16.05 35.13 12.43
C GLU B 130 15.40 33.94 11.68
N VAL B 131 16.20 33.16 10.92
CA VAL B 131 15.69 32.05 10.09
C VAL B 131 16.09 30.66 10.61
N VAL B 132 17.06 30.57 11.50
CA VAL B 132 17.53 29.29 12.03
C VAL B 132 16.60 28.79 13.15
N ILE B 133 15.95 27.64 12.95
CA ILE B 133 15.07 27.01 13.97
C ILE B 133 15.96 26.36 15.04
N ALA B 134 16.94 25.53 14.62
CA ALA B 134 17.89 24.85 15.50
C ALA B 134 19.18 24.49 14.76
N GLN B 135 20.17 24.06 15.53
CA GLN B 135 21.52 23.71 15.10
C GLN B 135 22.14 22.83 16.17
N ASN B 136 23.12 22.01 15.78
CA ASN B 136 23.90 21.15 16.65
C ASN B 136 25.08 20.58 15.89
N ASP B 137 26.17 20.24 16.61
CA ASP B 137 27.38 19.62 16.09
C ASP B 137 27.63 18.22 16.73
N LYS B 138 26.54 17.50 17.10
CA LYS B 138 26.52 16.16 17.73
C LYS B 138 27.23 15.10 16.88
N HIS B 139 27.13 15.18 15.53
CA HIS B 139 27.79 14.27 14.58
C HIS B 139 29.32 14.49 14.49
N THR B 140 30.06 13.57 13.84
CA THR B 140 31.50 13.74 13.60
C THR B 140 31.69 13.73 12.07
N GLY B 141 32.46 14.68 11.58
CA GLY B 141 32.74 14.79 10.15
C GLY B 141 31.60 15.34 9.31
N PRO B 142 31.66 15.18 7.97
CA PRO B 142 30.59 15.73 7.11
C PRO B 142 29.24 15.02 7.24
N VAL B 143 28.16 15.79 7.38
CA VAL B 143 26.80 15.27 7.49
C VAL B 143 26.30 15.15 6.04
N ARG B 144 26.71 14.06 5.40
CA ARG B 144 26.47 13.75 3.99
C ARG B 144 25.10 13.14 3.72
N ALA B 145 24.48 12.50 4.74
CA ALA B 145 23.24 11.76 4.56
C ALA B 145 22.12 12.29 5.40
N LEU B 146 21.01 12.64 4.78
CA LEU B 146 19.80 13.09 5.49
C LEU B 146 18.61 12.53 4.78
N ASP B 147 17.54 12.18 5.52
CA ASP B 147 16.25 11.79 4.95
C ASP B 147 15.14 12.05 5.94
N VAL B 148 13.94 12.45 5.45
CA VAL B 148 12.72 12.67 6.23
C VAL B 148 11.73 11.54 5.92
N ASN B 149 11.11 10.98 6.97
CA ASN B 149 10.15 9.89 6.89
C ASN B 149 8.84 10.45 6.32
N ILE B 150 8.29 9.81 5.27
CA ILE B 150 7.06 10.28 4.60
C ILE B 150 5.77 9.93 5.43
N PHE B 151 5.86 9.04 6.44
CA PHE B 151 4.70 8.68 7.27
C PHE B 151 4.70 9.50 8.57
N GLN B 152 5.86 9.58 9.24
CA GLN B 152 6.08 10.36 10.45
C GLN B 152 7.03 11.48 10.03
N THR B 153 6.46 12.54 9.44
CA THR B 153 7.19 13.65 8.84
C THR B 153 7.98 14.48 9.88
N ASN B 154 7.75 14.26 11.15
CA ASN B 154 8.55 14.92 12.19
C ASN B 154 9.89 14.15 12.44
N LEU B 155 10.11 12.99 11.75
CA LEU B 155 11.29 12.15 11.97
C LEU B 155 12.29 12.22 10.84
N VAL B 156 13.55 12.53 11.21
CA VAL B 156 14.68 12.74 10.28
C VAL B 156 15.83 11.80 10.63
N ALA B 157 16.38 11.16 9.61
CA ALA B 157 17.54 10.30 9.78
C ALA B 157 18.72 11.06 9.24
N SER B 158 19.84 10.97 9.93
CA SER B 158 21.08 11.61 9.51
C SER B 158 22.22 10.65 9.72
N GLY B 159 23.24 10.77 8.89
CA GLY B 159 24.44 9.95 8.96
C GLY B 159 25.66 10.79 8.65
N ALA B 160 26.79 10.40 9.23
CA ALA B 160 28.06 11.08 9.06
C ALA B 160 29.19 10.03 9.19
N ASN B 161 30.36 10.40 9.72
CA ASN B 161 31.49 9.47 9.89
C ASN B 161 31.29 8.56 11.10
N GLU B 162 32.18 7.55 11.23
CA GLU B 162 32.31 6.61 12.34
C GLU B 162 31.01 5.81 12.64
N SER B 163 30.24 5.45 11.59
CA SER B 163 28.99 4.67 11.61
C SER B 163 27.83 5.35 12.39
N GLU B 164 27.87 6.68 12.59
CA GLU B 164 26.82 7.38 13.36
C GLU B 164 25.61 7.62 12.56
N ILE B 165 24.47 7.14 13.08
CA ILE B 165 23.15 7.40 12.49
C ILE B 165 22.33 7.98 13.60
N TYR B 166 21.75 9.16 13.38
CA TYR B 166 20.88 9.75 14.40
C TYR B 166 19.50 9.93 13.87
N ILE B 167 18.51 9.73 14.76
CA ILE B 167 17.10 9.87 14.46
C ILE B 167 16.62 11.05 15.27
N TRP B 168 16.18 12.11 14.56
CA TRP B 168 15.73 13.37 15.15
C TRP B 168 14.23 13.53 15.01
N ASP B 169 13.61 14.01 16.07
CA ASP B 169 12.20 14.34 16.09
C ASP B 169 12.23 15.85 16.11
N LEU B 170 11.56 16.49 15.14
CA LEU B 170 11.50 17.95 15.04
C LEU B 170 10.66 18.56 16.19
N ASN B 171 9.84 17.72 16.88
CA ASN B 171 9.03 18.15 18.03
C ASN B 171 9.83 18.09 19.34
N ASN B 172 11.04 17.52 19.32
CA ASN B 172 11.96 17.41 20.46
C ASN B 172 13.39 17.18 19.89
N PHE B 173 13.87 18.16 19.09
CA PHE B 173 15.14 18.13 18.33
C PHE B 173 16.43 18.09 19.18
N ALA B 174 16.37 18.42 20.48
CA ALA B 174 17.53 18.49 21.34
C ALA B 174 18.28 17.16 21.47
N THR B 175 17.59 16.06 21.84
CA THR B 175 18.29 14.77 21.99
C THR B 175 17.93 13.79 20.85
N PRO B 176 18.94 13.31 20.09
CA PRO B 176 18.65 12.31 19.06
C PRO B 176 18.45 10.92 19.64
N MET B 177 17.93 10.03 18.80
CA MET B 177 17.72 8.62 19.06
C MET B 177 18.62 7.88 18.03
N THR B 178 18.75 6.55 18.16
CA THR B 178 19.56 5.77 17.22
C THR B 178 18.75 4.60 16.62
N PRO B 179 19.13 4.09 15.42
CA PRO B 179 18.41 2.95 14.85
C PRO B 179 18.73 1.63 15.57
N GLY B 180 19.82 1.67 16.33
CA GLY B 180 20.39 0.56 17.09
C GLY B 180 21.87 0.81 17.28
N ALA B 181 22.58 -0.15 17.89
CA ALA B 181 24.02 -0.09 18.13
C ALA B 181 24.79 0.11 16.78
N LYS B 182 25.79 1.03 16.80
CA LYS B 182 26.64 1.37 15.63
C LYS B 182 27.35 0.13 15.14
N THR B 183 27.36 -0.09 13.83
CA THR B 183 27.97 -1.26 13.23
C THR B 183 29.49 -1.09 13.23
N GLN B 184 30.18 -2.21 13.46
CA GLN B 184 31.63 -2.24 13.54
C GLN B 184 32.19 -3.11 12.41
N PRO B 185 33.39 -2.80 11.85
CA PRO B 185 34.25 -1.63 12.15
C PRO B 185 33.62 -0.29 11.70
N PRO B 186 34.04 0.87 12.30
CA PRO B 186 33.42 2.14 11.90
C PRO B 186 33.74 2.59 10.47
N GLU B 187 32.67 2.85 9.69
CA GLU B 187 32.74 3.34 8.31
C GLU B 187 31.76 4.47 8.14
N ASP B 188 32.00 5.38 7.20
CA ASP B 188 31.10 6.51 7.00
C ASP B 188 29.69 6.08 6.53
N ILE B 189 28.69 6.93 6.78
CA ILE B 189 27.34 6.70 6.27
C ILE B 189 27.27 7.53 4.96
N SER B 190 27.21 6.86 3.78
CA SER B 190 27.13 7.54 2.47
C SER B 190 25.76 8.08 2.24
N CYS B 191 24.75 7.22 2.40
CA CYS B 191 23.33 7.49 2.20
C CYS B 191 22.47 6.86 3.28
N ILE B 192 21.29 7.41 3.45
CA ILE B 192 20.26 7.06 4.40
C ILE B 192 18.97 7.30 3.63
N ALA B 193 18.02 6.36 3.72
CA ALA B 193 16.72 6.43 3.04
C ALA B 193 15.70 5.68 3.87
N TRP B 194 14.58 6.33 4.19
CA TRP B 194 13.48 5.69 4.92
C TRP B 194 12.75 4.84 3.93
N ASN B 195 12.21 3.68 4.36
CA ASN B 195 11.43 2.82 3.48
C ASN B 195 10.15 3.60 3.07
N ARG B 196 9.69 3.46 1.81
CA ARG B 196 8.51 4.19 1.25
C ARG B 196 7.20 3.49 1.52
N GLN B 197 7.22 2.37 2.26
CA GLN B 197 6.00 1.64 2.49
C GLN B 197 5.74 1.33 3.98
N VAL B 198 6.79 1.14 4.79
CA VAL B 198 6.69 0.78 6.22
C VAL B 198 7.53 1.80 7.01
N GLN B 199 6.86 2.55 7.90
CA GLN B 199 7.41 3.71 8.61
C GLN B 199 8.59 3.43 9.55
N HIS B 200 8.73 2.24 10.10
CA HIS B 200 9.81 1.94 11.03
C HIS B 200 11.02 1.31 10.36
N ILE B 201 11.09 1.37 9.03
CA ILE B 201 12.16 0.73 8.27
C ILE B 201 13.06 1.78 7.62
N LEU B 202 14.36 1.64 7.86
CA LEU B 202 15.40 2.53 7.39
C LEU B 202 16.50 1.74 6.72
N ALA B 203 17.12 2.31 5.70
CA ALA B 203 18.29 1.71 5.06
C ALA B 203 19.39 2.76 5.00
N SER B 204 20.62 2.34 5.32
CA SER B 204 21.82 3.18 5.26
C SER B 204 22.87 2.47 4.43
N ALA B 205 23.75 3.21 3.77
CA ALA B 205 24.77 2.58 2.92
C ALA B 205 26.12 3.10 3.27
N SER B 206 27.12 2.27 3.12
CA SER B 206 28.51 2.67 3.40
C SER B 206 29.21 2.99 2.05
N PRO B 207 30.38 3.70 2.02
CA PRO B 207 31.06 3.97 0.72
C PRO B 207 31.31 2.74 -0.17
N SER B 208 31.54 1.56 0.43
CA SER B 208 31.80 0.30 -0.30
C SER B 208 30.52 -0.33 -0.93
N GLY B 209 29.35 0.21 -0.62
CA GLY B 209 28.10 -0.28 -1.18
C GLY B 209 27.35 -1.31 -0.34
N ARG B 210 27.76 -1.52 0.92
CA ARG B 210 27.05 -2.45 1.79
C ARG B 210 25.85 -1.70 2.43
N ALA B 211 24.62 -2.13 2.14
CA ALA B 211 23.44 -1.51 2.73
C ALA B 211 22.97 -2.29 3.97
N THR B 212 22.63 -1.57 5.04
CA THR B 212 22.11 -2.16 6.25
C THR B 212 20.66 -1.70 6.40
N VAL B 213 19.75 -2.64 6.67
CA VAL B 213 18.32 -2.37 6.87
C VAL B 213 18.06 -2.42 8.35
N TRP B 214 17.45 -1.38 8.91
CA TRP B 214 17.20 -1.27 10.33
C TRP B 214 15.71 -1.29 10.65
N ASP B 215 15.37 -1.99 11.73
CA ASP B 215 14.02 -1.95 12.25
C ASP B 215 14.12 -0.97 13.45
N LEU B 216 13.48 0.19 13.32
CA LEU B 216 13.49 1.22 14.37
C LEU B 216 12.69 0.79 15.58
N ARG B 217 11.61 0.01 15.36
CA ARG B 217 10.77 -0.46 16.46
C ARG B 217 11.48 -1.62 17.20
N LYS B 218 12.37 -2.36 16.51
CA LYS B 218 13.10 -3.46 17.15
C LYS B 218 14.45 -2.99 17.70
N ASN B 219 15.05 -1.90 17.13
CA ASN B 219 16.34 -1.31 17.52
C ASN B 219 17.50 -2.28 17.22
N GLU B 220 17.62 -2.69 15.93
CA GLU B 220 18.64 -3.62 15.44
C GLU B 220 18.66 -3.63 13.91
N PRO B 221 19.81 -4.00 13.28
CA PRO B 221 19.82 -4.18 11.82
C PRO B 221 19.23 -5.55 11.50
N ILE B 222 18.24 -5.61 10.63
CA ILE B 222 17.54 -6.88 10.39
C ILE B 222 18.02 -7.66 9.13
N ILE B 223 18.87 -7.05 8.29
CA ILE B 223 19.48 -7.65 7.08
C ILE B 223 20.58 -6.71 6.55
N LYS B 224 21.58 -7.29 5.89
CA LYS B 224 22.67 -6.54 5.26
C LYS B 224 22.86 -7.13 3.85
N VAL B 225 23.03 -6.25 2.84
CA VAL B 225 23.24 -6.64 1.42
C VAL B 225 24.50 -5.97 0.84
N SER B 226 25.23 -6.70 -0.04
CA SER B 226 26.42 -6.27 -0.78
C SER B 226 26.78 -7.20 -1.95
N ASP B 227 27.23 -6.60 -3.06
CA ASP B 227 27.75 -7.28 -4.25
C ASP B 227 28.88 -6.48 -4.88
N HIS B 228 30.00 -7.17 -5.18
CA HIS B 228 31.23 -6.60 -5.77
C HIS B 228 31.72 -5.39 -4.94
N SER B 229 31.67 -5.53 -3.59
CA SER B 229 32.07 -4.51 -2.59
C SER B 229 33.52 -4.05 -2.76
N ASN B 230 34.32 -4.86 -3.48
CA ASN B 230 35.72 -4.66 -3.81
C ASN B 230 35.90 -3.53 -4.84
N ARG B 231 34.94 -3.37 -5.78
CA ARG B 231 34.98 -2.39 -6.88
C ARG B 231 33.85 -1.31 -6.78
N MET B 232 33.02 -1.34 -5.72
CA MET B 232 31.89 -0.41 -5.54
C MET B 232 32.24 0.86 -4.73
N HIS B 233 31.67 1.99 -5.15
CA HIS B 233 31.80 3.28 -4.47
C HIS B 233 30.40 3.91 -4.49
N CYS B 234 29.66 3.75 -3.40
CA CYS B 234 28.26 4.14 -3.30
C CYS B 234 28.04 5.67 -3.44
N SER B 235 27.18 6.01 -4.41
CA SER B 235 26.78 7.35 -4.79
C SER B 235 25.24 7.49 -4.77
N GLY B 236 24.57 6.48 -4.22
CA GLY B 236 23.12 6.50 -4.18
C GLY B 236 22.45 5.28 -3.60
N LEU B 237 21.29 5.52 -3.01
CA LEU B 237 20.43 4.55 -2.39
C LEU B 237 18.99 5.12 -2.42
N ALA B 238 18.05 4.32 -2.92
CA ALA B 238 16.64 4.69 -3.03
C ALA B 238 15.84 3.44 -2.89
N TRP B 239 14.74 3.53 -2.15
CA TRP B 239 13.77 2.48 -1.98
C TRP B 239 12.80 2.61 -3.13
N HIS B 240 12.22 1.50 -3.58
CA HIS B 240 11.20 1.53 -4.60
C HIS B 240 9.93 2.19 -4.00
N PRO B 241 9.33 3.17 -4.76
CA PRO B 241 8.13 3.87 -4.25
C PRO B 241 6.95 2.99 -3.85
N ASP B 242 6.64 1.86 -4.57
CA ASP B 242 5.51 0.96 -4.25
C ASP B 242 5.88 -0.48 -3.79
N VAL B 243 7.16 -0.89 -3.94
CA VAL B 243 7.55 -2.24 -3.53
C VAL B 243 8.44 -2.12 -2.30
N ALA B 244 7.89 -2.52 -1.15
CA ALA B 244 8.52 -2.43 0.15
C ALA B 244 9.92 -3.07 0.23
N THR B 245 10.13 -4.21 -0.45
CA THR B 245 11.41 -4.93 -0.33
C THR B 245 12.45 -4.61 -1.41
N GLN B 246 12.15 -3.69 -2.33
CA GLN B 246 13.07 -3.34 -3.40
C GLN B 246 13.78 -1.99 -3.19
N MET B 247 15.07 -1.96 -3.49
CA MET B 247 15.92 -0.78 -3.41
C MET B 247 17.02 -0.83 -4.47
N VAL B 248 17.58 0.32 -4.76
CA VAL B 248 18.70 0.46 -5.71
C VAL B 248 19.87 1.06 -5.01
N LEU B 249 21.09 0.68 -5.45
CA LEU B 249 22.36 1.20 -4.98
C LEU B 249 23.22 1.58 -6.18
N ALA B 250 23.70 2.83 -6.22
CA ALA B 250 24.49 3.23 -7.37
C ALA B 250 25.96 3.27 -7.05
N SER B 251 26.81 3.06 -8.07
CA SER B 251 28.26 3.06 -7.96
C SER B 251 28.89 4.11 -8.85
N GLU B 252 29.80 4.90 -8.25
CA GLU B 252 30.59 6.01 -8.77
C GLU B 252 31.91 5.49 -9.33
N ASP B 253 32.28 4.26 -8.99
CA ASP B 253 33.52 3.66 -9.44
C ASP B 253 33.43 3.21 -10.91
N ASP B 254 34.45 3.56 -11.72
CA ASP B 254 34.51 3.23 -13.15
C ASP B 254 34.82 1.74 -13.40
N ARG B 255 35.30 1.00 -12.38
CA ARG B 255 35.55 -0.44 -12.52
C ARG B 255 34.22 -1.22 -12.48
N LEU B 256 33.17 -0.58 -11.89
CA LEU B 256 31.84 -1.13 -11.71
C LEU B 256 30.81 0.03 -11.75
N PRO B 257 30.57 0.62 -12.95
CA PRO B 257 29.66 1.78 -13.05
C PRO B 257 28.20 1.33 -13.20
N VAL B 258 27.65 0.77 -12.13
CA VAL B 258 26.32 0.18 -12.19
C VAL B 258 25.33 0.67 -11.13
N ILE B 259 24.05 0.28 -11.35
CA ILE B 259 22.96 0.43 -10.42
C ILE B 259 22.52 -0.99 -10.10
N GLN B 260 22.68 -1.39 -8.84
CA GLN B 260 22.25 -2.70 -8.35
C GLN B 260 20.81 -2.60 -7.88
N MET B 261 19.94 -3.44 -8.44
CA MET B 261 18.53 -3.53 -8.07
C MET B 261 18.41 -4.73 -7.14
N TRP B 262 18.02 -4.46 -5.90
CA TRP B 262 17.88 -5.49 -4.88
C TRP B 262 16.46 -5.74 -4.47
N ASP B 263 16.07 -7.01 -4.38
CA ASP B 263 14.79 -7.40 -3.81
C ASP B 263 15.16 -8.21 -2.56
N LEU B 264 14.75 -7.70 -1.38
CA LEU B 264 15.07 -8.29 -0.09
C LEU B 264 14.42 -9.67 0.11
N ARG B 265 13.50 -10.09 -0.79
CA ARG B 265 12.89 -11.43 -0.72
C ARG B 265 13.87 -12.50 -1.21
N PHE B 266 14.90 -12.08 -1.94
CA PHE B 266 15.98 -12.89 -2.46
C PHE B 266 17.24 -12.02 -2.31
N ALA B 267 17.58 -11.70 -1.06
CA ALA B 267 18.64 -10.76 -0.69
C ALA B 267 20.07 -11.33 -0.75
N SER B 268 20.28 -12.53 -1.33
CA SER B 268 21.60 -13.16 -1.42
C SER B 268 22.50 -12.50 -2.50
N SER B 269 21.88 -11.91 -3.55
CA SER B 269 22.53 -11.22 -4.67
C SER B 269 21.51 -10.26 -5.39
N PRO B 270 21.96 -9.29 -6.24
CA PRO B 270 21.00 -8.39 -6.90
C PRO B 270 20.10 -9.09 -7.91
N LEU B 271 18.84 -8.69 -7.91
CA LEU B 271 17.81 -9.19 -8.81
C LEU B 271 18.12 -8.82 -10.26
N ARG B 272 18.73 -7.62 -10.43
CA ARG B 272 19.05 -6.97 -11.70
C ARG B 272 20.22 -5.99 -11.50
N VAL B 273 21.09 -5.85 -12.49
CA VAL B 273 22.16 -4.87 -12.46
C VAL B 273 22.11 -4.04 -13.78
N LEU B 274 21.86 -2.73 -13.67
CA LEU B 274 21.77 -1.79 -14.80
C LEU B 274 23.16 -1.20 -15.10
N GLU B 275 23.71 -1.47 -16.29
CA GLU B 275 25.03 -0.99 -16.74
C GLU B 275 24.86 -0.22 -18.08
N ASN B 276 24.24 0.98 -17.97
CA ASN B 276 23.88 1.85 -19.08
C ASN B 276 24.85 3.06 -19.24
N HIS B 277 25.71 3.32 -18.24
CA HIS B 277 26.71 4.39 -18.30
C HIS B 277 28.09 3.80 -18.63
N ALA B 278 28.93 4.58 -19.32
CA ALA B 278 30.29 4.17 -19.68
C ALA B 278 31.24 4.29 -18.47
N ARG B 279 31.00 5.30 -17.60
CA ARG B 279 31.77 5.57 -16.38
C ARG B 279 30.80 5.65 -15.20
N GLY B 280 31.36 5.69 -13.99
CA GLY B 280 30.63 5.71 -12.72
C GLY B 280 29.48 6.69 -12.63
N ILE B 281 28.44 6.31 -11.89
CA ILE B 281 27.21 7.09 -11.65
C ILE B 281 27.43 8.07 -10.48
N LEU B 282 27.03 9.32 -10.68
CA LEU B 282 27.23 10.37 -9.68
C LEU B 282 26.01 10.55 -8.84
N ALA B 283 24.82 10.36 -9.43
CA ALA B 283 23.56 10.60 -8.75
C ALA B 283 22.39 9.85 -9.39
N ILE B 284 21.43 9.39 -8.55
CA ILE B 284 20.20 8.75 -8.99
C ILE B 284 18.99 9.49 -8.37
N ALA B 285 17.79 9.30 -8.96
CA ALA B 285 16.56 9.90 -8.49
C ALA B 285 15.45 9.05 -9.02
N TRP B 286 14.75 8.40 -8.08
CA TRP B 286 13.66 7.51 -8.37
C TRP B 286 12.37 8.25 -8.18
N SER B 287 11.57 8.37 -9.24
CA SER B 287 10.27 9.06 -9.19
C SER B 287 9.29 8.34 -8.28
N MET B 288 8.67 9.06 -7.32
CA MET B 288 7.62 8.53 -6.42
C MET B 288 6.34 8.40 -7.22
N ALA B 289 6.12 9.31 -8.19
CA ALA B 289 4.93 9.30 -9.02
C ALA B 289 4.93 8.15 -10.03
N ASP B 290 6.07 7.92 -10.72
CA ASP B 290 6.22 6.85 -11.72
C ASP B 290 7.50 6.01 -11.42
N PRO B 291 7.39 4.99 -10.50
CA PRO B 291 8.55 4.13 -10.18
C PRO B 291 9.21 3.45 -11.40
N GLU B 292 8.58 3.54 -12.58
CA GLU B 292 9.15 3.03 -13.82
C GLU B 292 10.12 4.05 -14.43
N LEU B 293 10.46 5.14 -13.67
CA LEU B 293 11.39 6.20 -14.05
C LEU B 293 12.46 6.43 -12.99
N LEU B 294 13.66 6.00 -13.29
CA LEU B 294 14.81 6.20 -12.44
C LEU B 294 15.82 7.02 -13.26
N LEU B 295 16.14 8.24 -12.79
CA LEU B 295 17.14 9.07 -13.47
C LEU B 295 18.50 8.72 -12.92
N SER B 296 19.54 8.82 -13.74
CA SER B 296 20.92 8.65 -13.28
C SER B 296 21.87 9.56 -14.07
N CYS B 297 22.85 10.16 -13.37
CA CYS B 297 23.87 11.05 -13.92
C CYS B 297 25.14 10.26 -13.99
N GLY B 298 25.83 10.28 -15.11
CA GLY B 298 27.09 9.57 -15.26
C GLY B 298 28.30 10.43 -15.46
N LYS B 299 29.50 9.81 -15.31
CA LYS B 299 30.78 10.47 -15.52
C LYS B 299 31.11 10.43 -17.01
N ASP B 300 30.17 9.90 -17.81
CA ASP B 300 30.22 9.84 -19.27
C ASP B 300 29.46 11.04 -19.86
N ALA B 301 29.18 12.08 -19.01
CA ALA B 301 28.46 13.33 -19.29
C ALA B 301 27.05 13.08 -19.91
N LYS B 302 26.32 12.12 -19.31
CA LYS B 302 24.99 11.68 -19.75
C LYS B 302 23.98 11.58 -18.59
N ILE B 303 22.75 12.11 -18.79
CA ILE B 303 21.62 11.99 -17.87
C ILE B 303 20.65 11.02 -18.56
N LEU B 304 20.50 9.83 -17.99
CA LEU B 304 19.65 8.75 -18.50
C LEU B 304 18.41 8.50 -17.65
N CYS B 305 17.37 8.00 -18.27
CA CYS B 305 16.16 7.61 -17.57
C CYS B 305 15.97 6.16 -17.91
N SER B 306 16.00 5.28 -16.89
CA SER B 306 15.89 3.84 -17.04
C SER B 306 14.74 3.32 -16.26
N ASN B 307 14.09 2.26 -16.79
CA ASN B 307 13.06 1.55 -16.06
C ASN B 307 13.85 0.55 -15.19
N PRO B 308 13.83 0.71 -13.84
CA PRO B 308 14.59 -0.22 -12.99
C PRO B 308 14.00 -1.65 -12.95
N ASN B 309 12.74 -1.82 -13.40
CA ASN B 309 12.03 -3.11 -13.42
C ASN B 309 12.39 -3.97 -14.68
N THR B 310 13.04 -3.37 -15.69
CA THR B 310 13.42 -4.07 -16.92
C THR B 310 14.91 -3.86 -17.25
N GLY B 311 15.45 -2.71 -16.86
CA GLY B 311 16.84 -2.35 -17.08
C GLY B 311 17.13 -1.48 -18.29
N GLU B 312 16.17 -1.41 -19.23
CA GLU B 312 16.38 -0.64 -20.45
C GLU B 312 16.33 0.89 -20.19
N VAL B 313 17.00 1.61 -21.08
CA VAL B 313 17.11 3.05 -21.12
C VAL B 313 15.85 3.49 -21.83
N LEU B 314 15.07 4.34 -21.18
CA LEU B 314 13.86 4.89 -21.75
C LEU B 314 14.21 6.02 -22.69
N TYR B 315 15.10 6.94 -22.24
CA TYR B 315 15.56 8.11 -22.97
C TYR B 315 16.73 8.81 -22.24
N GLU B 316 17.49 9.64 -22.98
CA GLU B 316 18.57 10.47 -22.47
C GLU B 316 18.11 11.92 -22.51
N LEU B 317 18.35 12.65 -21.41
CA LEU B 317 18.02 14.07 -21.32
C LEU B 317 19.13 14.86 -22.02
N PRO B 318 18.82 15.85 -22.88
CA PRO B 318 19.90 16.55 -23.60
C PRO B 318 20.77 17.45 -22.70
N THR B 319 22.09 17.10 -22.63
CA THR B 319 23.13 17.82 -21.88
C THR B 319 24.39 17.97 -22.73
N ASN B 320 25.28 18.90 -22.32
CA ASN B 320 26.59 19.08 -22.95
C ASN B 320 27.62 18.09 -22.30
N THR B 321 28.93 18.42 -22.42
CA THR B 321 30.08 17.65 -21.94
C THR B 321 30.30 17.73 -20.41
N GLN B 322 29.56 18.60 -19.71
CA GLN B 322 29.72 18.77 -18.28
C GLN B 322 28.92 17.72 -17.52
N TRP B 323 29.49 17.23 -16.40
CA TRP B 323 28.85 16.22 -15.55
C TRP B 323 27.71 16.86 -14.77
N CYS B 324 26.69 16.05 -14.36
CA CYS B 324 25.55 16.51 -13.55
C CYS B 324 25.51 15.64 -12.31
N PHE B 325 25.18 16.18 -11.12
CA PHE B 325 25.39 15.34 -9.94
C PHE B 325 24.40 15.46 -8.76
N ASP B 326 23.33 16.20 -8.91
CA ASP B 326 22.38 16.26 -7.80
C ASP B 326 21.04 16.27 -8.45
N ILE B 327 20.70 15.14 -9.07
CA ILE B 327 19.46 15.04 -9.80
C ILE B 327 18.30 14.84 -8.78
N GLN B 328 17.23 15.62 -8.96
CA GLN B 328 16.07 15.63 -8.08
C GLN B 328 14.80 15.89 -8.85
N TRP B 329 13.83 15.00 -8.71
CA TRP B 329 12.51 15.16 -9.31
C TRP B 329 11.76 16.20 -8.46
N CYS B 330 10.85 16.95 -9.05
CA CYS B 330 10.03 17.96 -8.36
C CYS B 330 8.84 17.26 -7.63
N PRO B 331 8.70 17.37 -6.28
CA PRO B 331 7.59 16.66 -5.60
C PRO B 331 6.19 17.03 -6.08
N ARG B 332 5.90 18.32 -6.32
CA ARG B 332 4.56 18.73 -6.76
C ARG B 332 4.27 18.43 -8.26
N ASN B 333 5.18 18.75 -9.18
CA ASN B 333 4.99 18.50 -10.61
C ASN B 333 5.82 17.29 -10.93
N PRO B 334 5.18 16.12 -11.11
CA PRO B 334 5.95 14.87 -11.27
C PRO B 334 6.73 14.74 -12.58
N ALA B 335 6.51 15.67 -13.54
CA ALA B 335 7.18 15.68 -14.84
C ALA B 335 8.41 16.57 -14.84
N VAL B 336 8.66 17.30 -13.74
CA VAL B 336 9.76 18.26 -13.66
C VAL B 336 10.89 17.70 -12.78
N LEU B 337 12.15 17.99 -13.18
CA LEU B 337 13.38 17.56 -12.47
C LEU B 337 14.46 18.64 -12.54
N SER B 338 15.42 18.59 -11.63
CA SER B 338 16.53 19.53 -11.65
C SER B 338 17.84 18.82 -11.45
N ALA B 339 18.87 19.31 -12.15
CA ALA B 339 20.22 18.76 -12.05
C ALA B 339 21.24 19.88 -11.97
N ALA B 340 22.16 19.76 -11.01
CA ALA B 340 23.30 20.65 -10.79
C ALA B 340 24.45 20.14 -11.64
N SER B 341 25.23 21.03 -12.23
CA SER B 341 26.33 20.64 -13.12
C SER B 341 27.72 21.10 -12.65
N PHE B 342 28.77 20.50 -13.26
CA PHE B 342 30.19 20.77 -13.03
C PHE B 342 30.51 22.28 -13.24
N ASP B 343 30.03 22.86 -14.36
CA ASP B 343 30.29 24.26 -14.71
C ASP B 343 29.49 25.28 -13.82
N GLY B 344 28.86 24.80 -12.74
CA GLY B 344 28.17 25.66 -11.78
C GLY B 344 26.84 26.21 -12.27
N ARG B 345 25.97 25.34 -12.77
CA ARG B 345 24.63 25.69 -13.23
C ARG B 345 23.61 24.73 -12.65
N ILE B 346 22.38 25.20 -12.47
CA ILE B 346 21.24 24.41 -12.02
C ILE B 346 20.19 24.48 -13.11
N SER B 347 19.97 23.33 -13.76
CA SER B 347 19.04 23.17 -14.85
C SER B 347 17.78 22.44 -14.43
N VAL B 348 16.63 22.95 -14.88
CA VAL B 348 15.30 22.42 -14.65
C VAL B 348 14.80 21.93 -16.01
N TYR B 349 14.37 20.68 -16.08
CA TYR B 349 13.86 20.05 -17.29
C TYR B 349 12.47 19.46 -17.06
N SER B 350 11.78 19.18 -18.15
CA SER B 350 10.51 18.47 -18.15
C SER B 350 10.72 17.23 -19.02
N ILE B 351 10.03 16.10 -18.69
CA ILE B 351 10.15 14.84 -19.45
C ILE B 351 9.12 14.79 -20.60
N MET B 352 7.92 15.43 -20.42
CA MET B 352 6.83 15.46 -21.40
C MET B 352 7.06 16.58 -22.39
N GLN C 17 -19.50 9.86 32.51
CA GLN C 17 -19.06 11.02 31.76
C GLN C 17 -18.01 10.76 30.69
N GLY C 18 -18.34 9.88 29.73
CA GLY C 18 -17.48 9.54 28.60
C GLY C 18 -17.76 10.37 27.36
N MET C 19 -16.78 10.46 26.41
CA MET C 19 -16.94 11.27 25.19
C MET C 19 -16.49 10.55 23.89
N LYS C 20 -16.83 11.15 22.72
CA LYS C 20 -16.50 10.64 21.39
C LYS C 20 -15.07 11.01 21.03
N LEU C 21 -14.30 10.07 20.46
CA LEU C 21 -12.91 10.35 20.10
C LEU C 21 -12.68 10.25 18.60
N LYS C 22 -13.26 9.25 17.96
CA LYS C 22 -13.05 9.08 16.51
C LYS C 22 -14.36 8.76 15.82
N GLU C 23 -14.38 8.85 14.48
CA GLU C 23 -15.54 8.50 13.64
C GLU C 23 -15.07 8.19 12.23
N VAL C 24 -15.48 7.04 11.68
CA VAL C 24 -15.12 6.62 10.32
C VAL C 24 -16.42 6.47 9.50
N ASP C 25 -16.40 6.82 8.21
CA ASP C 25 -17.59 6.71 7.35
C ASP C 25 -17.60 5.34 6.63
N ARG C 26 -18.05 4.30 7.37
CA ARG C 26 -18.18 2.93 6.86
C ARG C 26 -19.45 2.26 7.43
N THR C 27 -20.16 1.53 6.56
CA THR C 27 -21.32 0.71 6.92
C THR C 27 -20.70 -0.69 6.97
N ALA C 28 -20.24 -1.10 8.15
CA ALA C 28 -19.45 -2.32 8.20
C ALA C 28 -19.50 -3.08 9.51
N MET C 29 -19.04 -4.35 9.44
CA MET C 29 -18.80 -5.25 10.56
C MET C 29 -17.40 -4.84 11.06
N GLN C 30 -17.18 -4.83 12.37
CA GLN C 30 -15.94 -4.32 12.94
C GLN C 30 -15.30 -5.28 13.93
N ALA C 31 -13.97 -5.17 14.07
CA ALA C 31 -13.19 -5.95 15.04
C ALA C 31 -11.90 -5.25 15.42
N TRP C 32 -11.69 -5.10 16.71
CA TRP C 32 -10.50 -4.56 17.31
C TRP C 32 -9.43 -5.66 17.25
N SER C 33 -8.15 -5.26 17.14
CA SER C 33 -7.00 -6.14 17.19
C SER C 33 -6.90 -6.74 18.62
N PRO C 34 -6.21 -7.87 18.86
CA PRO C 34 -6.13 -8.43 20.23
C PRO C 34 -5.43 -7.48 21.21
N ALA C 35 -5.64 -7.67 22.52
CA ALA C 35 -5.08 -6.80 23.57
C ALA C 35 -3.55 -6.75 23.59
N GLN C 36 -2.88 -7.83 23.12
CA GLN C 36 -1.41 -7.93 23.11
C GLN C 36 -0.80 -7.12 21.98
N ASN C 37 -1.58 -6.86 20.92
CA ASN C 37 -1.12 -6.16 19.73
C ASN C 37 -0.98 -4.68 19.95
N HIS C 38 0.19 -4.16 19.56
CA HIS C 38 0.53 -2.74 19.57
C HIS C 38 1.00 -2.33 18.16
N PRO C 39 0.42 -1.28 17.54
CA PRO C 39 -0.63 -0.38 18.07
C PRO C 39 -2.05 -0.99 18.07
N ILE C 40 -3.05 -0.18 18.46
CA ILE C 40 -4.43 -0.62 18.42
C ILE C 40 -4.98 -0.34 17.03
N TYR C 41 -5.55 -1.38 16.41
CA TYR C 41 -6.20 -1.36 15.10
C TYR C 41 -7.65 -1.67 15.19
N LEU C 42 -8.42 -1.10 14.28
CA LEU C 42 -9.85 -1.36 14.15
C LEU C 42 -10.09 -1.85 12.72
N ALA C 43 -10.34 -3.15 12.56
CA ALA C 43 -10.65 -3.77 11.27
C ALA C 43 -12.13 -3.65 10.94
N THR C 44 -12.46 -3.22 9.72
CA THR C 44 -13.85 -3.09 9.24
C THR C 44 -14.01 -3.82 7.89
N GLY C 45 -15.19 -4.41 7.69
CA GLY C 45 -15.53 -5.14 6.48
C GLY C 45 -16.95 -4.83 6.10
N THR C 46 -17.18 -4.50 4.82
CA THR C 46 -18.50 -4.15 4.29
C THR C 46 -19.55 -5.12 4.75
N SER C 47 -20.54 -4.58 5.45
CA SER C 47 -21.67 -5.30 5.99
C SER C 47 -22.56 -5.88 4.88
N ALA C 48 -22.93 -7.17 5.02
CA ALA C 48 -23.85 -7.90 4.13
C ALA C 48 -25.32 -7.75 4.61
N GLN C 49 -25.50 -7.37 5.89
CA GLN C 49 -26.79 -7.19 6.58
C GLN C 49 -27.49 -5.87 6.25
N GLN C 50 -26.68 -4.83 5.95
CA GLN C 50 -27.08 -3.46 5.65
C GLN C 50 -26.91 -3.12 4.17
N LEU C 51 -27.58 -2.05 3.78
CA LEU C 51 -27.53 -1.49 2.46
C LEU C 51 -27.18 -0.04 2.68
N ASP C 52 -26.21 0.47 1.90
CA ASP C 52 -25.71 1.85 1.98
C ASP C 52 -26.76 2.81 1.44
N ALA C 53 -26.81 4.03 1.99
CA ALA C 53 -27.72 5.11 1.57
C ALA C 53 -27.61 5.42 0.06
N THR C 54 -26.55 4.95 -0.62
CA THR C 54 -26.33 5.17 -2.04
C THR C 54 -26.35 3.83 -2.84
N PHE C 55 -26.81 2.73 -2.19
CA PHE C 55 -26.88 1.36 -2.72
C PHE C 55 -25.48 0.92 -3.26
N SER C 56 -24.40 1.36 -2.55
CA SER C 56 -22.99 1.12 -2.89
C SER C 56 -22.71 -0.36 -3.19
N THR C 57 -22.08 -0.57 -4.36
CA THR C 57 -21.73 -1.87 -4.91
C THR C 57 -20.44 -2.44 -4.26
N ASN C 58 -19.44 -1.57 -3.98
CA ASN C 58 -18.14 -1.95 -3.44
C ASN C 58 -18.22 -2.70 -2.10
N ALA C 59 -17.31 -3.66 -1.97
CA ALA C 59 -17.07 -4.51 -0.79
C ALA C 59 -15.55 -4.45 -0.53
N SER C 60 -15.16 -4.08 0.70
CA SER C 60 -13.76 -3.96 1.05
C SER C 60 -13.46 -4.29 2.51
N LEU C 61 -12.17 -4.60 2.76
CA LEU C 61 -11.63 -4.80 4.09
C LEU C 61 -10.73 -3.61 4.40
N GLU C 62 -11.09 -2.80 5.41
CA GLU C 62 -10.31 -1.62 5.75
C GLU C 62 -9.89 -1.63 7.20
N ILE C 63 -8.60 -1.46 7.47
CA ILE C 63 -8.02 -1.44 8.81
C ILE C 63 -7.56 -0.03 9.16
N PHE C 64 -8.10 0.53 10.23
CA PHE C 64 -7.74 1.86 10.74
C PHE C 64 -6.87 1.70 11.95
N GLU C 65 -6.10 2.71 12.31
CA GLU C 65 -5.30 2.66 13.52
C GLU C 65 -5.85 3.67 14.53
N LEU C 66 -5.89 3.26 15.81
CA LEU C 66 -6.32 4.10 16.91
C LEU C 66 -5.13 4.87 17.53
N ASP C 67 -5.18 6.21 17.43
CA ASP C 67 -4.17 7.10 17.97
C ASP C 67 -4.85 8.20 18.78
N LEU C 68 -4.78 8.07 20.11
CA LEU C 68 -5.39 8.98 21.07
C LEU C 68 -4.54 10.22 21.32
N SER C 69 -3.28 10.24 20.82
CA SER C 69 -2.36 11.36 20.94
C SER C 69 -2.82 12.54 20.06
N ASP C 70 -3.54 12.22 18.95
CA ASP C 70 -4.09 13.19 17.99
C ASP C 70 -5.52 13.60 18.41
N PRO C 71 -5.82 14.93 18.52
CA PRO C 71 -7.16 15.36 18.96
C PRO C 71 -8.25 15.23 17.89
N SER C 72 -7.86 14.96 16.62
CA SER C 72 -8.78 14.82 15.49
C SER C 72 -9.78 13.68 15.66
N LEU C 73 -10.97 13.82 15.05
CA LEU C 73 -12.03 12.81 15.06
C LEU C 73 -11.80 11.83 13.88
N ASP C 74 -10.70 12.01 13.15
CA ASP C 74 -10.33 11.22 11.99
C ASP C 74 -9.31 10.16 12.34
N MET C 75 -9.57 8.92 11.88
CA MET C 75 -8.67 7.79 12.09
C MET C 75 -7.80 7.61 10.86
N LYS C 76 -6.54 7.20 11.08
CA LYS C 76 -5.62 6.92 10.00
C LYS C 76 -5.95 5.54 9.42
N SER C 77 -6.25 5.50 8.11
CA SER C 77 -6.54 4.30 7.34
C SER C 77 -5.20 3.65 7.00
N CYS C 78 -4.95 2.47 7.57
CA CYS C 78 -3.69 1.77 7.38
C CYS C 78 -3.66 1.00 6.07
N ALA C 79 -4.71 0.20 5.80
CA ALA C 79 -4.81 -0.68 4.64
C ALA C 79 -6.24 -0.86 4.18
N THR C 80 -6.40 -1.07 2.87
CA THR C 80 -7.67 -1.32 2.18
C THR C 80 -7.46 -2.49 1.23
N PHE C 81 -8.37 -3.45 1.26
CA PHE C 81 -8.31 -4.62 0.40
C PHE C 81 -9.66 -4.74 -0.27
N SER C 82 -9.71 -4.61 -1.61
CA SER C 82 -10.96 -4.78 -2.34
C SER C 82 -11.35 -6.26 -2.31
N SER C 83 -12.45 -6.54 -1.62
CA SER C 83 -12.99 -7.87 -1.39
C SER C 83 -14.09 -8.27 -2.40
N SER C 84 -14.29 -9.59 -2.58
CA SER C 84 -15.34 -10.17 -3.42
C SER C 84 -16.49 -10.69 -2.49
N HIS C 85 -16.36 -10.39 -1.19
CA HIS C 85 -17.30 -10.81 -0.17
C HIS C 85 -17.74 -9.66 0.70
N ARG C 86 -19.01 -9.71 1.06
CA ARG C 86 -19.65 -8.85 2.04
C ARG C 86 -19.76 -9.76 3.29
N TYR C 87 -19.79 -9.16 4.49
CA TYR C 87 -19.70 -9.92 5.72
C TYR C 87 -20.88 -9.75 6.66
N HIS C 88 -21.28 -10.88 7.30
CA HIS C 88 -22.31 -10.90 8.32
C HIS C 88 -21.63 -10.84 9.69
N LYS C 89 -20.33 -11.18 9.75
CA LYS C 89 -19.59 -11.19 11.01
C LYS C 89 -18.09 -11.03 10.77
N LEU C 90 -17.41 -10.37 11.69
CA LEU C 90 -15.98 -10.20 11.64
C LEU C 90 -15.40 -10.26 13.04
N ILE C 91 -14.44 -11.18 13.25
CA ILE C 91 -13.76 -11.33 14.53
C ILE C 91 -12.26 -11.35 14.30
N TRP C 92 -11.52 -10.82 15.26
CA TRP C 92 -10.09 -10.80 15.23
C TRP C 92 -9.58 -11.63 16.38
N GLY C 93 -9.02 -12.80 16.02
CA GLY C 93 -8.48 -13.77 16.96
C GLY C 93 -7.03 -13.53 17.30
N PRO C 94 -6.60 -13.83 18.56
CA PRO C 94 -5.20 -13.59 18.96
C PRO C 94 -4.15 -14.52 18.35
N TYR C 95 -4.58 -15.67 17.80
CA TYR C 95 -3.69 -16.70 17.26
C TYR C 95 -3.79 -16.85 15.74
N LYS C 96 -2.61 -17.08 15.11
CA LYS C 96 -2.37 -17.31 13.70
C LYS C 96 -1.32 -18.45 13.63
N MET C 97 -1.54 -19.42 12.73
CA MET C 97 -0.67 -20.59 12.54
C MET C 97 0.80 -20.22 12.22
N ASP C 98 1.06 -19.41 11.16
CA ASP C 98 2.43 -18.97 10.81
C ASP C 98 2.86 -17.79 11.70
N SER C 99 4.09 -17.92 12.25
CA SER C 99 4.77 -16.98 13.13
C SER C 99 5.01 -15.60 12.48
N LYS C 100 5.52 -15.58 11.21
CA LYS C 100 5.88 -14.37 10.44
C LYS C 100 4.82 -13.25 10.56
N GLY C 101 5.29 -12.05 10.90
CA GLY C 101 4.48 -10.86 11.05
C GLY C 101 4.48 -10.26 12.44
N ASP C 102 4.41 -8.93 12.51
CA ASP C 102 4.35 -8.16 13.76
C ASP C 102 2.86 -8.06 14.22
N VAL C 103 1.94 -7.89 13.24
CA VAL C 103 0.52 -7.88 13.52
C VAL C 103 0.08 -9.30 13.85
N SER C 104 -0.29 -9.47 15.12
CA SER C 104 -0.74 -10.71 15.68
C SER C 104 -2.20 -11.03 15.32
N GLY C 105 -2.46 -12.33 15.21
CA GLY C 105 -3.78 -12.91 14.97
C GLY C 105 -4.26 -13.02 13.55
N VAL C 106 -5.51 -13.49 13.42
CA VAL C 106 -6.27 -13.73 12.21
C VAL C 106 -7.62 -13.01 12.27
N LEU C 107 -8.04 -12.50 11.13
CA LEU C 107 -9.36 -11.95 10.96
C LEU C 107 -10.20 -13.06 10.41
N ILE C 108 -11.21 -13.46 11.15
CA ILE C 108 -12.14 -14.52 10.75
C ILE C 108 -13.43 -13.81 10.35
N ALA C 109 -13.84 -14.00 9.11
CA ALA C 109 -15.02 -13.32 8.59
C ALA C 109 -16.04 -14.30 8.09
N GLY C 110 -17.27 -14.11 8.56
CA GLY C 110 -18.42 -14.89 8.14
C GLY C 110 -19.11 -14.15 7.02
N GLY C 111 -19.37 -14.86 5.94
CA GLY C 111 -20.03 -14.31 4.76
C GLY C 111 -21.34 -14.99 4.41
N GLU C 112 -21.77 -14.74 3.18
CA GLU C 112 -23.00 -15.25 2.59
C GLU C 112 -22.73 -16.60 1.92
N ASN C 113 -23.80 -17.39 1.67
CA ASN C 113 -23.77 -18.71 1.01
C ASN C 113 -22.84 -19.75 1.75
N GLY C 114 -22.60 -19.52 3.04
CA GLY C 114 -21.83 -20.42 3.91
C GLY C 114 -20.35 -20.17 3.96
N ASN C 115 -19.88 -19.10 3.30
CA ASN C 115 -18.47 -18.73 3.24
C ASN C 115 -17.91 -18.26 4.59
N ILE C 116 -16.77 -18.84 4.95
CA ILE C 116 -15.93 -18.47 6.08
C ILE C 116 -14.57 -18.20 5.42
N ILE C 117 -13.96 -17.04 5.73
CA ILE C 117 -12.68 -16.61 5.18
C ILE C 117 -11.76 -16.24 6.37
N LEU C 118 -10.46 -16.59 6.26
CA LEU C 118 -9.40 -16.22 7.21
C LEU C 118 -8.47 -15.26 6.49
N TYR C 119 -8.29 -14.06 7.04
CA TYR C 119 -7.40 -13.07 6.46
C TYR C 119 -6.21 -12.89 7.36
N ASP C 120 -5.06 -12.55 6.77
CA ASP C 120 -3.82 -12.33 7.48
C ASP C 120 -3.67 -10.81 7.65
N PRO C 121 -4.04 -10.24 8.84
CA PRO C 121 -3.96 -8.79 9.02
C PRO C 121 -2.56 -8.22 8.84
N SER C 122 -1.53 -9.06 8.99
CA SER C 122 -0.12 -8.69 8.82
C SER C 122 0.16 -8.48 7.31
N LYS C 123 -0.48 -9.29 6.45
CA LYS C 123 -0.37 -9.22 4.98
C LYS C 123 -1.18 -8.02 4.45
N ILE C 124 -2.32 -7.72 5.08
CA ILE C 124 -3.19 -6.62 4.67
C ILE C 124 -2.49 -5.28 4.96
N ILE C 125 -1.97 -5.09 6.18
CA ILE C 125 -1.29 -3.86 6.61
C ILE C 125 -0.06 -3.62 5.71
N ALA C 126 0.67 -4.69 5.33
CA ALA C 126 1.82 -4.62 4.43
C ALA C 126 1.38 -4.28 2.99
N GLY C 127 0.10 -4.49 2.70
CA GLY C 127 -0.50 -4.21 1.40
C GLY C 127 -0.29 -5.26 0.33
N ASP C 128 -0.09 -6.53 0.74
CA ASP C 128 0.16 -7.71 -0.11
C ASP C 128 -1.07 -8.07 -1.00
N LYS C 129 -0.79 -8.64 -2.20
CA LYS C 129 -1.81 -9.03 -3.18
C LYS C 129 -2.76 -10.10 -2.61
N GLU C 130 -2.24 -11.28 -2.23
CA GLU C 130 -3.03 -12.36 -1.64
C GLU C 130 -2.99 -12.25 -0.11
N VAL C 131 -4.16 -12.01 0.53
CA VAL C 131 -4.25 -11.82 1.98
C VAL C 131 -5.01 -12.97 2.69
N VAL C 132 -5.68 -13.84 1.92
CA VAL C 132 -6.47 -14.97 2.41
C VAL C 132 -5.54 -16.11 2.83
N ILE C 133 -5.75 -16.65 4.06
CA ILE C 133 -5.01 -17.79 4.60
C ILE C 133 -5.71 -19.06 4.10
N ALA C 134 -7.03 -19.17 4.35
CA ALA C 134 -7.89 -20.29 3.97
C ALA C 134 -9.32 -19.80 3.84
N GLN C 135 -10.20 -20.59 3.18
CA GLN C 135 -11.61 -20.21 2.96
C GLN C 135 -12.43 -21.44 2.58
N ASN C 136 -13.62 -21.58 3.20
CA ASN C 136 -14.49 -22.71 2.87
C ASN C 136 -15.97 -22.28 2.81
N ASP C 137 -16.88 -23.16 2.29
CA ASP C 137 -18.32 -22.91 2.22
C ASP C 137 -19.14 -24.16 2.65
N LYS C 138 -18.70 -24.82 3.74
CA LYS C 138 -19.38 -25.99 4.33
C LYS C 138 -20.80 -25.64 4.84
N HIS C 139 -20.94 -24.44 5.51
CA HIS C 139 -22.22 -23.92 6.04
C HIS C 139 -23.27 -23.66 4.92
N THR C 140 -24.58 -23.63 5.25
CA THR C 140 -25.62 -23.51 4.22
C THR C 140 -26.49 -22.23 4.28
N GLY C 141 -25.87 -21.09 4.53
CA GLY C 141 -26.53 -19.79 4.56
C GLY C 141 -25.61 -18.72 5.10
N PRO C 142 -26.13 -17.62 5.67
CA PRO C 142 -25.23 -16.58 6.20
C PRO C 142 -24.50 -17.01 7.48
N VAL C 143 -23.14 -16.86 7.52
CA VAL C 143 -22.33 -17.20 8.70
C VAL C 143 -22.31 -15.98 9.61
N ARG C 144 -23.36 -15.84 10.42
CA ARG C 144 -23.50 -14.67 11.27
C ARG C 144 -23.00 -14.89 12.68
N ALA C 145 -22.64 -16.13 13.06
CA ALA C 145 -22.14 -16.49 14.40
C ALA C 145 -20.71 -17.00 14.35
N LEU C 146 -19.81 -16.33 15.08
CA LEU C 146 -18.39 -16.66 15.14
C LEU C 146 -17.83 -16.37 16.51
N ASP C 147 -16.91 -17.23 17.03
CA ASP C 147 -16.23 -16.95 18.30
C ASP C 147 -14.96 -17.78 18.46
N VAL C 148 -13.90 -17.15 19.02
CA VAL C 148 -12.60 -17.76 19.28
C VAL C 148 -12.53 -18.04 20.77
N ASN C 149 -12.10 -19.26 21.13
CA ASN C 149 -11.91 -19.71 22.51
C ASN C 149 -10.73 -18.92 23.09
N ILE C 150 -10.86 -18.43 24.34
CA ILE C 150 -9.74 -17.67 24.97
C ILE C 150 -8.73 -18.61 25.69
N PHE C 151 -8.99 -19.92 25.75
CA PHE C 151 -8.05 -20.85 26.41
C PHE C 151 -7.32 -21.70 25.39
N GLN C 152 -7.97 -22.00 24.27
CA GLN C 152 -7.39 -22.73 23.14
C GLN C 152 -7.65 -21.76 22.03
N THR C 153 -6.73 -20.80 21.84
CA THR C 153 -6.93 -19.67 20.92
C THR C 153 -6.89 -20.14 19.45
N ASN C 154 -6.61 -21.40 19.23
CA ASN C 154 -6.59 -21.99 17.90
C ASN C 154 -7.97 -22.56 17.51
N LEU C 155 -8.97 -22.43 18.42
CA LEU C 155 -10.32 -22.95 18.23
C LEU C 155 -11.35 -21.85 17.99
N VAL C 156 -12.10 -22.02 16.89
CA VAL C 156 -13.16 -21.14 16.42
C VAL C 156 -14.44 -21.93 16.31
N ALA C 157 -15.52 -21.35 16.78
CA ALA C 157 -16.84 -21.96 16.64
C ALA C 157 -17.61 -21.08 15.71
N SER C 158 -18.32 -21.69 14.78
CA SER C 158 -19.14 -20.97 13.82
C SER C 158 -20.53 -21.57 13.79
N GLY C 159 -21.50 -20.78 13.33
CA GLY C 159 -22.89 -21.17 13.21
C GLY C 159 -23.53 -20.50 12.01
N ALA C 160 -24.46 -21.21 11.36
CA ALA C 160 -25.22 -20.71 10.22
C ALA C 160 -26.64 -21.30 10.21
N ASN C 161 -27.15 -21.73 9.05
CA ASN C 161 -28.50 -22.26 8.88
C ASN C 161 -28.64 -23.65 9.41
N GLU C 162 -29.92 -24.07 9.58
CA GLU C 162 -30.42 -25.38 10.03
C GLU C 162 -29.49 -26.09 11.07
N SER C 163 -29.37 -25.44 12.27
CA SER C 163 -28.64 -25.86 13.48
C SER C 163 -27.16 -26.23 13.25
N GLU C 164 -26.55 -25.73 12.16
CA GLU C 164 -25.16 -26.07 11.86
C GLU C 164 -24.20 -25.38 12.81
N ILE C 165 -23.42 -26.17 13.55
CA ILE C 165 -22.38 -25.65 14.44
C ILE C 165 -21.10 -26.40 14.13
N TYR C 166 -20.07 -25.68 13.67
CA TYR C 166 -18.76 -26.26 13.38
C TYR C 166 -17.69 -25.71 14.31
N ILE C 167 -16.73 -26.54 14.66
CA ILE C 167 -15.61 -26.18 15.52
C ILE C 167 -14.35 -26.37 14.67
N TRP C 168 -13.66 -25.26 14.40
CA TRP C 168 -12.48 -25.23 13.57
C TRP C 168 -11.24 -25.12 14.41
N ASP C 169 -10.17 -25.79 13.96
CA ASP C 169 -8.86 -25.74 14.56
C ASP C 169 -7.98 -25.04 13.52
N LEU C 170 -7.57 -23.78 13.81
CA LEU C 170 -6.75 -22.95 12.93
C LEU C 170 -5.40 -23.59 12.59
N ASN C 171 -4.97 -24.59 13.37
CA ASN C 171 -3.74 -25.33 13.12
C ASN C 171 -3.90 -26.28 11.93
N ASN C 172 -5.14 -26.75 11.69
CA ASN C 172 -5.50 -27.66 10.60
C ASN C 172 -6.99 -27.45 10.30
N PHE C 173 -7.27 -26.26 9.74
CA PHE C 173 -8.57 -25.69 9.40
C PHE C 173 -9.35 -26.47 8.30
N ALA C 174 -8.76 -27.53 7.73
CA ALA C 174 -9.33 -28.36 6.66
C ALA C 174 -10.64 -29.07 7.05
N THR C 175 -10.70 -29.72 8.23
CA THR C 175 -11.89 -30.46 8.63
C THR C 175 -12.49 -29.95 9.97
N PRO C 176 -13.78 -29.55 10.01
CA PRO C 176 -14.37 -29.13 11.29
C PRO C 176 -15.00 -30.29 12.07
N MET C 177 -15.14 -30.10 13.39
CA MET C 177 -15.78 -31.03 14.30
C MET C 177 -17.13 -30.42 14.69
N THR C 178 -18.05 -31.20 15.27
CA THR C 178 -19.36 -30.70 15.67
C THR C 178 -19.53 -30.83 17.20
N PRO C 179 -20.27 -29.93 17.90
CA PRO C 179 -20.39 -30.04 19.37
C PRO C 179 -21.28 -31.21 19.82
N GLY C 180 -21.91 -31.85 18.83
CA GLY C 180 -22.84 -32.97 18.94
C GLY C 180 -23.86 -32.90 17.81
N ALA C 181 -24.84 -33.83 17.81
CA ALA C 181 -25.91 -33.91 16.81
C ALA C 181 -26.73 -32.61 16.78
N LYS C 182 -27.06 -32.13 15.55
CA LYS C 182 -27.80 -30.88 15.33
C LYS C 182 -29.13 -30.89 16.07
N THR C 183 -29.37 -29.88 16.92
CA THR C 183 -30.58 -29.78 17.73
C THR C 183 -31.81 -29.56 16.83
N GLN C 184 -32.86 -30.42 17.02
CA GLN C 184 -34.12 -30.39 16.27
C GLN C 184 -35.19 -29.58 17.02
N PRO C 185 -35.97 -28.67 16.36
CA PRO C 185 -36.05 -28.36 14.91
C PRO C 185 -34.81 -27.65 14.35
N PRO C 186 -34.51 -27.82 13.03
CA PRO C 186 -33.31 -27.18 12.48
C PRO C 186 -33.51 -25.68 12.25
N GLU C 187 -33.14 -24.89 13.27
CA GLU C 187 -33.23 -23.42 13.30
C GLU C 187 -31.86 -22.76 13.05
N ASP C 188 -31.87 -21.53 12.50
CA ASP C 188 -30.65 -20.75 12.23
C ASP C 188 -29.90 -20.37 13.52
N ILE C 189 -28.57 -20.43 13.50
CA ILE C 189 -27.74 -20.06 14.66
C ILE C 189 -27.44 -18.59 14.53
N SER C 190 -28.03 -17.80 15.42
CA SER C 190 -27.84 -16.36 15.37
C SER C 190 -26.57 -15.94 16.12
N CYS C 191 -26.27 -16.59 17.27
CA CYS C 191 -25.05 -16.28 18.03
C CYS C 191 -24.37 -17.55 18.49
N ILE C 192 -23.08 -17.48 18.74
CA ILE C 192 -22.24 -18.55 19.28
C ILE C 192 -21.28 -17.83 20.24
N ALA C 193 -21.03 -18.39 21.44
CA ALA C 193 -20.14 -17.78 22.43
C ALA C 193 -19.48 -18.82 23.30
N TRP C 194 -18.13 -18.85 23.33
CA TRP C 194 -17.37 -19.78 24.17
C TRP C 194 -17.44 -19.27 25.61
N ASN C 195 -17.63 -20.19 26.60
CA ASN C 195 -17.64 -19.87 28.03
C ASN C 195 -16.36 -19.13 28.38
N ARG C 196 -16.45 -18.12 29.25
N ARG C 196 -16.46 -18.12 29.26
CA ARG C 196 -15.32 -17.28 29.62
CA ARG C 196 -15.33 -17.28 29.65
C ARG C 196 -14.59 -17.76 30.90
C ARG C 196 -14.54 -17.81 30.86
N GLN C 197 -14.92 -18.98 31.39
CA GLN C 197 -14.27 -19.57 32.57
C GLN C 197 -13.77 -21.00 32.31
N VAL C 198 -14.60 -21.82 31.64
CA VAL C 198 -14.43 -23.25 31.32
C VAL C 198 -14.17 -23.34 29.80
N GLN C 199 -13.03 -23.92 29.37
CA GLN C 199 -12.63 -24.01 27.96
C GLN C 199 -13.54 -24.92 27.08
N HIS C 200 -14.19 -25.93 27.67
CA HIS C 200 -14.99 -26.88 26.88
C HIS C 200 -16.49 -26.54 26.83
N ILE C 201 -16.89 -25.39 27.39
CA ILE C 201 -18.29 -24.95 27.36
C ILE C 201 -18.45 -23.89 26.27
N LEU C 202 -19.50 -24.07 25.46
CA LEU C 202 -19.90 -23.21 24.35
C LEU C 202 -21.42 -23.06 24.42
N ALA C 203 -21.94 -21.89 24.08
CA ALA C 203 -23.38 -21.66 24.02
C ALA C 203 -23.73 -21.09 22.68
N SER C 204 -24.84 -21.55 22.12
CA SER C 204 -25.36 -21.10 20.85
C SER C 204 -26.79 -20.64 21.08
N ALA C 205 -27.26 -19.70 20.28
CA ALA C 205 -28.66 -19.27 20.40
C ALA C 205 -29.30 -19.17 19.01
N SER C 206 -30.60 -19.43 18.94
CA SER C 206 -31.39 -19.35 17.72
C SER C 206 -32.11 -17.97 17.70
N PRO C 207 -32.68 -17.44 16.58
CA PRO C 207 -33.34 -16.12 16.66
C PRO C 207 -34.60 -16.12 17.56
N SER C 208 -35.16 -17.30 17.83
CA SER C 208 -36.32 -17.50 18.71
C SER C 208 -35.96 -17.33 20.21
N GLY C 209 -34.67 -17.26 20.52
CA GLY C 209 -34.19 -17.10 21.88
C GLY C 209 -33.98 -18.38 22.65
N ARG C 210 -34.03 -19.53 21.96
CA ARG C 210 -33.70 -20.83 22.52
C ARG C 210 -32.16 -20.88 22.52
N ALA C 211 -31.56 -21.02 23.71
CA ALA C 211 -30.12 -21.10 23.82
C ALA C 211 -29.78 -22.50 24.24
N THR C 212 -28.78 -23.10 23.57
CA THR C 212 -28.30 -24.45 23.85
C THR C 212 -26.87 -24.35 24.38
N VAL C 213 -26.60 -25.00 25.51
CA VAL C 213 -25.26 -25.00 26.14
C VAL C 213 -24.64 -26.36 25.91
N TRP C 214 -23.44 -26.39 25.30
CA TRP C 214 -22.75 -27.62 24.95
C TRP C 214 -21.47 -27.80 25.75
N ASP C 215 -21.12 -29.06 26.00
CA ASP C 215 -19.88 -29.46 26.66
C ASP C 215 -19.20 -30.35 25.62
N LEU C 216 -18.07 -29.88 25.14
CA LEU C 216 -17.31 -30.52 24.07
C LEU C 216 -16.67 -31.87 24.49
N ARG C 217 -16.49 -32.11 25.81
CA ARG C 217 -15.95 -33.39 26.30
C ARG C 217 -17.03 -34.49 26.24
N LYS C 218 -18.31 -34.09 26.24
CA LYS C 218 -19.49 -34.97 26.25
C LYS C 218 -20.16 -35.14 24.87
N ASN C 219 -19.98 -34.17 23.95
CA ASN C 219 -20.54 -34.17 22.58
C ASN C 219 -22.09 -34.37 22.59
N GLU C 220 -22.76 -33.55 23.42
CA GLU C 220 -24.21 -33.49 23.66
C GLU C 220 -24.54 -32.18 24.40
N PRO C 221 -25.78 -31.62 24.32
CA PRO C 221 -26.08 -30.40 25.07
C PRO C 221 -26.33 -30.68 26.56
N ILE C 222 -25.76 -29.84 27.42
CA ILE C 222 -25.90 -30.00 28.87
C ILE C 222 -27.15 -29.23 29.38
N ILE C 223 -27.70 -28.28 28.61
CA ILE C 223 -28.91 -27.54 28.97
C ILE C 223 -29.41 -26.72 27.76
N LYS C 224 -30.72 -26.54 27.68
CA LYS C 224 -31.44 -25.80 26.65
C LYS C 224 -32.36 -24.86 27.44
N VAL C 225 -32.15 -23.55 27.33
CA VAL C 225 -32.96 -22.57 28.06
C VAL C 225 -33.75 -21.71 27.08
N SER C 226 -34.89 -21.22 27.53
CA SER C 226 -35.82 -20.39 26.77
C SER C 226 -36.71 -19.65 27.75
N ASP C 227 -37.13 -18.43 27.41
CA ASP C 227 -38.05 -17.66 28.24
C ASP C 227 -39.48 -18.16 28.09
N HIS C 228 -39.75 -18.87 26.95
CA HIS C 228 -41.05 -19.44 26.57
C HIS C 228 -42.09 -18.30 26.41
N SER C 229 -41.62 -17.11 25.94
CA SER C 229 -42.42 -15.88 25.77
C SER C 229 -43.20 -15.79 24.44
N ASN C 230 -42.59 -16.30 23.32
CA ASN C 230 -43.09 -16.24 21.93
C ASN C 230 -43.09 -14.75 21.44
N ARG C 231 -42.34 -13.88 22.16
CA ARG C 231 -42.18 -12.45 21.90
C ARG C 231 -40.68 -12.06 22.03
N MET C 232 -39.78 -13.03 21.75
CA MET C 232 -38.33 -12.89 21.83
C MET C 232 -37.68 -13.00 20.45
N HIS C 233 -36.79 -12.04 20.14
CA HIS C 233 -36.01 -12.09 18.90
C HIS C 233 -34.52 -11.86 19.24
N CYS C 234 -33.74 -12.94 19.32
CA CYS C 234 -32.37 -12.88 19.81
C CYS C 234 -31.42 -12.07 18.93
N SER C 235 -30.82 -11.05 19.58
CA SER C 235 -29.88 -10.14 18.96
C SER C 235 -28.46 -10.30 19.52
N GLY C 236 -28.35 -10.94 20.67
CA GLY C 236 -27.06 -11.10 21.32
C GLY C 236 -27.03 -12.15 22.38
N LEU C 237 -25.83 -12.68 22.60
CA LEU C 237 -25.50 -13.70 23.56
C LEU C 237 -24.12 -13.39 24.13
N ALA C 238 -24.01 -13.36 25.47
CA ALA C 238 -22.72 -13.12 26.14
C ALA C 238 -22.67 -13.86 27.46
N TRP C 239 -21.51 -14.46 27.75
CA TRP C 239 -21.21 -15.13 29.00
C TRP C 239 -20.63 -14.13 29.95
N HIS C 240 -20.97 -14.25 31.26
CA HIS C 240 -20.43 -13.40 32.32
C HIS C 240 -18.92 -13.69 32.32
N PRO C 241 -18.05 -12.65 32.36
CA PRO C 241 -16.61 -12.91 32.29
C PRO C 241 -16.03 -13.64 33.52
N ASP C 242 -16.65 -13.47 34.72
CA ASP C 242 -16.18 -14.08 35.98
C ASP C 242 -17.00 -15.27 36.47
N VAL C 243 -18.28 -15.37 36.12
CA VAL C 243 -19.17 -16.46 36.56
C VAL C 243 -19.40 -17.42 35.40
N ALA C 244 -19.00 -18.69 35.60
CA ALA C 244 -19.07 -19.75 34.59
C ALA C 244 -20.48 -20.01 34.09
N THR C 245 -21.46 -20.07 34.99
CA THR C 245 -22.83 -20.44 34.69
C THR C 245 -23.74 -19.23 34.43
N GLN C 246 -23.19 -18.02 34.29
CA GLN C 246 -24.00 -16.85 34.01
C GLN C 246 -23.78 -16.32 32.61
N MET C 247 -24.91 -15.91 32.01
CA MET C 247 -24.99 -15.43 30.64
C MET C 247 -26.26 -14.63 30.39
N VAL C 248 -26.16 -13.69 29.46
CA VAL C 248 -27.28 -12.85 29.07
C VAL C 248 -27.79 -13.19 27.66
N LEU C 249 -29.05 -12.86 27.39
CA LEU C 249 -29.63 -12.98 26.06
C LEU C 249 -30.35 -11.66 25.77
N ALA C 250 -30.04 -11.04 24.62
CA ALA C 250 -30.72 -9.78 24.27
C ALA C 250 -31.83 -10.03 23.25
N SER C 251 -32.89 -9.24 23.34
CA SER C 251 -34.06 -9.30 22.46
C SER C 251 -34.28 -7.99 21.68
N GLU C 252 -34.47 -8.14 20.35
CA GLU C 252 -34.72 -7.10 19.35
C GLU C 252 -36.22 -6.86 19.17
N ASP C 253 -37.07 -7.75 19.71
CA ASP C 253 -38.52 -7.61 19.62
C ASP C 253 -38.99 -6.43 20.47
N ASP C 254 -39.72 -5.49 19.84
CA ASP C 254 -40.22 -4.28 20.50
C ASP C 254 -41.33 -4.55 21.53
N ARG C 255 -41.93 -5.77 21.52
CA ARG C 255 -42.97 -6.18 22.47
C ARG C 255 -42.35 -6.54 23.83
N LEU C 256 -41.15 -7.17 23.80
CA LEU C 256 -40.38 -7.62 24.97
C LEU C 256 -38.93 -7.16 24.73
N PRO C 257 -38.65 -5.85 24.92
CA PRO C 257 -37.32 -5.32 24.63
C PRO C 257 -36.40 -5.38 25.85
N VAL C 258 -35.95 -6.62 26.19
CA VAL C 258 -35.17 -6.94 27.37
C VAL C 258 -33.84 -7.68 27.08
N ILE C 259 -33.00 -7.74 28.13
CA ILE C 259 -31.77 -8.51 28.30
C ILE C 259 -32.07 -9.47 29.48
N GLN C 260 -32.10 -10.78 29.22
CA GLN C 260 -32.38 -11.82 30.23
C GLN C 260 -31.08 -12.31 30.83
N MET C 261 -31.03 -12.39 32.16
CA MET C 261 -29.85 -12.84 32.87
C MET C 261 -30.13 -14.25 33.38
N TRP C 262 -29.37 -15.22 32.87
CA TRP C 262 -29.50 -16.61 33.25
C TRP C 262 -28.34 -17.09 34.09
N ASP C 263 -28.68 -17.81 35.15
CA ASP C 263 -27.77 -18.57 35.98
C ASP C 263 -28.21 -19.99 35.68
N LEU C 264 -27.35 -20.75 35.02
CA LEU C 264 -27.71 -22.06 34.51
C LEU C 264 -27.84 -23.09 35.62
N ARG C 265 -27.51 -22.72 36.86
CA ARG C 265 -27.65 -23.56 38.05
C ARG C 265 -29.10 -23.48 38.55
N PHE C 266 -29.80 -22.38 38.25
CA PHE C 266 -31.18 -22.05 38.64
C PHE C 266 -31.89 -21.61 37.37
N ALA C 267 -32.06 -22.55 36.42
CA ALA C 267 -32.52 -22.30 35.06
C ALA C 267 -34.05 -22.45 34.79
N SER C 268 -34.92 -22.48 35.82
CA SER C 268 -36.38 -22.56 35.62
C SER C 268 -36.95 -21.28 34.97
N SER C 269 -36.28 -20.15 35.20
CA SER C 269 -36.65 -18.85 34.68
C SER C 269 -35.39 -17.99 34.73
N PRO C 270 -35.32 -16.83 34.04
CA PRO C 270 -34.11 -16.01 34.15
C PRO C 270 -34.04 -15.38 35.53
N LEU C 271 -32.82 -15.32 36.08
CA LEU C 271 -32.50 -14.71 37.39
C LEU C 271 -32.98 -13.25 37.47
N ARG C 272 -32.72 -12.45 36.41
CA ARG C 272 -33.23 -11.08 36.33
C ARG C 272 -33.38 -10.67 34.87
N VAL C 273 -34.14 -9.61 34.67
CA VAL C 273 -34.46 -9.07 33.36
C VAL C 273 -34.12 -7.57 33.39
N LEU C 274 -33.22 -7.14 32.49
CA LEU C 274 -32.84 -5.74 32.36
C LEU C 274 -33.80 -5.12 31.33
N GLU C 275 -34.72 -4.25 31.79
CA GLU C 275 -35.74 -3.57 30.94
C GLU C 275 -35.43 -2.06 30.83
N ASN C 276 -34.25 -1.70 30.35
CA ASN C 276 -33.83 -0.30 30.27
C ASN C 276 -34.11 0.35 28.90
N HIS C 277 -34.35 -0.43 27.83
CA HIS C 277 -34.66 0.12 26.52
C HIS C 277 -36.15 0.06 26.24
N ALA C 278 -36.75 1.18 25.76
CA ALA C 278 -38.19 1.26 25.45
C ALA C 278 -38.54 0.42 24.18
N ARG C 279 -37.53 0.19 23.32
CA ARG C 279 -37.64 -0.58 22.08
C ARG C 279 -36.52 -1.64 22.03
N GLY C 280 -36.63 -2.60 21.12
CA GLY C 280 -35.73 -3.75 20.98
C GLY C 280 -34.23 -3.49 21.03
N ILE C 281 -33.50 -4.30 21.83
CA ILE C 281 -32.04 -4.28 21.94
C ILE C 281 -31.44 -4.88 20.65
N LEU C 282 -30.59 -4.11 19.98
CA LEU C 282 -29.94 -4.53 18.74
C LEU C 282 -28.59 -5.22 18.98
N ALA C 283 -27.82 -4.75 19.96
CA ALA C 283 -26.47 -5.29 20.23
C ALA C 283 -26.08 -5.11 21.67
N ILE C 284 -25.12 -5.94 22.12
CA ILE C 284 -24.58 -5.94 23.49
C ILE C 284 -23.07 -6.21 23.48
N ALA C 285 -22.36 -5.63 24.45
CA ALA C 285 -20.94 -5.90 24.68
C ALA C 285 -20.70 -5.87 26.21
N TRP C 286 -20.22 -6.99 26.77
CA TRP C 286 -19.95 -7.15 28.20
C TRP C 286 -18.44 -7.04 28.40
N SER C 287 -17.98 -5.98 29.08
CA SER C 287 -16.57 -5.74 29.33
C SER C 287 -15.96 -6.85 30.19
N MET C 288 -14.83 -7.36 29.74
CA MET C 288 -14.09 -8.43 30.38
C MET C 288 -13.13 -7.90 31.40
N ALA C 289 -12.77 -6.61 31.25
CA ALA C 289 -11.88 -5.89 32.16
C ALA C 289 -12.67 -5.46 33.38
N ASP C 290 -13.92 -5.00 33.14
CA ASP C 290 -14.88 -4.61 34.18
C ASP C 290 -16.21 -5.39 33.96
N PRO C 291 -16.37 -6.58 34.57
CA PRO C 291 -17.60 -7.36 34.37
C PRO C 291 -18.86 -6.68 34.95
N GLU C 292 -18.67 -5.55 35.66
CA GLU C 292 -19.78 -4.77 36.18
C GLU C 292 -20.34 -3.80 35.09
N LEU C 293 -19.77 -3.84 33.85
CA LEU C 293 -20.18 -2.99 32.72
C LEU C 293 -20.74 -3.80 31.53
N LEU C 294 -21.99 -3.50 31.12
CA LEU C 294 -22.68 -4.11 29.99
C LEU C 294 -23.26 -3.03 29.03
N LEU C 295 -22.71 -2.94 27.80
CA LEU C 295 -23.19 -1.99 26.80
C LEU C 295 -24.38 -2.58 26.08
N SER C 296 -25.37 -1.74 25.73
CA SER C 296 -26.55 -2.18 25.01
C SER C 296 -27.08 -1.07 24.11
N CYS C 297 -27.29 -1.37 22.82
CA CYS C 297 -27.86 -0.42 21.84
C CYS C 297 -29.27 -0.84 21.55
N GLY C 298 -30.16 0.12 21.42
CA GLY C 298 -31.56 -0.18 21.13
C GLY C 298 -32.17 0.59 19.96
N LYS C 299 -33.41 0.20 19.61
CA LYS C 299 -34.20 0.86 18.57
C LYS C 299 -34.75 2.22 19.08
N ASP C 300 -34.52 2.56 20.37
CA ASP C 300 -34.89 3.86 20.96
C ASP C 300 -33.72 4.89 20.80
N ALA C 301 -32.69 4.53 19.97
CA ALA C 301 -31.46 5.26 19.62
C ALA C 301 -30.66 5.70 20.86
N LYS C 302 -30.51 4.76 21.81
CA LYS C 302 -29.78 4.91 23.06
C LYS C 302 -28.72 3.85 23.13
N ILE C 303 -27.54 4.20 23.65
CA ILE C 303 -26.45 3.26 23.91
C ILE C 303 -26.34 3.39 25.42
N LEU C 304 -26.68 2.31 26.12
CA LEU C 304 -26.67 2.34 27.57
C LEU C 304 -25.56 1.50 28.16
N CYS C 305 -25.14 1.86 29.36
CA CYS C 305 -24.20 1.09 30.12
C CYS C 305 -24.89 0.71 31.41
N SER C 306 -25.03 -0.62 31.67
CA SER C 306 -25.74 -1.13 32.85
C SER C 306 -24.92 -2.13 33.63
N ASN C 307 -25.21 -2.26 34.93
CA ASN C 307 -24.57 -3.27 35.77
C ASN C 307 -25.47 -4.50 35.60
N PRO C 308 -24.99 -5.59 34.96
CA PRO C 308 -25.88 -6.76 34.75
C PRO C 308 -26.24 -7.47 36.07
N ASN C 309 -25.34 -7.40 37.07
CA ASN C 309 -25.52 -8.02 38.39
C ASN C 309 -26.58 -7.29 39.25
N THR C 310 -26.91 -6.01 38.95
CA THR C 310 -27.93 -5.26 39.70
C THR C 310 -29.09 -4.74 38.81
N GLY C 311 -28.91 -4.78 37.48
CA GLY C 311 -29.88 -4.30 36.49
C GLY C 311 -29.98 -2.79 36.40
N GLU C 312 -29.05 -2.10 37.05
CA GLU C 312 -29.03 -0.65 37.17
C GLU C 312 -28.27 0.03 36.03
N VAL C 313 -28.90 1.11 35.46
CA VAL C 313 -28.30 1.91 34.38
C VAL C 313 -27.31 2.84 35.03
N LEU C 314 -26.08 2.79 34.54
CA LEU C 314 -25.00 3.59 35.06
C LEU C 314 -24.87 4.85 34.23
N TYR C 315 -25.00 4.73 32.89
CA TYR C 315 -24.78 5.83 31.97
C TYR C 315 -25.43 5.61 30.60
N GLU C 316 -25.81 6.70 29.93
CA GLU C 316 -26.29 6.69 28.55
C GLU C 316 -25.27 7.50 27.71
N LEU C 317 -24.65 6.86 26.70
CA LEU C 317 -23.69 7.53 25.81
C LEU C 317 -24.42 8.48 24.86
N PRO C 318 -23.95 9.75 24.73
CA PRO C 318 -24.63 10.71 23.83
C PRO C 318 -24.54 10.30 22.35
N THR C 319 -25.70 10.02 21.75
CA THR C 319 -25.83 9.57 20.36
C THR C 319 -26.92 10.34 19.58
N ASN C 320 -26.93 10.14 18.26
CA ASN C 320 -27.88 10.73 17.32
C ASN C 320 -29.19 9.91 17.36
N THR C 321 -30.09 10.21 16.42
CA THR C 321 -31.36 9.53 16.21
C THR C 321 -31.14 8.19 15.46
N GLN C 322 -29.86 7.81 15.29
CA GLN C 322 -29.43 6.63 14.56
C GLN C 322 -29.16 5.43 15.48
N TRP C 323 -29.50 4.23 14.97
CA TRP C 323 -29.40 2.94 15.63
C TRP C 323 -28.08 2.28 15.32
N CYS C 324 -27.55 1.53 16.31
CA CYS C 324 -26.31 0.77 16.17
C CYS C 324 -26.61 -0.73 16.20
N PHE C 325 -26.08 -1.46 15.20
CA PHE C 325 -26.23 -2.90 15.07
C PHE C 325 -25.05 -3.63 15.73
N ASP C 326 -23.89 -2.94 15.94
CA ASP C 326 -22.71 -3.56 16.57
C ASP C 326 -22.02 -2.61 17.50
N ILE C 327 -21.67 -3.11 18.70
CA ILE C 327 -20.94 -2.40 19.74
C ILE C 327 -19.82 -3.31 20.31
N GLN C 328 -18.61 -2.77 20.46
CA GLN C 328 -17.50 -3.54 20.97
C GLN C 328 -16.59 -2.74 21.87
N TRP C 329 -16.09 -3.39 22.90
CA TRP C 329 -15.12 -2.86 23.85
C TRP C 329 -13.74 -3.08 23.27
N CYS C 330 -12.85 -2.09 23.44
CA CYS C 330 -11.46 -2.18 23.00
C CYS C 330 -10.67 -3.09 23.99
N PRO C 331 -10.13 -4.25 23.52
CA PRO C 331 -9.45 -5.17 24.43
C PRO C 331 -8.21 -4.60 25.08
N ARG C 332 -7.38 -3.83 24.32
CA ARG C 332 -6.15 -3.27 24.84
C ARG C 332 -6.39 -2.04 25.71
N ASN C 333 -7.37 -1.21 25.34
CA ASN C 333 -7.73 -0.04 26.12
C ASN C 333 -9.17 -0.22 26.66
N PRO C 334 -9.34 -0.80 27.87
CA PRO C 334 -10.70 -1.09 28.41
C PRO C 334 -11.70 0.07 28.41
N ALA C 335 -11.25 1.32 28.57
CA ALA C 335 -12.12 2.51 28.59
C ALA C 335 -12.73 2.82 27.22
N VAL C 336 -12.12 2.34 26.13
CA VAL C 336 -12.54 2.64 24.76
C VAL C 336 -13.55 1.58 24.21
N LEU C 337 -14.50 2.02 23.39
CA LEU C 337 -15.53 1.20 22.75
C LEU C 337 -15.84 1.76 21.36
N SER C 338 -16.39 0.95 20.48
CA SER C 338 -16.78 1.38 19.14
C SER C 338 -18.14 0.85 18.80
N ALA C 339 -18.95 1.69 18.13
CA ALA C 339 -20.31 1.38 17.74
C ALA C 339 -20.53 1.65 16.25
N ALA C 340 -21.02 0.64 15.52
CA ALA C 340 -21.31 0.73 14.10
C ALA C 340 -22.80 0.91 13.93
N SER C 341 -23.20 2.02 13.31
CA SER C 341 -24.60 2.37 13.10
C SER C 341 -25.05 2.19 11.66
N PHE C 342 -26.38 2.03 11.47
CA PHE C 342 -27.06 1.85 10.18
C PHE C 342 -26.88 3.06 9.27
N ASP C 343 -26.57 4.26 9.84
CA ASP C 343 -26.35 5.48 9.06
C ASP C 343 -24.90 5.57 8.46
N GLY C 344 -24.21 4.44 8.36
CA GLY C 344 -22.88 4.33 7.77
C GLY C 344 -21.74 5.00 8.48
N ARG C 345 -21.74 4.97 9.81
CA ARG C 345 -20.65 5.53 10.60
C ARG C 345 -20.31 4.63 11.77
N ILE C 346 -19.02 4.38 11.96
CA ILE C 346 -18.45 3.62 13.07
C ILE C 346 -17.83 4.69 13.98
N SER C 347 -18.38 4.87 15.19
CA SER C 347 -17.92 5.87 16.16
C SER C 347 -17.12 5.23 17.30
N VAL C 348 -16.01 5.85 17.67
CA VAL C 348 -15.14 5.38 18.75
C VAL C 348 -15.36 6.32 19.94
N TYR C 349 -15.74 5.77 21.10
CA TYR C 349 -15.98 6.56 22.31
C TYR C 349 -15.09 6.09 23.48
N SER C 350 -15.06 6.87 24.57
CA SER C 350 -14.36 6.59 25.83
C SER C 350 -15.38 6.62 27.01
N ILE C 351 -15.02 6.09 28.21
CA ILE C 351 -15.86 6.11 29.41
C ILE C 351 -15.12 6.70 30.65
N MET C 352 -13.75 6.82 30.58
CA MET C 352 -12.92 7.35 31.66
C MET C 352 -11.56 7.79 31.14
N GLY D 18 -16.03 28.36 5.70
CA GLY D 18 -15.05 28.43 4.63
C GLY D 18 -13.79 27.61 4.90
N MET D 19 -13.65 26.45 4.21
CA MET D 19 -12.50 25.55 4.39
C MET D 19 -12.09 24.85 3.11
N LYS D 20 -10.79 24.86 2.80
CA LYS D 20 -10.25 24.18 1.63
C LYS D 20 -10.21 22.68 1.93
N LEU D 21 -10.65 21.88 0.97
CA LEU D 21 -10.72 20.43 1.13
C LEU D 21 -9.76 19.70 0.21
N LYS D 22 -9.80 20.03 -1.09
CA LYS D 22 -8.97 19.41 -2.11
C LYS D 22 -8.30 20.47 -2.98
N GLU D 23 -7.22 20.06 -3.64
CA GLU D 23 -6.41 20.89 -4.52
C GLU D 23 -5.79 19.98 -5.57
N VAL D 24 -5.87 20.40 -6.82
CA VAL D 24 -5.38 19.69 -7.98
C VAL D 24 -4.56 20.69 -8.85
N ASP D 25 -3.34 20.30 -9.20
CA ASP D 25 -2.42 21.12 -9.96
C ASP D 25 -2.73 21.00 -11.45
N ARG D 26 -3.74 21.75 -11.91
CA ARG D 26 -4.20 21.75 -13.28
C ARG D 26 -4.69 23.15 -13.68
N THR D 27 -4.39 23.57 -14.91
CA THR D 27 -4.89 24.81 -15.48
C THR D 27 -5.92 24.33 -16.52
N ALA D 28 -7.13 24.06 -16.06
CA ALA D 28 -8.11 23.42 -16.90
C ALA D 28 -9.57 23.89 -16.70
N MET D 29 -10.43 23.53 -17.68
CA MET D 29 -11.87 23.73 -17.63
C MET D 29 -12.31 22.59 -16.73
N GLN D 30 -13.39 22.78 -15.98
CA GLN D 30 -13.84 21.75 -15.04
C GLN D 30 -15.34 21.56 -15.03
N ALA D 31 -15.78 20.35 -14.63
CA ALA D 31 -17.20 20.01 -14.51
C ALA D 31 -17.35 18.85 -13.52
N TRP D 32 -18.23 19.07 -12.53
CA TRP D 32 -18.59 18.13 -11.48
C TRP D 32 -19.50 17.06 -12.07
N SER D 33 -19.53 15.84 -11.46
CA SER D 33 -20.41 14.77 -11.92
C SER D 33 -21.85 15.17 -11.62
N PRO D 34 -22.86 14.61 -12.33
CA PRO D 34 -24.25 14.98 -12.04
C PRO D 34 -24.68 14.60 -10.62
N ALA D 35 -25.72 15.29 -10.11
CA ALA D 35 -26.27 15.18 -8.75
C ALA D 35 -26.56 13.74 -8.29
N GLN D 36 -27.21 12.90 -9.13
CA GLN D 36 -27.56 11.51 -8.77
C GLN D 36 -26.37 10.54 -8.72
N ASN D 37 -25.23 10.89 -9.35
CA ASN D 37 -24.06 10.01 -9.43
C ASN D 37 -23.30 9.85 -8.10
N HIS D 38 -22.92 8.63 -7.79
CA HIS D 38 -22.08 8.33 -6.64
C HIS D 38 -20.94 7.39 -7.06
N PRO D 39 -19.65 7.66 -6.75
CA PRO D 39 -19.11 8.79 -5.95
C PRO D 39 -19.12 10.12 -6.70
N ILE D 40 -18.69 11.20 -6.03
CA ILE D 40 -18.59 12.52 -6.63
C ILE D 40 -17.29 12.59 -7.48
N TYR D 41 -17.42 12.97 -8.74
CA TYR D 41 -16.24 13.14 -9.59
C TYR D 41 -16.08 14.58 -10.04
N LEU D 42 -14.84 14.99 -10.31
CA LEU D 42 -14.53 16.28 -10.91
C LEU D 42 -13.73 15.99 -12.17
N ALA D 43 -14.34 16.33 -13.32
CA ALA D 43 -13.69 16.19 -14.62
C ALA D 43 -12.97 17.50 -14.94
N THR D 44 -11.76 17.41 -15.49
CA THR D 44 -10.97 18.56 -15.90
C THR D 44 -10.46 18.35 -17.32
N GLY D 45 -10.26 19.46 -18.05
CA GLY D 45 -9.77 19.46 -19.42
C GLY D 45 -8.94 20.67 -19.75
N THR D 46 -7.68 20.44 -20.20
CA THR D 46 -6.69 21.45 -20.59
C THR D 46 -7.35 22.68 -21.20
N SER D 47 -7.12 23.85 -20.60
CA SER D 47 -7.69 25.12 -21.04
C SER D 47 -7.04 25.64 -22.36
N ALA D 48 -7.84 26.32 -23.21
CA ALA D 48 -7.38 26.94 -24.45
C ALA D 48 -7.20 28.48 -24.21
N GLN D 49 -7.69 28.98 -23.05
CA GLN D 49 -7.65 30.38 -22.61
C GLN D 49 -6.45 30.65 -21.71
N GLN D 50 -5.43 29.77 -21.78
CA GLN D 50 -4.22 29.82 -20.96
C GLN D 50 -3.00 29.32 -21.75
N LEU D 51 -1.78 29.49 -21.20
CA LEU D 51 -0.51 29.06 -21.79
C LEU D 51 0.00 27.78 -21.11
N ALA D 59 -1.83 17.69 -24.29
CA ALA D 59 -3.17 18.07 -23.81
C ALA D 59 -3.92 16.82 -23.32
N SER D 60 -4.89 16.97 -22.36
CA SER D 60 -5.63 15.83 -21.80
C SER D 60 -6.94 16.21 -21.08
N LEU D 61 -7.73 15.17 -20.83
CA LEU D 61 -8.99 15.25 -20.11
C LEU D 61 -8.95 14.21 -18.99
N GLU D 62 -8.89 14.65 -17.73
CA GLU D 62 -8.85 13.74 -16.56
C GLU D 62 -10.09 13.80 -15.67
N ILE D 63 -10.45 12.64 -15.09
CA ILE D 63 -11.55 12.54 -14.12
C ILE D 63 -10.95 12.16 -12.75
N PHE D 64 -11.14 13.04 -11.73
CA PHE D 64 -10.70 12.84 -10.35
C PHE D 64 -11.93 12.49 -9.50
N GLU D 65 -11.74 11.73 -8.42
CA GLU D 65 -12.80 11.36 -7.47
C GLU D 65 -12.67 12.21 -6.21
N LEU D 66 -13.78 12.85 -5.79
CA LEU D 66 -13.83 13.63 -4.56
C LEU D 66 -14.06 12.66 -3.40
N ASP D 67 -13.02 12.48 -2.58
CA ASP D 67 -13.07 11.61 -1.41
C ASP D 67 -12.88 12.46 -0.16
N LEU D 68 -13.99 13.09 0.29
CA LEU D 68 -14.03 13.94 1.47
C LEU D 68 -13.72 13.14 2.74
N SER D 69 -13.70 11.78 2.62
CA SER D 69 -13.34 10.85 3.69
C SER D 69 -11.83 10.92 3.98
N ASP D 70 -11.01 11.27 2.96
CA ASP D 70 -9.56 11.43 3.09
C ASP D 70 -9.26 12.86 3.61
N PRO D 71 -8.35 13.03 4.60
CA PRO D 71 -8.11 14.37 5.17
C PRO D 71 -7.17 15.26 4.35
N SER D 72 -6.34 14.65 3.49
CA SER D 72 -5.38 15.39 2.66
C SER D 72 -6.08 16.19 1.57
N LEU D 73 -5.40 17.23 1.08
CA LEU D 73 -5.84 18.11 0.00
C LEU D 73 -5.66 17.37 -1.33
N ASP D 74 -5.03 16.18 -1.29
CA ASP D 74 -4.78 15.34 -2.45
C ASP D 74 -6.08 14.68 -2.91
N MET D 75 -6.34 14.78 -4.22
CA MET D 75 -7.52 14.22 -4.87
C MET D 75 -7.11 12.95 -5.62
N LYS D 76 -7.90 11.87 -5.49
CA LYS D 76 -7.60 10.59 -6.13
C LYS D 76 -7.88 10.65 -7.63
N SER D 77 -6.80 10.57 -8.46
CA SER D 77 -6.93 10.59 -9.91
C SER D 77 -7.34 9.19 -10.39
N CYS D 78 -8.47 9.10 -11.08
CA CYS D 78 -9.00 7.83 -11.57
C CYS D 78 -8.47 7.52 -12.96
N ALA D 79 -8.74 8.40 -13.93
CA ALA D 79 -8.31 8.19 -15.31
C ALA D 79 -7.89 9.49 -16.00
N THR D 80 -6.97 9.34 -16.95
CA THR D 80 -6.37 10.37 -17.77
C THR D 80 -6.55 9.92 -19.22
N PHE D 81 -7.17 10.78 -20.05
CA PHE D 81 -7.38 10.49 -21.46
C PHE D 81 -6.62 11.49 -22.30
N SER D 82 -5.69 10.98 -23.12
CA SER D 82 -4.87 11.79 -24.01
C SER D 82 -5.72 12.22 -25.20
N SER D 83 -5.98 13.52 -25.29
CA SER D 83 -6.78 14.13 -26.34
C SER D 83 -5.88 14.96 -27.24
N SER D 84 -6.36 15.24 -28.48
CA SER D 84 -5.65 16.08 -29.43
C SER D 84 -6.25 17.50 -29.40
N HIS D 85 -7.16 17.75 -28.42
CA HIS D 85 -7.90 19.00 -28.21
C HIS D 85 -7.66 19.68 -26.86
N ARG D 86 -7.78 21.00 -26.87
CA ARG D 86 -7.73 21.92 -25.73
C ARG D 86 -9.16 22.43 -25.66
N TYR D 87 -9.60 22.85 -24.46
CA TYR D 87 -11.00 23.20 -24.28
C TYR D 87 -11.26 24.60 -23.79
N HIS D 88 -12.34 25.17 -24.32
CA HIS D 88 -12.89 26.48 -24.01
C HIS D 88 -14.07 26.35 -23.04
N LYS D 89 -14.70 25.18 -23.00
CA LYS D 89 -15.86 24.85 -22.17
C LYS D 89 -15.92 23.35 -21.92
N LEU D 90 -16.23 22.96 -20.67
CA LEU D 90 -16.42 21.57 -20.31
C LEU D 90 -17.63 21.48 -19.39
N ILE D 91 -18.71 20.79 -19.81
CA ILE D 91 -19.92 20.56 -18.99
C ILE D 91 -20.13 19.04 -18.88
N TRP D 92 -20.94 18.63 -17.88
CA TRP D 92 -21.26 17.24 -17.59
C TRP D 92 -22.77 17.12 -17.43
N GLY D 93 -23.41 16.68 -18.52
CA GLY D 93 -24.83 16.50 -18.63
C GLY D 93 -25.28 15.27 -17.86
N PRO D 94 -26.47 15.31 -17.21
CA PRO D 94 -26.93 14.14 -16.43
C PRO D 94 -27.51 12.97 -17.26
N TYR D 95 -27.74 13.18 -18.57
CA TYR D 95 -28.33 12.18 -19.48
C TYR D 95 -27.34 11.61 -20.51
N LYS D 96 -27.41 10.30 -20.73
CA LYS D 96 -26.59 9.57 -21.70
C LYS D 96 -27.54 8.72 -22.55
N MET D 97 -27.37 8.73 -23.89
CA MET D 97 -28.24 7.97 -24.80
C MET D 97 -28.12 6.44 -24.56
N ASP D 98 -26.88 5.92 -24.42
CA ASP D 98 -26.60 4.50 -24.22
C ASP D 98 -27.24 3.96 -22.93
N LYS D 100 -24.89 2.88 -20.97
CA LYS D 100 -25.45 2.03 -19.93
C LYS D 100 -24.32 1.44 -19.03
N GLY D 101 -23.47 2.35 -18.54
CA GLY D 101 -22.34 2.09 -17.64
C GLY D 101 -22.66 2.45 -16.20
N ASP D 102 -21.63 2.50 -15.33
CA ASP D 102 -21.82 2.78 -13.90
C ASP D 102 -21.84 4.28 -13.58
N VAL D 103 -21.35 5.12 -14.51
CA VAL D 103 -21.26 6.56 -14.34
C VAL D 103 -22.30 7.26 -15.20
N SER D 104 -23.09 8.14 -14.57
CA SER D 104 -24.16 8.90 -15.18
C SER D 104 -23.67 10.00 -16.15
N GLY D 105 -24.53 10.31 -17.11
CA GLY D 105 -24.36 11.40 -18.07
C GLY D 105 -23.21 11.33 -19.05
N VAL D 106 -23.04 12.45 -19.78
CA VAL D 106 -22.06 12.67 -20.84
C VAL D 106 -21.20 13.91 -20.53
N LEU D 107 -19.91 13.84 -20.84
CA LEU D 107 -19.04 14.99 -20.74
C LEU D 107 -19.06 15.66 -22.11
N ILE D 108 -19.47 16.94 -22.14
CA ILE D 108 -19.58 17.74 -23.36
C ILE D 108 -18.55 18.86 -23.25
N ALA D 109 -17.63 18.85 -24.22
CA ALA D 109 -16.51 19.75 -24.34
C ALA D 109 -16.59 20.60 -25.59
N GLY D 110 -16.37 21.89 -25.40
CA GLY D 110 -16.27 22.89 -26.44
C GLY D 110 -14.80 23.13 -26.64
N GLY D 111 -14.32 22.88 -27.84
CA GLY D 111 -12.92 23.08 -28.19
C GLY D 111 -12.74 24.28 -29.09
N GLU D 112 -11.66 24.26 -29.82
CA GLU D 112 -11.26 25.30 -30.76
C GLU D 112 -11.65 24.81 -32.15
N ASN D 113 -11.81 25.76 -33.10
CA ASN D 113 -12.09 25.54 -34.51
C ASN D 113 -13.45 24.80 -34.73
N GLY D 114 -14.44 25.14 -33.90
CA GLY D 114 -15.81 24.65 -33.94
C GLY D 114 -16.09 23.30 -33.33
N ASN D 115 -15.10 22.70 -32.66
CA ASN D 115 -15.25 21.37 -32.08
C ASN D 115 -16.15 21.30 -30.86
N ILE D 116 -17.07 20.33 -30.92
CA ILE D 116 -17.95 19.87 -29.86
C ILE D 116 -17.65 18.38 -29.82
N ILE D 117 -17.20 17.91 -28.67
CA ILE D 117 -16.85 16.51 -28.48
C ILE D 117 -17.64 15.95 -27.31
N LEU D 118 -18.29 14.82 -27.52
CA LEU D 118 -18.98 14.10 -26.45
C LEU D 118 -18.01 13.00 -25.96
N TYR D 119 -17.92 12.82 -24.65
CA TYR D 119 -17.07 11.81 -24.02
C TYR D 119 -17.92 10.99 -23.09
N ASP D 120 -17.62 9.70 -23.03
CA ASP D 120 -18.26 8.74 -22.17
C ASP D 120 -17.45 8.69 -20.88
N PRO D 121 -17.96 9.25 -19.76
CA PRO D 121 -17.20 9.22 -18.51
C PRO D 121 -17.09 7.81 -17.90
N SER D 122 -18.06 6.91 -18.12
CA SER D 122 -17.95 5.55 -17.54
C SER D 122 -16.85 4.75 -18.26
N LYS D 123 -16.60 5.05 -19.55
CA LYS D 123 -15.57 4.42 -20.37
C LYS D 123 -14.19 4.99 -20.03
N ILE D 124 -14.09 6.31 -19.73
CA ILE D 124 -12.84 6.96 -19.31
C ILE D 124 -12.35 6.28 -18.01
N ILE D 125 -13.23 6.26 -16.98
CA ILE D 125 -13.05 5.66 -15.65
C ILE D 125 -12.64 4.16 -15.76
N ALA D 126 -13.33 3.37 -16.62
CA ALA D 126 -13.06 1.95 -16.84
C ALA D 126 -11.64 1.68 -17.38
N GLY D 127 -11.16 2.57 -18.24
CA GLY D 127 -9.84 2.48 -18.88
C GLY D 127 -9.87 2.25 -20.38
N ASP D 128 -11.08 2.24 -20.98
CA ASP D 128 -11.35 2.04 -22.42
C ASP D 128 -10.54 2.99 -23.34
N LYS D 129 -10.32 2.58 -24.61
CA LYS D 129 -9.56 3.36 -25.60
C LYS D 129 -10.37 4.56 -26.12
N VAL D 131 -12.93 6.73 -26.46
CA VAL D 131 -13.97 7.09 -25.46
C VAL D 131 -14.94 8.20 -26.01
N VAL D 132 -14.70 8.67 -27.27
CA VAL D 132 -15.51 9.67 -27.98
C VAL D 132 -16.81 9.04 -28.52
N ILE D 133 -17.98 9.51 -28.02
CA ILE D 133 -19.30 9.05 -28.45
C ILE D 133 -19.64 9.68 -29.81
N ALA D 134 -19.42 11.01 -29.89
CA ALA D 134 -19.69 11.84 -31.06
C ALA D 134 -18.79 13.09 -31.08
N GLN D 135 -18.56 13.63 -32.29
CA GLN D 135 -17.70 14.79 -32.57
C GLN D 135 -18.19 15.48 -33.83
N ASN D 136 -18.08 16.81 -33.88
CA ASN D 136 -18.43 17.61 -35.06
C ASN D 136 -17.74 18.98 -34.98
N ASP D 137 -17.52 19.62 -36.15
CA ASP D 137 -16.94 20.96 -36.21
C ASP D 137 -17.88 21.89 -37.04
N LYS D 138 -19.23 21.75 -36.80
CA LYS D 138 -20.30 22.56 -37.44
C LYS D 138 -20.05 24.06 -37.20
N HIS D 139 -19.77 24.38 -35.92
CA HIS D 139 -19.48 25.72 -35.42
C HIS D 139 -18.24 26.35 -36.08
N THR D 140 -18.18 27.68 -36.01
CA THR D 140 -17.05 28.46 -36.50
C THR D 140 -16.42 29.06 -35.25
N GLY D 141 -15.11 28.87 -35.10
CA GLY D 141 -14.34 29.41 -33.99
C GLY D 141 -14.55 28.75 -32.65
N PRO D 142 -14.00 29.34 -31.55
CA PRO D 142 -14.09 28.65 -30.24
C PRO D 142 -15.52 28.41 -29.74
N VAL D 143 -15.75 27.21 -29.18
CA VAL D 143 -17.05 26.87 -28.61
C VAL D 143 -16.93 27.12 -27.11
N ARG D 144 -17.27 28.36 -26.73
CA ARG D 144 -17.15 28.95 -25.39
C ARG D 144 -18.44 28.87 -24.59
N ALA D 145 -19.55 28.49 -25.24
CA ALA D 145 -20.84 28.45 -24.55
C ALA D 145 -21.52 27.11 -24.68
N LEU D 146 -21.81 26.47 -23.55
CA LEU D 146 -22.51 25.19 -23.55
C LEU D 146 -23.43 25.14 -22.35
N ASP D 147 -24.63 24.55 -22.52
CA ASP D 147 -25.59 24.37 -21.42
C ASP D 147 -26.53 23.24 -21.76
N VAL D 148 -26.77 22.36 -20.76
CA VAL D 148 -27.70 21.23 -20.85
C VAL D 148 -29.00 21.65 -20.15
N ASN D 149 -30.15 21.41 -20.79
CA ASN D 149 -31.47 21.71 -20.26
C ASN D 149 -31.70 20.77 -19.05
N ILE D 150 -32.21 21.27 -17.93
CA ILE D 150 -32.44 20.45 -16.71
C ILE D 150 -33.77 19.70 -16.78
N PHE D 151 -34.61 19.95 -17.78
CA PHE D 151 -35.90 19.25 -17.88
C PHE D 151 -35.81 18.20 -19.02
N GLN D 152 -35.41 18.62 -20.23
CA GLN D 152 -35.17 17.79 -21.41
C GLN D 152 -33.67 17.70 -21.46
N THR D 153 -33.09 16.86 -20.58
CA THR D 153 -31.65 16.67 -20.34
C THR D 153 -30.91 16.11 -21.57
N ASN D 154 -31.63 15.78 -22.63
CA ASN D 154 -31.04 15.34 -23.89
C ASN D 154 -30.68 16.59 -24.78
N LEU D 155 -31.14 17.79 -24.35
CA LEU D 155 -30.92 19.01 -25.10
C LEU D 155 -29.74 19.81 -24.58
N VAL D 156 -28.81 20.09 -25.51
CA VAL D 156 -27.56 20.82 -25.31
C VAL D 156 -27.54 22.01 -26.23
N ALA D 157 -27.42 23.21 -25.67
CA ALA D 157 -27.31 24.43 -26.46
C ALA D 157 -25.83 24.82 -26.47
N SER D 158 -25.32 25.21 -27.64
CA SER D 158 -23.94 25.65 -27.86
C SER D 158 -23.92 27.00 -28.59
N GLY D 159 -22.80 27.70 -28.47
CA GLY D 159 -22.57 28.99 -29.11
C GLY D 159 -21.12 29.13 -29.48
N ALA D 160 -20.85 29.76 -30.63
CA ALA D 160 -19.49 30.04 -31.07
C ALA D 160 -19.49 31.41 -31.72
N ASN D 161 -18.79 31.60 -32.85
CA ASN D 161 -18.74 32.92 -33.48
C ASN D 161 -19.88 33.16 -34.44
N GLU D 162 -20.13 34.44 -34.76
CA GLU D 162 -21.07 34.96 -35.75
C GLU D 162 -22.55 34.50 -35.52
N SER D 163 -23.10 34.77 -34.30
CA SER D 163 -24.49 34.56 -33.86
C SER D 163 -24.97 33.12 -33.96
N GLU D 164 -24.02 32.16 -34.08
CA GLU D 164 -24.31 30.72 -34.18
C GLU D 164 -24.74 30.13 -32.85
N ILE D 165 -26.00 29.71 -32.78
CA ILE D 165 -26.55 28.98 -31.64
C ILE D 165 -27.11 27.66 -32.18
N TYR D 166 -26.59 26.55 -31.67
CA TYR D 166 -27.08 25.24 -32.07
C TYR D 166 -27.68 24.52 -30.86
N ILE D 167 -28.76 23.79 -31.11
CA ILE D 167 -29.48 22.99 -30.13
C ILE D 167 -29.26 21.56 -30.58
N TRP D 168 -28.49 20.82 -29.80
CA TRP D 168 -28.15 19.43 -30.02
C TRP D 168 -29.05 18.53 -29.19
N ASP D 169 -29.44 17.39 -29.78
CA ASP D 169 -30.24 16.37 -29.11
C ASP D 169 -29.34 15.16 -29.02
N LEU D 170 -28.93 14.78 -27.80
CA LEU D 170 -28.06 13.64 -27.55
C LEU D 170 -28.63 12.32 -28.12
N ASN D 171 -29.97 12.24 -28.32
CA ASN D 171 -30.65 11.07 -28.91
C ASN D 171 -30.58 11.02 -30.44
N ASN D 172 -30.27 12.15 -31.12
CA ASN D 172 -30.13 12.30 -32.58
C ASN D 172 -29.12 13.46 -32.78
N PHE D 173 -27.84 13.22 -32.41
CA PHE D 173 -26.79 14.24 -32.41
C PHE D 173 -26.38 14.76 -33.81
N ALA D 174 -26.42 13.91 -34.86
CA ALA D 174 -26.03 14.23 -36.23
C ALA D 174 -26.39 15.68 -36.69
N THR D 175 -27.69 16.05 -36.78
CA THR D 175 -28.10 17.38 -37.24
C THR D 175 -28.63 18.27 -36.09
N PRO D 176 -28.05 19.47 -35.88
CA PRO D 176 -28.56 20.35 -34.82
C PRO D 176 -29.79 21.16 -35.24
N MET D 177 -30.41 21.86 -34.29
CA MET D 177 -31.52 22.78 -34.52
C MET D 177 -31.01 24.18 -34.13
N THR D 178 -31.74 25.24 -34.50
CA THR D 178 -31.37 26.62 -34.16
C THR D 178 -32.48 27.20 -33.28
N PRO D 179 -32.22 28.20 -32.38
CA PRO D 179 -33.32 28.75 -31.57
C PRO D 179 -34.17 29.75 -32.36
N GLY D 180 -33.78 29.95 -33.62
CA GLY D 180 -34.39 30.87 -34.57
C GLY D 180 -33.33 31.51 -35.45
N ALA D 181 -33.67 32.67 -36.04
CA ALA D 181 -32.79 33.41 -36.95
C ALA D 181 -31.62 34.07 -36.19
N LYS D 182 -30.40 33.89 -36.74
CA LYS D 182 -29.14 34.44 -36.20
C LYS D 182 -29.27 35.95 -36.03
N THR D 183 -28.88 36.44 -34.85
CA THR D 183 -28.89 37.85 -34.47
C THR D 183 -28.04 38.66 -35.49
N GLN D 184 -28.60 39.79 -35.95
CA GLN D 184 -27.94 40.67 -36.89
C GLN D 184 -27.87 42.10 -36.31
N PRO D 185 -26.69 42.75 -36.34
CA PRO D 185 -25.41 42.28 -36.92
C PRO D 185 -24.79 41.13 -36.11
N PRO D 186 -24.02 40.22 -36.77
CA PRO D 186 -23.46 39.05 -36.07
C PRO D 186 -22.50 39.37 -34.90
N GLU D 187 -22.82 38.78 -33.72
CA GLU D 187 -22.03 38.89 -32.49
C GLU D 187 -21.65 37.47 -32.06
N ASP D 188 -20.44 37.27 -31.48
CA ASP D 188 -20.05 35.95 -30.98
C ASP D 188 -20.82 35.72 -29.68
N ILE D 189 -21.18 34.46 -29.42
CA ILE D 189 -21.92 34.02 -28.22
C ILE D 189 -20.88 33.71 -27.13
N SER D 190 -20.78 34.56 -26.08
CA SER D 190 -19.88 34.30 -24.95
C SER D 190 -20.54 33.36 -23.91
N CYS D 191 -21.89 33.42 -23.69
CA CYS D 191 -22.60 32.48 -22.77
C CYS D 191 -23.92 32.07 -23.34
N ILE D 192 -24.40 30.93 -22.88
CA ILE D 192 -25.67 30.31 -23.23
C ILE D 192 -26.26 29.66 -21.94
N ALA D 193 -27.55 29.87 -21.69
CA ALA D 193 -28.17 29.32 -20.47
C ALA D 193 -29.64 29.02 -20.69
N TRP D 194 -30.06 27.81 -20.40
CA TRP D 194 -31.45 27.37 -20.47
C TRP D 194 -32.14 27.87 -19.20
N ASN D 195 -33.42 28.24 -19.32
CA ASN D 195 -34.24 28.70 -18.20
C ASN D 195 -34.39 27.54 -17.20
N ARG D 196 -34.32 27.86 -15.91
CA ARG D 196 -34.39 26.90 -14.79
C ARG D 196 -35.83 26.73 -14.27
N GLN D 197 -36.84 27.20 -15.02
CA GLN D 197 -38.24 27.00 -14.64
C GLN D 197 -39.10 26.55 -15.82
N VAL D 198 -38.77 27.01 -17.05
CA VAL D 198 -39.50 26.77 -18.32
C VAL D 198 -38.53 26.16 -19.37
N GLN D 199 -38.76 24.90 -19.72
CA GLN D 199 -37.91 24.07 -20.57
C GLN D 199 -37.70 24.56 -22.02
N HIS D 200 -38.59 25.42 -22.56
CA HIS D 200 -38.48 25.88 -23.93
C HIS D 200 -37.95 27.30 -24.03
N ILE D 201 -37.43 27.85 -22.91
CA ILE D 201 -36.83 29.19 -22.85
C ILE D 201 -35.29 29.03 -22.70
N LEU D 202 -34.57 29.84 -23.45
CA LEU D 202 -33.12 29.83 -23.46
C LEU D 202 -32.61 31.28 -23.60
N ALA D 203 -31.45 31.59 -22.99
CA ALA D 203 -30.84 32.90 -23.09
C ALA D 203 -29.43 32.80 -23.65
N SER D 204 -29.07 33.75 -24.51
CA SER D 204 -27.73 33.86 -25.10
C SER D 204 -27.19 35.26 -24.84
N ALA D 205 -25.89 35.36 -24.51
CA ALA D 205 -25.25 36.64 -24.24
C ALA D 205 -23.96 36.81 -25.03
N SER D 206 -23.83 37.97 -25.64
CA SER D 206 -22.66 38.38 -26.43
C SER D 206 -21.66 39.07 -25.49
N PRO D 207 -20.35 39.18 -25.86
CA PRO D 207 -19.38 39.86 -24.98
C PRO D 207 -19.74 41.32 -24.58
N SER D 208 -20.61 42.01 -25.32
CA SER D 208 -21.04 43.38 -25.02
C SER D 208 -22.07 43.45 -23.87
N GLY D 209 -22.61 42.31 -23.48
CA GLY D 209 -23.62 42.24 -22.44
C GLY D 209 -25.03 42.39 -22.98
N ARG D 210 -25.21 42.20 -24.31
CA ARG D 210 -26.51 42.20 -24.99
C ARG D 210 -26.98 40.73 -24.89
N ALA D 211 -28.09 40.51 -24.19
CA ALA D 211 -28.63 39.21 -24.02
C ALA D 211 -29.93 39.05 -24.81
N THR D 212 -30.17 37.87 -25.34
CA THR D 212 -31.39 37.58 -26.08
C THR D 212 -32.08 36.38 -25.43
N VAL D 213 -33.42 36.45 -25.30
CA VAL D 213 -34.23 35.34 -24.77
C VAL D 213 -34.99 34.73 -25.94
N TRP D 214 -34.89 33.40 -26.10
CA TRP D 214 -35.51 32.65 -27.20
C TRP D 214 -36.55 31.67 -26.71
N ASP D 215 -37.71 31.65 -27.38
CA ASP D 215 -38.78 30.69 -27.13
C ASP D 215 -38.70 29.67 -28.29
N LEU D 216 -38.31 28.45 -27.96
CA LEU D 216 -38.10 27.36 -28.91
C LEU D 216 -39.43 26.73 -29.42
N ARG D 217 -40.61 27.15 -28.89
CA ARG D 217 -41.91 26.68 -29.40
C ARG D 217 -42.19 27.49 -30.69
N LYS D 218 -41.83 28.80 -30.68
CA LYS D 218 -42.00 29.74 -31.78
C LYS D 218 -40.76 29.73 -32.69
N ASN D 219 -39.58 29.44 -32.09
CA ASN D 219 -38.25 29.43 -32.69
C ASN D 219 -37.96 30.85 -33.20
N GLU D 220 -38.04 31.81 -32.25
CA GLU D 220 -37.87 33.25 -32.46
C GLU D 220 -37.42 33.93 -31.14
N PRO D 221 -36.71 35.10 -31.21
CA PRO D 221 -36.36 35.81 -29.97
C PRO D 221 -37.61 36.49 -29.39
N ILE D 222 -37.81 36.44 -28.07
CA ILE D 222 -39.02 37.04 -27.48
C ILE D 222 -38.71 38.36 -26.75
N ILE D 223 -37.47 38.54 -26.25
CA ILE D 223 -37.01 39.77 -25.58
C ILE D 223 -35.48 39.87 -25.67
N LYS D 224 -34.99 41.13 -25.69
CA LYS D 224 -33.58 41.51 -25.68
C LYS D 224 -33.33 42.54 -24.56
N VAL D 225 -32.23 42.36 -23.81
CA VAL D 225 -31.81 43.22 -22.67
C VAL D 225 -30.32 43.57 -22.78
N SER D 226 -29.94 44.83 -22.41
CA SER D 226 -28.57 45.34 -22.43
C SER D 226 -28.38 46.63 -21.61
N ASP D 227 -27.13 46.92 -21.21
CA ASP D 227 -26.71 48.11 -20.47
C ASP D 227 -26.73 49.34 -21.38
N SER D 229 -24.59 51.86 -22.13
CA SER D 229 -23.38 52.59 -21.71
C SER D 229 -22.06 51.99 -22.33
N ASN D 230 -22.14 50.84 -23.05
CA ASN D 230 -21.05 50.13 -23.76
C ASN D 230 -19.76 49.90 -22.89
N ARG D 231 -19.92 49.65 -21.57
CA ARG D 231 -18.79 49.42 -20.65
C ARG D 231 -18.65 47.94 -20.19
N MET D 232 -19.60 47.08 -20.59
CA MET D 232 -19.63 45.67 -20.22
C MET D 232 -18.81 44.77 -21.14
N HIS D 233 -18.15 43.76 -20.53
CA HIS D 233 -17.51 42.63 -21.15
C HIS D 233 -18.14 41.43 -20.40
N CYS D 234 -19.18 40.79 -20.99
CA CYS D 234 -19.91 39.68 -20.34
C CYS D 234 -18.99 38.50 -20.00
N SER D 235 -19.02 38.10 -18.72
CA SER D 235 -18.25 36.97 -18.19
C SER D 235 -19.16 35.85 -17.65
N GLY D 236 -20.46 36.08 -17.66
CA GLY D 236 -21.39 35.10 -17.13
C GLY D 236 -22.83 35.48 -17.29
N LEU D 237 -23.63 34.45 -17.50
CA LEU D 237 -25.06 34.50 -17.68
C LEU D 237 -25.62 33.37 -16.85
N ALA D 238 -26.60 33.66 -15.98
CA ALA D 238 -27.23 32.64 -15.15
C ALA D 238 -28.67 33.05 -14.81
N TRP D 239 -29.59 32.10 -14.91
CA TRP D 239 -31.00 32.30 -14.58
C TRP D 239 -31.18 31.98 -13.10
N HIS D 240 -32.17 32.64 -12.49
CA HIS D 240 -32.53 32.42 -11.13
C HIS D 240 -33.12 31.00 -11.07
N PRO D 241 -32.59 30.16 -10.17
CA PRO D 241 -33.15 28.80 -10.05
C PRO D 241 -34.65 28.76 -9.65
N ASP D 242 -35.18 29.79 -8.95
CA ASP D 242 -36.58 29.76 -8.49
C ASP D 242 -37.53 30.76 -9.17
N VAL D 243 -37.02 31.84 -9.75
CA VAL D 243 -37.88 32.85 -10.40
C VAL D 243 -37.62 32.75 -11.90
N ALA D 244 -38.66 32.34 -12.66
CA ALA D 244 -38.62 32.11 -14.11
C ALA D 244 -38.19 33.35 -14.95
N THR D 245 -38.46 34.61 -14.47
CA THR D 245 -38.14 35.80 -15.27
C THR D 245 -36.83 36.50 -14.87
N GLN D 246 -36.12 35.99 -13.86
CA GLN D 246 -34.90 36.64 -13.40
C GLN D 246 -33.62 35.96 -13.86
N MET D 247 -32.63 36.76 -14.23
CA MET D 247 -31.31 36.33 -14.69
C MET D 247 -30.28 37.40 -14.43
N VAL D 248 -29.03 36.97 -14.19
CA VAL D 248 -27.92 37.88 -13.93
C VAL D 248 -26.90 37.86 -15.10
N LEU D 249 -26.30 39.01 -15.40
CA LEU D 249 -25.22 39.18 -16.37
C LEU D 249 -24.01 39.75 -15.65
N ALA D 250 -22.86 39.04 -15.68
CA ALA D 250 -21.62 39.48 -14.99
C ALA D 250 -20.67 40.19 -15.95
N SER D 251 -19.97 41.22 -15.47
CA SER D 251 -19.02 41.96 -16.31
C SER D 251 -17.57 41.84 -15.80
N GLU D 252 -16.66 41.48 -16.73
CA GLU D 252 -15.22 41.25 -16.57
C GLU D 252 -14.43 42.55 -16.69
N ASP D 253 -15.00 43.53 -17.40
CA ASP D 253 -14.40 44.85 -17.65
C ASP D 253 -14.30 45.66 -16.35
N ASP D 254 -13.12 46.27 -16.14
CA ASP D 254 -12.83 47.07 -14.94
C ASP D 254 -13.56 48.42 -14.93
N ARG D 255 -14.04 48.91 -16.10
CA ARG D 255 -14.79 50.18 -16.19
C ARG D 255 -16.19 50.04 -15.57
N LEU D 256 -16.79 48.82 -15.64
CA LEU D 256 -18.08 48.43 -15.06
C LEU D 256 -17.92 47.02 -14.39
N PRO D 257 -17.34 46.96 -13.17
CA PRO D 257 -17.12 45.63 -12.53
C PRO D 257 -18.35 45.16 -11.73
N VAL D 258 -19.44 44.85 -12.44
CA VAL D 258 -20.72 44.53 -11.78
C VAL D 258 -21.41 43.27 -12.27
N ILE D 259 -22.43 42.87 -11.49
CA ILE D 259 -23.40 41.85 -11.82
C ILE D 259 -24.75 42.58 -11.94
N GLN D 260 -25.38 42.49 -13.10
CA GLN D 260 -26.67 43.15 -13.31
C GLN D 260 -27.76 42.14 -13.14
N MET D 261 -28.69 42.43 -12.22
CA MET D 261 -29.82 41.57 -11.92
C MET D 261 -30.99 42.01 -12.77
N TRP D 262 -31.35 41.21 -13.77
CA TRP D 262 -32.47 41.52 -14.68
C TRP D 262 -33.72 40.75 -14.34
N ASP D 263 -34.88 41.42 -14.38
CA ASP D 263 -36.19 40.78 -14.26
C ASP D 263 -36.92 41.08 -15.57
N LEU D 264 -37.20 40.04 -16.37
CA LEU D 264 -37.88 40.18 -17.66
C LEU D 264 -39.31 40.75 -17.51
N ARG D 265 -39.81 40.88 -16.25
CA ARG D 265 -41.09 41.55 -15.97
C ARG D 265 -40.97 43.06 -16.24
N PHE D 266 -39.75 43.62 -16.23
CA PHE D 266 -39.44 44.99 -16.62
C PHE D 266 -38.07 44.97 -17.28
N ALA D 267 -38.06 44.60 -18.55
CA ALA D 267 -36.84 44.39 -19.33
C ALA D 267 -36.14 45.70 -19.79
N SER D 268 -36.67 46.88 -19.46
CA SER D 268 -36.05 48.17 -19.89
C SER D 268 -34.75 48.54 -19.12
N SER D 269 -34.67 48.23 -17.82
CA SER D 269 -33.50 48.53 -17.00
C SER D 269 -33.35 47.50 -15.87
N PRO D 270 -32.12 47.18 -15.39
CA PRO D 270 -31.99 46.16 -14.33
C PRO D 270 -32.82 46.41 -13.08
N LEU D 271 -33.13 45.31 -12.38
CA LEU D 271 -33.82 45.30 -11.09
C LEU D 271 -32.85 45.86 -10.03
N ARG D 272 -31.61 45.38 -10.06
CA ARG D 272 -30.55 45.83 -9.18
C ARG D 272 -29.20 45.50 -9.79
N VAL D 273 -28.16 46.18 -9.29
CA VAL D 273 -26.79 46.02 -9.70
C VAL D 273 -25.97 45.64 -8.46
N LEU D 274 -25.18 44.57 -8.57
CA LEU D 274 -24.31 44.08 -7.50
C LEU D 274 -22.86 44.54 -7.79
N GLU D 275 -22.34 45.45 -6.96
CA GLU D 275 -20.99 45.96 -7.13
C GLU D 275 -20.19 45.76 -5.83
N ASN D 276 -19.89 44.49 -5.51
CA ASN D 276 -19.16 44.04 -4.33
C ASN D 276 -17.65 43.83 -4.60
N HIS D 277 -17.24 43.79 -5.88
CA HIS D 277 -15.84 43.64 -6.28
C HIS D 277 -15.29 44.98 -6.73
N ALA D 278 -14.03 45.26 -6.38
CA ALA D 278 -13.30 46.49 -6.72
C ALA D 278 -12.84 46.52 -8.20
N ARG D 279 -12.82 45.33 -8.85
CA ARG D 279 -12.41 45.08 -10.23
C ARG D 279 -13.35 44.02 -10.83
N GLY D 280 -13.26 43.83 -12.15
CA GLY D 280 -14.08 42.89 -12.91
C GLY D 280 -14.29 41.49 -12.37
N ILE D 281 -15.47 40.92 -12.63
CA ILE D 281 -15.91 39.57 -12.25
C ILE D 281 -15.52 38.62 -13.40
N LEU D 282 -14.84 37.51 -13.08
CA LEU D 282 -14.38 36.55 -14.07
C LEU D 282 -15.32 35.39 -14.23
N ALA D 283 -16.04 35.08 -13.14
CA ALA D 283 -16.92 33.93 -13.08
C ALA D 283 -17.94 34.06 -11.97
N ILE D 284 -19.13 33.49 -12.21
CA ILE D 284 -20.21 33.42 -11.26
C ILE D 284 -20.71 31.96 -11.17
N ALA D 285 -21.37 31.60 -10.06
CA ALA D 285 -22.02 30.29 -9.84
C ALA D 285 -23.20 30.52 -8.90
N TRP D 286 -24.43 30.41 -9.44
CA TRP D 286 -25.67 30.57 -8.69
C TRP D 286 -26.10 29.18 -8.16
N SER D 287 -26.17 29.01 -6.82
CA SER D 287 -26.59 27.75 -6.21
C SER D 287 -28.04 27.33 -6.57
N MET D 288 -28.20 26.08 -7.04
CA MET D 288 -29.49 25.44 -7.37
C MET D 288 -30.20 24.98 -6.09
N ALA D 289 -29.40 24.54 -5.09
CA ALA D 289 -29.83 24.05 -3.79
C ALA D 289 -30.39 25.20 -2.95
N ASP D 290 -29.65 26.34 -2.91
CA ASP D 290 -30.06 27.56 -2.22
C ASP D 290 -29.85 28.76 -3.15
N PRO D 291 -30.93 29.24 -3.85
CA PRO D 291 -30.78 30.37 -4.79
C PRO D 291 -30.51 31.73 -4.14
N GLU D 292 -30.24 31.73 -2.82
CA GLU D 292 -29.86 32.91 -2.04
C GLU D 292 -28.35 33.03 -2.05
N LEU D 293 -27.65 32.03 -2.67
CA LEU D 293 -26.20 31.98 -2.71
C LEU D 293 -25.66 32.09 -4.12
N LEU D 294 -25.11 33.27 -4.45
CA LEU D 294 -24.48 33.53 -5.75
C LEU D 294 -22.98 33.74 -5.51
N LEU D 295 -22.17 32.87 -6.08
CA LEU D 295 -20.70 32.96 -6.01
C LEU D 295 -20.16 33.85 -7.10
N SER D 296 -19.15 34.63 -6.80
CA SER D 296 -18.48 35.44 -7.81
C SER D 296 -17.02 35.59 -7.47
N CYS D 297 -16.13 35.52 -8.49
CA CYS D 297 -14.70 35.78 -8.25
C CYS D 297 -14.23 36.88 -9.18
N GLY D 298 -13.39 37.75 -8.61
CA GLY D 298 -12.92 38.92 -9.32
C GLY D 298 -11.42 39.06 -9.45
N LYS D 299 -11.03 40.13 -10.15
CA LYS D 299 -9.64 40.54 -10.39
C LYS D 299 -9.08 41.31 -9.17
N ASP D 300 -9.88 41.36 -8.10
CA ASP D 300 -9.54 41.96 -6.80
C ASP D 300 -8.99 40.82 -5.91
N ALA D 301 -9.05 39.56 -6.45
CA ALA D 301 -8.60 38.27 -5.91
C ALA D 301 -9.51 37.77 -4.75
N LYS D 302 -10.80 38.12 -4.79
CA LYS D 302 -11.76 37.70 -3.78
C LYS D 302 -12.82 36.81 -4.38
N ILE D 303 -13.19 35.78 -3.62
CA ILE D 303 -14.27 34.87 -3.93
C ILE D 303 -15.36 35.24 -2.96
N LEU D 304 -16.43 35.84 -3.50
CA LEU D 304 -17.51 36.33 -2.67
C LEU D 304 -18.78 35.55 -2.87
N CYS D 305 -19.50 35.36 -1.77
CA CYS D 305 -20.83 34.78 -1.79
C CYS D 305 -21.77 35.94 -1.49
N SER D 306 -22.80 36.12 -2.32
CA SER D 306 -23.74 37.23 -2.15
C SER D 306 -25.17 36.76 -2.28
N ASN D 307 -26.10 37.48 -1.62
CA ASN D 307 -27.52 37.19 -1.76
C ASN D 307 -27.93 38.03 -2.96
N PRO D 308 -28.34 37.37 -4.08
CA PRO D 308 -28.70 38.14 -5.29
C PRO D 308 -29.95 38.98 -5.11
N ASN D 309 -30.86 38.55 -4.22
CA ASN D 309 -32.13 39.21 -3.96
C ASN D 309 -31.99 40.47 -3.05
N THR D 310 -30.83 40.69 -2.42
CA THR D 310 -30.62 41.88 -1.59
C THR D 310 -29.32 42.65 -1.95
N GLY D 311 -28.43 42.01 -2.72
CA GLY D 311 -27.14 42.58 -3.12
C GLY D 311 -26.08 42.55 -2.02
N GLU D 312 -26.36 41.83 -0.91
CA GLU D 312 -25.49 41.76 0.27
C GLU D 312 -24.43 40.67 0.16
N VAL D 313 -23.24 40.92 0.73
CA VAL D 313 -22.16 39.94 0.78
C VAL D 313 -22.39 39.14 2.05
N LEU D 314 -22.62 37.82 1.88
CA LEU D 314 -22.83 36.93 3.02
C LEU D 314 -21.49 36.37 3.56
N TYR D 315 -20.59 35.95 2.66
CA TYR D 315 -19.30 35.38 3.04
C TYR D 315 -18.24 35.67 1.98
N GLU D 316 -16.99 35.77 2.42
CA GLU D 316 -15.84 35.95 1.55
C GLU D 316 -14.97 34.71 1.75
N LEU D 317 -14.91 33.83 0.75
CA LEU D 317 -14.08 32.64 0.81
C LEU D 317 -12.59 33.07 0.90
N PRO D 318 -11.85 32.62 1.94
CA PRO D 318 -10.45 33.06 2.08
C PRO D 318 -9.53 32.46 1.01
N THR D 319 -8.85 33.36 0.26
CA THR D 319 -7.94 33.06 -0.86
C THR D 319 -6.64 33.88 -0.84
N ASN D 320 -5.68 33.51 -1.73
CA ASN D 320 -4.42 34.22 -1.97
C ASN D 320 -4.72 35.39 -2.95
N THR D 321 -3.68 35.99 -3.56
CA THR D 321 -3.80 37.12 -4.49
C THR D 321 -4.02 36.65 -5.95
N GLN D 322 -4.32 35.34 -6.17
CA GLN D 322 -4.55 34.80 -7.50
C GLN D 322 -6.03 34.82 -7.92
N TRP D 323 -6.27 35.25 -9.18
CA TRP D 323 -7.59 35.34 -9.83
C TRP D 323 -8.11 33.95 -10.21
N CYS D 324 -9.44 33.76 -10.18
CA CYS D 324 -10.09 32.50 -10.60
C CYS D 324 -11.01 32.76 -11.79
N PHE D 325 -10.88 31.98 -12.86
CA PHE D 325 -11.63 32.15 -14.12
C PHE D 325 -12.90 31.27 -14.25
N ASP D 326 -13.11 30.30 -13.35
CA ASP D 326 -14.26 29.37 -13.39
C ASP D 326 -14.61 28.92 -11.98
N ILE D 327 -15.84 29.18 -11.52
CA ILE D 327 -16.33 28.79 -10.19
C ILE D 327 -17.58 27.91 -10.38
N GLN D 328 -17.72 26.82 -9.58
CA GLN D 328 -18.86 25.88 -9.73
C GLN D 328 -19.28 25.25 -8.43
N TRP D 329 -20.59 25.24 -8.17
CA TRP D 329 -21.17 24.57 -7.01
C TRP D 329 -21.16 23.08 -7.30
N CYS D 330 -20.97 22.26 -6.25
CA CYS D 330 -20.99 20.80 -6.40
C CYS D 330 -22.44 20.37 -6.43
N PRO D 331 -22.90 19.77 -7.54
CA PRO D 331 -24.32 19.37 -7.64
C PRO D 331 -24.84 18.49 -6.49
N ARG D 332 -24.07 17.49 -6.04
CA ARG D 332 -24.46 16.52 -5.01
C ARG D 332 -24.28 17.02 -3.57
N ASN D 333 -23.19 17.75 -3.30
CA ASN D 333 -22.90 18.28 -1.97
C ASN D 333 -23.05 19.79 -2.10
N PRO D 334 -24.23 20.33 -1.72
CA PRO D 334 -24.48 21.78 -1.90
C PRO D 334 -23.53 22.71 -1.13
N ALA D 335 -22.87 22.21 -0.05
CA ALA D 335 -21.93 22.98 0.77
C ALA D 335 -20.54 23.14 0.10
N VAL D 336 -20.30 22.39 -1.00
CA VAL D 336 -19.01 22.28 -1.67
C VAL D 336 -19.04 22.94 -3.04
N LEU D 337 -17.94 23.60 -3.39
CA LEU D 337 -17.74 24.30 -4.66
C LEU D 337 -16.27 24.14 -5.09
N SER D 338 -15.98 24.42 -6.36
CA SER D 338 -14.63 24.40 -6.90
C SER D 338 -14.38 25.63 -7.77
N ALA D 339 -13.17 26.18 -7.63
CA ALA D 339 -12.71 27.35 -8.37
C ALA D 339 -11.34 27.04 -9.00
N ALA D 340 -11.22 27.32 -10.31
CA ALA D 340 -9.99 27.12 -11.09
C ALA D 340 -9.29 28.45 -11.26
N SER D 341 -8.01 28.52 -10.85
CA SER D 341 -7.14 29.70 -10.90
C SER D 341 -6.25 29.72 -12.15
N PHE D 342 -5.70 30.91 -12.46
CA PHE D 342 -4.74 31.07 -13.55
C PHE D 342 -3.35 30.55 -13.15
N ASP D 343 -3.01 30.60 -11.82
CA ASP D 343 -1.73 30.10 -11.26
C ASP D 343 -1.61 28.51 -11.30
N GLY D 344 -2.55 27.85 -11.99
CA GLY D 344 -2.58 26.44 -12.27
C GLY D 344 -3.16 25.51 -11.23
N ARG D 345 -3.99 26.01 -10.30
CA ARG D 345 -4.57 25.11 -9.33
C ARG D 345 -6.09 25.24 -9.26
N ILE D 346 -6.75 24.09 -9.26
CA ILE D 346 -8.18 23.91 -9.10
C ILE D 346 -8.35 23.56 -7.62
N SER D 347 -9.07 24.38 -6.87
CA SER D 347 -9.29 24.16 -5.44
C SER D 347 -10.76 23.83 -5.12
N VAL D 348 -10.96 22.88 -4.21
CA VAL D 348 -12.28 22.43 -3.75
C VAL D 348 -12.46 22.96 -2.33
N TYR D 349 -13.51 23.76 -2.13
CA TYR D 349 -13.82 24.37 -0.83
C TYR D 349 -15.15 23.90 -0.28
N SER D 350 -15.35 24.20 1.01
CA SER D 350 -16.57 23.98 1.77
C SER D 350 -17.01 25.38 2.27
N ILE D 351 -18.32 25.69 2.17
CA ILE D 351 -18.86 26.98 2.62
C ILE D 351 -19.36 26.85 4.09
N MET D 352 -18.74 25.92 4.85
CA MET D 352 -19.00 25.60 6.25
C MET D 352 -17.79 25.98 7.11
#